data_9DXS
#
_entry.id   9DXS
#
_cell.length_a   1.00
_cell.length_b   1.00
_cell.length_c   1.00
_cell.angle_alpha   90.00
_cell.angle_beta   90.00
_cell.angle_gamma   90.00
#
_symmetry.space_group_name_H-M   'P 1'
#
loop_
_entity.id
_entity.type
_entity.pdbx_description
1 polymer 'Glutamate receptor ionotropic, kainate 2'
2 branched 2-acetamido-2-deoxy-beta-D-glucopyranose-(1-4)-2-acetamido-2-deoxy-beta-D-glucopyranose
3 branched beta-D-mannopyranose-(1-3)-beta-D-mannopyranose-(1-4)-2-acetamido-2-deoxy-beta-D-glucopyranose-(1-4)-2-acetamido-2-deoxy-beta-D-glucopyranose
4 non-polymer '4-cyclopropyl-7-fluoro-3,4-dihydro-2H-1,2,4-benzothiadiazine 1,1-dioxide'
5 non-polymer '(2S)-3-(hexadecanoyloxy)-2-[(9Z)-octadec-9-enoyloxy]propyl 2-(trimethylammonio)ethyl phosphate'
6 non-polymer CHOLESTEROL
7 non-polymer 2-acetamido-2-deoxy-beta-D-glucopyranose
8 non-polymer SPERMINE
#
_entity_poly.entity_id   1
_entity_poly.type   'polypeptide(L)'
_entity_poly.pdbx_seq_one_letter_code
;MKIISPVLSNLVFSRSIKVLLCLLWIGYSQGTTHVLRFGGIFEYVESGPMGAEELAFRFAVNTINRNRTLLPNTTLTYDT
QKINLYDSFEASKKACDQLSLGVAAIFGPSHSSSANAVQSICNALGVPHIQTRWKHQVSDNKDSFYVSLYPDFSSLSRAI
LDLVQFFKWKTVTVVYDDSTGLIRLQELIKAPSRYNLRLKIRQLPADTKDAKPLLKEMKRGKEFHVIFDCSHEMAAGILK
QALAMGMMTEYYHYIFTTLDLFALDVEPYRYSGVNMTGFRILNTENTQVSSIIEKWSMERLQAPPKPDSGLLDGFMTTDA
ALMYDAVHVVSVAVQQFPQMTVSSLQCNRHKPWRFGTRFMSLIKEAHWEGLTGRITFNKTNGLRTDFDLDVISLKEEGLE
KIGTWDPASGLNMTESQKGKPANITDSLSNRSLIVTTILEEPYVLFKKSDKPLYGNDRFEGYCIDLLRELSTILGFTYEI
RLVEDGKYGAQDDVNGQWNGMVRELIDHKADLAVAPLAITYVREKVIDFSKPFMTLGISILYRKPNGTNPGVFSFLNPLS
PDIWMYVLLACLGVSCVLFVIARFSPYEWYNPHPCNPDSDVVENNFTLLNSFWFGVGALMQQGSELMPKALSTRIVGGIW
WFFTLIIISSYTANLAAFLTVERMESPIDSADDLAKQTKIEYGAVEDGATMTFFKKSKISTYDKMWAFMSSRRQSVLVKS
NEEGIQRVLTSDYAFLMESTTIEFVTQRNCNLTQIGGLIDSKGYGVGTPMGSPYRDKITIAILQLQEEGKLHMMKEKWWR
GNGCPEEESKEASALGVQNIGGIFIVLAAGLVLSVFVAVGEFLYKSKKNAQLEKRSFCSAMVEELRMSLKCQRRLKHKPQ
APVIVKTEEVINMHTFNDRRLPGKETMA
;
_entity_poly.pdbx_strand_id   A,B,C,D
#
loop_
_chem_comp.id
_chem_comp.type
_chem_comp.name
_chem_comp.formula
2J9 non-polymer '4-cyclopropyl-7-fluoro-3,4-dihydro-2H-1,2,4-benzothiadiazine 1,1-dioxide' 'C10 H11 F N2 O2 S'
BMA D-saccharide, beta linking beta-D-mannopyranose 'C6 H12 O6'
CLR non-polymer CHOLESTEROL 'C27 H46 O'
NAG D-saccharide, beta linking 2-acetamido-2-deoxy-beta-D-glucopyranose 'C8 H15 N O6'
POV non-polymer '(2S)-3-(hexadecanoyloxy)-2-[(9Z)-octadec-9-enoyloxy]propyl 2-(trimethylammonio)ethyl phosphate' 'C42 H82 N O8 P'
SPM non-polymer SPERMINE 'C10 H26 N4'
#
# COMPACT_ATOMS: atom_id res chain seq x y z
N SER A 429 -45.89 -53.65 -17.82
CA SER A 429 -45.22 -53.87 -19.09
C SER A 429 -45.37 -52.65 -19.99
N ASN A 430 -45.04 -51.48 -19.45
CA ASN A 430 -45.13 -50.24 -20.21
C ASN A 430 -43.96 -50.14 -21.19
N ARG A 431 -44.00 -49.08 -22.01
CA ARG A 431 -42.93 -48.86 -22.97
C ARG A 431 -41.65 -48.42 -22.29
N SER A 432 -40.52 -48.88 -22.82
CA SER A 432 -39.24 -48.43 -22.33
C SER A 432 -38.99 -46.98 -22.75
N LEU A 433 -38.23 -46.25 -21.96
CA LEU A 433 -38.04 -44.84 -22.20
C LEU A 433 -36.77 -44.59 -23.01
N ILE A 434 -36.73 -43.45 -23.70
CA ILE A 434 -35.70 -43.13 -24.67
C ILE A 434 -35.13 -41.77 -24.27
N VAL A 435 -33.95 -41.77 -23.69
CA VAL A 435 -33.27 -40.55 -23.25
C VAL A 435 -32.27 -40.12 -24.32
N THR A 436 -32.06 -38.82 -24.46
CA THR A 436 -31.08 -38.29 -25.42
C THR A 436 -30.05 -37.46 -24.70
N THR A 437 -28.78 -37.82 -24.88
CA THR A 437 -27.64 -37.24 -24.19
C THR A 437 -26.66 -36.65 -25.22
N ILE A 438 -25.50 -36.22 -24.74
CA ILE A 438 -24.48 -35.61 -25.59
C ILE A 438 -23.11 -35.84 -24.97
N LEU A 439 -22.12 -36.11 -25.81
CA LEU A 439 -20.83 -36.62 -25.36
C LEU A 439 -19.97 -35.56 -24.69
N GLU A 440 -20.33 -35.14 -23.49
CA GLU A 440 -19.49 -34.25 -22.71
C GLU A 440 -18.68 -35.12 -21.75
N GLU A 441 -17.68 -34.56 -21.08
CA GLU A 441 -16.89 -35.27 -20.09
C GLU A 441 -16.85 -34.41 -18.84
N PRO A 442 -17.06 -34.96 -17.64
CA PRO A 442 -17.31 -36.31 -17.12
C PRO A 442 -18.73 -36.82 -17.27
N TYR A 443 -19.45 -36.28 -18.24
CA TYR A 443 -20.79 -36.74 -18.56
C TYR A 443 -20.68 -37.92 -19.52
N VAL A 444 -21.75 -38.25 -20.25
CA VAL A 444 -21.83 -39.55 -20.94
C VAL A 444 -20.70 -39.73 -21.96
N LEU A 445 -20.26 -40.97 -22.09
CA LEU A 445 -18.89 -41.23 -22.51
C LEU A 445 -18.76 -42.71 -22.78
N PHE A 446 -18.07 -43.06 -23.87
CA PHE A 446 -17.94 -44.45 -24.25
C PHE A 446 -17.04 -45.20 -23.27
N LYS A 447 -17.44 -46.43 -22.94
CA LYS A 447 -16.68 -47.24 -22.00
C LYS A 447 -15.41 -47.72 -22.68
N LYS A 448 -14.26 -47.37 -22.11
CA LYS A 448 -12.97 -47.66 -22.73
C LYS A 448 -12.66 -49.14 -22.65
N SER A 449 -13.03 -49.88 -23.70
CA SER A 449 -12.80 -51.31 -23.73
C SER A 449 -12.82 -51.80 -25.18
N ASP A 450 -12.26 -52.98 -25.38
CA ASP A 450 -12.35 -53.71 -26.63
C ASP A 450 -13.56 -54.65 -26.58
N LYS A 451 -13.62 -55.61 -27.52
CA LYS A 451 -14.73 -56.55 -27.75
C LYS A 451 -16.05 -55.81 -27.93
N PRO A 452 -16.26 -55.14 -29.08
CA PRO A 452 -17.43 -54.26 -29.20
C PRO A 452 -18.72 -55.02 -29.52
N LEU A 453 -19.60 -55.12 -28.52
CA LEU A 453 -21.01 -55.48 -28.72
C LEU A 453 -21.75 -54.97 -27.50
N TYR A 454 -22.52 -53.89 -27.66
CA TYR A 454 -23.11 -53.25 -26.49
C TYR A 454 -24.48 -52.68 -26.84
N GLY A 455 -25.40 -52.74 -25.89
CA GLY A 455 -26.68 -52.06 -26.00
C GLY A 455 -26.63 -50.75 -25.24
N ASN A 456 -27.22 -50.73 -24.05
CA ASN A 456 -27.04 -49.62 -23.13
C ASN A 456 -25.74 -49.72 -22.34
N ASP A 457 -24.89 -50.70 -22.64
CA ASP A 457 -23.63 -50.87 -21.97
C ASP A 457 -22.50 -50.06 -22.61
N ARG A 458 -22.82 -49.25 -23.63
CA ARG A 458 -21.81 -48.38 -24.21
C ARG A 458 -21.36 -47.31 -23.22
N PHE A 459 -22.31 -46.67 -22.57
CA PHE A 459 -22.09 -45.38 -21.98
C PHE A 459 -21.75 -45.52 -20.50
N GLU A 460 -20.87 -44.64 -20.02
CA GLU A 460 -20.30 -44.80 -18.69
C GLU A 460 -19.86 -43.42 -18.23
N GLY A 461 -20.70 -42.78 -17.43
CA GLY A 461 -20.44 -41.41 -17.07
C GLY A 461 -21.16 -41.01 -15.80
N TYR A 462 -21.17 -39.70 -15.55
CA TYR A 462 -21.91 -39.16 -14.41
C TYR A 462 -23.40 -39.39 -14.58
N CYS A 463 -23.94 -39.00 -15.73
CA CYS A 463 -25.37 -39.08 -15.97
C CYS A 463 -25.85 -40.51 -16.12
N ILE A 464 -24.99 -41.43 -16.55
CA ILE A 464 -25.39 -42.83 -16.59
C ILE A 464 -25.45 -43.39 -15.17
N ASP A 465 -24.65 -42.84 -14.26
CA ASP A 465 -24.87 -43.15 -12.86
C ASP A 465 -26.14 -42.48 -12.34
N LEU A 466 -26.52 -41.34 -12.90
CA LEU A 466 -27.73 -40.68 -12.46
C LEU A 466 -28.96 -41.39 -13.02
N LEU A 467 -28.90 -41.80 -14.28
CA LEU A 467 -30.03 -42.49 -14.89
C LEU A 467 -30.23 -43.87 -14.28
N ARG A 468 -29.18 -44.48 -13.74
CA ARG A 468 -29.34 -45.77 -13.08
C ARG A 468 -30.15 -45.62 -11.79
N GLU A 469 -29.79 -44.65 -10.95
CA GLU A 469 -30.45 -44.53 -9.66
C GLU A 469 -31.86 -43.96 -9.76
N LEU A 470 -32.13 -43.14 -10.78
CA LEU A 470 -33.50 -42.72 -11.01
C LEU A 470 -34.36 -43.85 -11.56
N SER A 471 -33.75 -44.80 -12.25
CA SER A 471 -34.52 -45.93 -12.76
C SER A 471 -34.89 -46.90 -11.66
N THR A 472 -34.09 -46.96 -10.59
CA THR A 472 -34.37 -47.91 -9.52
C THR A 472 -35.57 -47.47 -8.69
N ILE A 473 -35.58 -46.21 -8.25
CA ILE A 473 -36.62 -45.77 -7.32
C ILE A 473 -37.90 -45.34 -8.01
N LEU A 474 -37.93 -45.30 -9.35
CA LEU A 474 -39.19 -45.11 -10.06
C LEU A 474 -39.65 -46.34 -10.81
N GLY A 475 -38.74 -47.28 -11.12
CA GLY A 475 -39.12 -48.50 -11.78
C GLY A 475 -39.49 -48.33 -13.24
N PHE A 476 -38.54 -47.85 -14.04
CA PHE A 476 -38.70 -47.83 -15.48
C PHE A 476 -37.45 -48.40 -16.12
N THR A 477 -37.55 -48.70 -17.42
CA THR A 477 -36.45 -49.26 -18.18
C THR A 477 -36.03 -48.25 -19.23
N TYR A 478 -34.85 -47.68 -19.08
CA TYR A 478 -34.37 -46.70 -20.03
C TYR A 478 -33.81 -47.39 -21.28
N GLU A 479 -33.58 -46.57 -22.31
CA GLU A 479 -32.86 -47.01 -23.50
C GLU A 479 -32.14 -45.78 -24.04
N ILE A 480 -30.83 -45.75 -23.87
CA ILE A 480 -30.06 -44.56 -24.21
C ILE A 480 -29.95 -44.46 -25.72
N ARG A 481 -29.94 -43.23 -26.23
CA ARG A 481 -29.86 -43.00 -27.67
C ARG A 481 -29.31 -41.60 -27.86
N LEU A 482 -28.19 -41.47 -28.55
CA LEU A 482 -27.50 -40.19 -28.67
C LEU A 482 -28.27 -39.23 -29.57
N VAL A 483 -28.01 -37.94 -29.38
CA VAL A 483 -28.59 -36.93 -30.25
C VAL A 483 -27.85 -36.96 -31.58
N GLU A 484 -28.58 -36.67 -32.66
CA GLU A 484 -28.01 -36.72 -33.99
C GLU A 484 -27.30 -35.44 -34.38
N ASP A 485 -27.76 -34.29 -33.87
CA ASP A 485 -27.13 -33.03 -34.24
C ASP A 485 -25.79 -32.87 -33.55
N GLY A 486 -25.69 -33.32 -32.31
CA GLY A 486 -24.50 -33.08 -31.53
C GLY A 486 -24.47 -31.73 -30.86
N LYS A 487 -25.61 -31.06 -30.75
CA LYS A 487 -25.70 -29.73 -30.17
C LYS A 487 -26.67 -29.76 -28.99
N TYR A 488 -26.48 -28.84 -28.06
CA TYR A 488 -27.38 -28.72 -26.91
C TYR A 488 -28.77 -28.32 -27.36
N GLY A 489 -28.88 -27.10 -27.89
CA GLY A 489 -30.13 -26.60 -28.39
C GLY A 489 -30.10 -25.10 -28.56
N ALA A 490 -30.65 -24.59 -29.66
CA ALA A 490 -30.65 -23.17 -29.94
C ALA A 490 -31.78 -22.88 -30.92
N GLN A 491 -32.17 -21.62 -30.98
CA GLN A 491 -33.28 -21.19 -31.83
C GLN A 491 -32.72 -20.33 -32.96
N ASP A 492 -32.67 -20.90 -34.15
CA ASP A 492 -32.29 -20.15 -35.36
C ASP A 492 -33.41 -19.15 -35.66
N ASP A 493 -33.12 -17.86 -35.44
CA ASP A 493 -34.14 -16.83 -35.56
C ASP A 493 -34.60 -16.63 -37.00
N VAL A 494 -33.78 -17.02 -37.98
CA VAL A 494 -34.20 -16.99 -39.38
C VAL A 494 -35.29 -18.02 -39.62
N ASN A 495 -35.04 -19.27 -39.23
CA ASN A 495 -36.05 -20.32 -39.40
C ASN A 495 -37.13 -20.25 -38.34
N GLY A 496 -36.80 -19.76 -37.15
CA GLY A 496 -37.76 -19.76 -36.06
C GLY A 496 -38.02 -21.11 -35.47
N GLN A 497 -37.02 -21.99 -35.47
CA GLN A 497 -37.17 -23.36 -34.98
C GLN A 497 -35.94 -23.74 -34.18
N TRP A 498 -35.98 -24.94 -33.60
CA TRP A 498 -34.97 -25.41 -32.66
C TRP A 498 -34.12 -26.51 -33.29
N ASN A 499 -33.04 -26.86 -32.60
CA ASN A 499 -32.15 -27.92 -33.03
C ASN A 499 -31.60 -28.66 -31.82
N GLY A 500 -30.82 -29.70 -32.08
CA GLY A 500 -30.12 -30.40 -31.02
C GLY A 500 -30.98 -31.30 -30.16
N MET A 501 -30.71 -31.32 -28.85
CA MET A 501 -31.50 -32.16 -27.95
C MET A 501 -32.91 -31.62 -27.76
N VAL A 502 -33.08 -30.30 -27.68
CA VAL A 502 -34.38 -29.74 -27.34
C VAL A 502 -35.39 -29.92 -28.46
N ARG A 503 -34.94 -30.13 -29.70
CA ARG A 503 -35.90 -30.44 -30.76
C ARG A 503 -36.43 -31.86 -30.61
N GLU A 504 -35.62 -32.77 -30.06
CA GLU A 504 -36.07 -34.14 -29.86
C GLU A 504 -37.14 -34.23 -28.78
N LEU A 505 -37.17 -33.25 -27.87
CA LEU A 505 -38.20 -33.23 -26.84
C LEU A 505 -39.51 -32.67 -27.40
N ILE A 506 -39.42 -31.68 -28.28
CA ILE A 506 -40.62 -31.03 -28.82
C ILE A 506 -41.40 -32.01 -29.69
N ASP A 507 -40.72 -32.71 -30.58
CA ASP A 507 -41.37 -33.62 -31.51
C ASP A 507 -41.69 -34.98 -30.90
N HIS A 508 -41.50 -35.13 -29.59
CA HIS A 508 -41.78 -36.35 -28.80
C HIS A 508 -41.00 -37.56 -29.30
N LYS A 509 -39.90 -37.35 -29.99
CA LYS A 509 -39.06 -38.46 -30.40
C LYS A 509 -38.30 -39.05 -29.22
N ALA A 510 -38.07 -38.24 -28.20
CA ALA A 510 -37.54 -38.69 -26.92
C ALA A 510 -38.39 -38.07 -25.82
N ASP A 511 -38.14 -38.50 -24.59
CA ASP A 511 -38.91 -37.98 -23.47
C ASP A 511 -38.09 -37.74 -22.21
N LEU A 512 -36.79 -37.93 -22.25
CA LEU A 512 -35.92 -37.49 -21.16
C LEU A 512 -34.73 -36.77 -21.76
N ALA A 513 -34.08 -35.93 -20.97
CA ALA A 513 -32.98 -35.11 -21.46
C ALA A 513 -31.86 -35.06 -20.43
N VAL A 514 -31.46 -36.22 -19.91
CA VAL A 514 -30.46 -36.30 -18.84
C VAL A 514 -29.11 -35.89 -19.40
N ALA A 515 -28.68 -34.68 -19.08
CA ALA A 515 -27.63 -34.03 -19.85
C ALA A 515 -27.08 -32.84 -19.08
N PRO A 516 -26.02 -32.18 -19.56
CA PRO A 516 -25.64 -30.87 -19.00
C PRO A 516 -26.46 -29.72 -19.53
N LEU A 517 -27.64 -30.01 -20.08
CA LEU A 517 -28.54 -29.00 -20.63
C LEU A 517 -29.00 -28.05 -19.54
N ALA A 518 -28.55 -26.80 -19.62
CA ALA A 518 -28.75 -25.84 -18.53
C ALA A 518 -30.20 -25.34 -18.52
N ILE A 519 -30.46 -24.39 -17.63
CA ILE A 519 -31.80 -23.81 -17.48
C ILE A 519 -31.72 -22.35 -17.88
N THR A 520 -32.35 -22.00 -18.99
CA THR A 520 -32.41 -20.63 -19.45
C THR A 520 -33.86 -20.24 -19.71
N TYR A 521 -34.08 -18.93 -19.79
CA TYR A 521 -35.41 -18.38 -19.99
C TYR A 521 -35.98 -18.73 -21.35
N VAL A 522 -35.13 -18.89 -22.35
CA VAL A 522 -35.63 -19.22 -23.68
C VAL A 522 -35.98 -20.70 -23.80
N ARG A 523 -35.39 -21.56 -22.98
CA ARG A 523 -35.70 -22.99 -23.08
C ARG A 523 -36.98 -23.35 -22.34
N GLU A 524 -37.23 -22.71 -21.21
CA GLU A 524 -38.34 -23.10 -20.35
C GLU A 524 -39.69 -22.68 -20.92
N LYS A 525 -39.71 -21.70 -21.84
CA LYS A 525 -40.94 -21.36 -22.55
C LYS A 525 -41.44 -22.54 -23.38
N VAL A 526 -40.54 -23.34 -23.91
CA VAL A 526 -40.90 -24.36 -24.88
C VAL A 526 -41.01 -25.74 -24.23
N ILE A 527 -40.04 -26.10 -23.40
CA ILE A 527 -40.02 -27.41 -22.75
C ILE A 527 -40.06 -27.23 -21.25
N ASP A 528 -40.22 -28.33 -20.54
CA ASP A 528 -40.35 -28.33 -19.09
C ASP A 528 -39.20 -29.09 -18.46
N PHE A 529 -38.75 -28.63 -17.31
CA PHE A 529 -37.60 -29.19 -16.61
C PHE A 529 -38.02 -29.85 -15.31
N SER A 530 -37.04 -30.45 -14.66
CA SER A 530 -37.15 -30.82 -13.26
C SER A 530 -36.38 -29.80 -12.44
N LYS A 531 -36.27 -30.04 -11.13
CA LYS A 531 -35.45 -29.20 -10.29
C LYS A 531 -33.98 -29.45 -10.60
N PRO A 532 -33.10 -28.49 -10.32
CA PRO A 532 -31.69 -28.67 -10.65
C PRO A 532 -31.04 -29.76 -9.81
N PHE A 533 -30.03 -30.39 -10.40
CA PHE A 533 -29.24 -31.38 -9.68
C PHE A 533 -27.78 -31.00 -9.60
N MET A 534 -27.41 -29.80 -10.06
CA MET A 534 -26.05 -29.30 -9.98
C MET A 534 -26.12 -27.79 -10.15
N THR A 535 -25.26 -27.08 -9.44
CA THR A 535 -25.25 -25.63 -9.49
C THR A 535 -24.04 -25.15 -10.26
N LEU A 536 -24.28 -24.47 -11.37
CA LEU A 536 -23.21 -23.89 -12.17
C LEU A 536 -22.72 -22.59 -11.56
N GLY A 537 -21.96 -21.85 -12.37
CA GLY A 537 -21.46 -20.55 -12.01
C GLY A 537 -20.39 -20.15 -13.01
N ILE A 538 -20.26 -18.87 -13.30
CA ILE A 538 -19.17 -18.41 -14.14
C ILE A 538 -17.99 -18.07 -13.25
N SER A 539 -16.82 -18.59 -13.57
CA SER A 539 -15.64 -18.31 -12.78
C SER A 539 -14.43 -18.24 -13.71
N ILE A 540 -13.34 -17.71 -13.17
CA ILE A 540 -12.15 -17.40 -13.96
C ILE A 540 -11.17 -18.54 -13.79
N LEU A 541 -10.63 -19.03 -14.91
CA LEU A 541 -9.56 -20.01 -14.91
C LEU A 541 -8.25 -19.32 -15.29
N TYR A 542 -7.18 -19.69 -14.61
CA TYR A 542 -5.90 -19.01 -14.76
C TYR A 542 -4.78 -19.90 -14.24
N ARG A 543 -3.58 -19.68 -14.76
CA ARG A 543 -2.41 -20.43 -14.33
C ARG A 543 -2.06 -20.12 -12.89
N LYS A 544 -1.61 -21.12 -12.15
CA LYS A 544 -1.11 -20.89 -10.80
C LYS A 544 0.12 -19.99 -10.83
N PRO A 545 0.37 -19.24 -9.76
CA PRO A 545 1.69 -18.59 -9.63
C PRO A 545 2.77 -19.64 -9.51
N ASN A 546 3.64 -19.67 -10.52
CA ASN A 546 4.64 -20.72 -10.69
C ASN A 546 5.64 -20.70 -9.54
N GLY A 547 6.13 -19.54 -9.17
CA GLY A 547 6.93 -19.44 -7.96
C GLY A 547 7.68 -18.14 -7.86
N THR A 548 8.78 -18.18 -7.13
CA THR A 548 9.64 -17.03 -6.97
C THR A 548 10.96 -17.21 -7.70
N ASN A 549 11.67 -18.30 -7.39
CA ASN A 549 13.05 -18.60 -7.78
C ASN A 549 13.92 -17.38 -7.55
N PRO A 550 14.26 -17.04 -6.30
CA PRO A 550 15.09 -15.85 -6.08
C PRO A 550 16.51 -16.06 -6.54
N GLY A 551 16.99 -17.30 -6.54
CA GLY A 551 18.40 -17.59 -6.73
C GLY A 551 19.11 -17.39 -5.40
N VAL A 552 19.95 -18.33 -4.99
CA VAL A 552 20.42 -18.20 -3.62
C VAL A 552 21.68 -17.34 -3.64
N PHE A 553 21.48 -16.05 -3.95
CA PHE A 553 22.37 -14.94 -3.63
C PHE A 553 21.56 -13.67 -3.41
N SER A 554 20.32 -13.80 -2.92
CA SER A 554 19.36 -12.71 -2.99
C SER A 554 19.68 -11.56 -2.06
N PHE A 555 20.60 -11.74 -1.11
CA PHE A 555 21.08 -10.65 -0.28
C PHE A 555 21.82 -9.60 -1.08
N LEU A 556 22.38 -9.98 -2.22
CA LEU A 556 23.19 -9.11 -3.05
C LEU A 556 22.35 -8.20 -3.93
N ASN A 557 21.02 -8.31 -3.85
CA ASN A 557 20.15 -7.50 -4.70
C ASN A 557 20.15 -5.99 -4.41
N PRO A 558 19.94 -5.49 -3.17
CA PRO A 558 19.58 -4.07 -3.03
C PRO A 558 20.68 -3.06 -3.37
N LEU A 559 21.84 -3.48 -3.82
CA LEU A 559 22.78 -2.57 -4.45
C LEU A 559 23.10 -3.09 -5.84
N SER A 560 23.41 -2.18 -6.74
CA SER A 560 23.73 -2.52 -8.11
C SER A 560 25.04 -3.29 -8.17
N PRO A 561 25.26 -4.08 -9.23
CA PRO A 561 26.59 -4.70 -9.42
C PRO A 561 27.69 -3.70 -9.74
N ASP A 562 27.37 -2.44 -10.05
CA ASP A 562 28.40 -1.43 -10.11
C ASP A 562 28.83 -1.00 -8.72
N ILE A 563 27.90 -0.97 -7.76
CA ILE A 563 28.21 -0.48 -6.43
C ILE A 563 29.06 -1.50 -5.67
N TRP A 564 28.75 -2.79 -5.80
CA TRP A 564 29.55 -3.82 -5.15
C TRP A 564 30.95 -3.92 -5.71
N MET A 565 31.17 -3.45 -6.94
CA MET A 565 32.53 -3.36 -7.45
C MET A 565 33.21 -2.10 -6.96
N TYR A 566 32.46 -1.02 -6.79
CA TYR A 566 33.09 0.25 -6.45
C TYR A 566 33.43 0.35 -4.97
N VAL A 567 32.63 -0.28 -4.10
CA VAL A 567 32.94 -0.33 -2.68
C VAL A 567 34.22 -1.13 -2.46
N LEU A 568 34.34 -2.27 -3.12
CA LEU A 568 35.57 -3.06 -3.01
C LEU A 568 36.75 -2.35 -3.65
N LEU A 569 36.51 -1.50 -4.64
CA LEU A 569 37.59 -0.69 -5.17
C LEU A 569 37.95 0.44 -4.23
N ALA A 570 36.98 0.93 -3.47
CA ALA A 570 37.25 2.02 -2.55
C ALA A 570 38.04 1.55 -1.35
N CYS A 571 37.73 0.36 -0.83
CA CYS A 571 38.43 -0.16 0.33
C CYS A 571 39.86 -0.54 0.00
N LEU A 572 40.13 -0.96 -1.23
CA LEU A 572 41.52 -1.10 -1.65
C LEU A 572 42.15 0.24 -1.97
N GLY A 573 41.34 1.25 -2.25
CA GLY A 573 41.88 2.55 -2.57
C GLY A 573 42.26 3.34 -1.34
N VAL A 574 41.36 3.37 -0.35
CA VAL A 574 41.59 4.15 0.86
C VAL A 574 42.69 3.52 1.71
N SER A 575 42.79 2.19 1.69
CA SER A 575 43.89 1.52 2.39
C SER A 575 45.24 1.86 1.79
N CYS A 576 45.32 1.93 0.46
CA CYS A 576 46.59 2.31 -0.16
C CYS A 576 46.91 3.78 0.03
N VAL A 577 45.91 4.62 0.29
CA VAL A 577 46.19 6.01 0.60
C VAL A 577 46.65 6.15 2.05
N LEU A 578 46.01 5.43 2.97
CA LEU A 578 46.33 5.55 4.39
C LEU A 578 47.72 5.02 4.69
N PHE A 579 48.20 4.06 3.91
CA PHE A 579 49.58 3.61 4.06
C PHE A 579 50.58 4.67 3.64
N VAL A 580 50.23 5.47 2.63
CA VAL A 580 51.16 6.48 2.14
C VAL A 580 51.22 7.67 3.09
N ILE A 581 50.06 8.09 3.61
CA ILE A 581 49.99 9.22 4.53
C ILE A 581 50.71 8.88 5.83
N ALA A 582 50.58 7.64 6.30
CA ALA A 582 51.22 7.25 7.54
C ALA A 582 52.73 7.07 7.41
N ARG A 583 53.26 7.03 6.19
CA ARG A 583 54.71 7.10 6.04
C ARG A 583 55.19 8.52 6.24
N PHE A 584 54.56 9.49 5.57
CA PHE A 584 55.11 10.83 5.51
C PHE A 584 54.85 11.63 6.77
N SER A 585 53.76 11.37 7.46
CA SER A 585 53.36 12.21 8.59
C SER A 585 54.27 11.99 9.78
N PRO A 586 55.02 13.01 10.22
CA PRO A 586 55.97 12.80 11.31
C PRO A 586 55.33 12.63 12.67
N TYR A 587 54.09 13.08 12.86
CA TYR A 587 53.40 12.84 14.11
C TYR A 587 52.91 11.41 14.25
N GLU A 588 52.98 10.61 13.19
CA GLU A 588 52.56 9.22 13.31
C GLU A 588 53.61 8.37 14.00
N TRP A 589 54.89 8.68 13.79
CA TRP A 589 55.98 7.87 14.33
C TRP A 589 56.13 8.07 15.84
N TYR A 590 55.19 7.54 16.62
CA TYR A 590 55.27 7.73 18.06
C TYR A 590 56.20 6.69 18.67
N ASN A 591 56.27 6.69 19.99
CA ASN A 591 57.19 5.78 20.66
C ASN A 591 56.49 4.49 21.03
N PRO A 592 57.04 3.35 20.64
CA PRO A 592 56.57 2.07 21.17
C PRO A 592 57.16 1.88 22.56
N HIS A 593 56.87 0.72 23.14
CA HIS A 593 57.00 0.42 24.56
C HIS A 593 56.38 1.56 25.35
N PRO A 594 55.06 1.79 25.26
CA PRO A 594 54.48 2.97 25.91
C PRO A 594 54.45 2.87 27.42
N CYS A 595 54.55 1.65 27.95
CA CYS A 595 54.61 1.43 29.38
C CYS A 595 56.04 1.49 29.91
N ASN A 596 57.03 1.46 29.02
CA ASN A 596 58.44 1.64 29.37
C ASN A 596 58.90 2.98 28.82
N PRO A 597 58.86 4.05 29.61
CA PRO A 597 59.26 5.36 29.10
C PRO A 597 60.78 5.50 29.00
N ASP A 598 61.18 6.60 28.36
CA ASP A 598 62.57 7.08 28.29
C ASP A 598 63.50 6.06 27.63
N SER A 599 63.18 5.75 26.38
CA SER A 599 64.05 4.99 25.49
C SER A 599 64.13 5.76 24.17
N ASP A 600 64.86 5.21 23.20
CA ASP A 600 65.00 5.86 21.90
C ASP A 600 64.66 4.84 20.81
N VAL A 601 63.37 4.67 20.56
CA VAL A 601 62.83 3.88 19.45
C VAL A 601 61.55 4.55 19.00
N VAL A 602 61.30 4.53 17.70
CA VAL A 602 60.02 4.97 17.15
C VAL A 602 59.51 3.92 16.19
N GLU A 603 58.20 3.79 16.12
CA GLU A 603 57.57 2.72 15.35
C GLU A 603 56.13 3.10 15.08
N ASN A 604 55.78 3.25 13.80
CA ASN A 604 54.37 3.37 13.46
C ASN A 604 53.78 2.02 13.09
N ASN A 605 52.53 1.83 13.45
CA ASN A 605 51.90 0.53 13.29
C ASN A 605 51.26 0.34 11.95
N PHE A 606 51.02 1.41 11.21
CA PHE A 606 50.37 1.31 9.90
C PHE A 606 51.37 0.79 8.89
N THR A 607 51.48 -0.53 8.82
CA THR A 607 52.17 -1.18 7.73
C THR A 607 51.18 -1.37 6.59
N LEU A 608 51.57 -2.13 5.57
CA LEU A 608 50.63 -2.38 4.48
C LEU A 608 49.55 -3.35 4.90
N LEU A 609 49.89 -4.31 5.75
CA LEU A 609 48.91 -5.31 6.16
C LEU A 609 47.88 -4.71 7.12
N ASN A 610 48.33 -3.89 8.07
CA ASN A 610 47.40 -3.29 9.02
C ASN A 610 46.51 -2.24 8.39
N SER A 611 46.95 -1.62 7.29
CA SER A 611 46.16 -0.56 6.68
C SER A 611 44.93 -1.11 5.97
N PHE A 612 45.05 -2.31 5.38
CA PHE A 612 43.85 -2.99 4.90
C PHE A 612 42.95 -3.40 6.06
N TRP A 613 43.54 -3.78 7.17
CA TRP A 613 42.77 -4.23 8.30
C TRP A 613 42.05 -3.08 9.00
N PHE A 614 42.52 -1.85 8.83
CA PHE A 614 41.73 -0.73 9.29
C PHE A 614 40.56 -0.47 8.36
N GLY A 615 40.77 -0.66 7.06
CA GLY A 615 39.70 -0.41 6.12
C GLY A 615 38.59 -1.44 6.21
N VAL A 616 38.97 -2.72 6.26
CA VAL A 616 37.99 -3.79 6.42
C VAL A 616 37.39 -3.73 7.82
N GLY A 617 38.18 -3.34 8.80
CA GLY A 617 37.68 -3.24 10.16
C GLY A 617 36.68 -2.12 10.34
N ALA A 618 36.81 -1.05 9.57
CA ALA A 618 35.84 0.02 9.64
C ALA A 618 34.68 -0.21 8.69
N LEU A 619 34.85 -1.07 7.70
CA LEU A 619 33.79 -1.28 6.72
C LEU A 619 32.66 -2.10 7.30
N MET A 620 32.98 -3.08 8.15
CA MET A 620 31.95 -3.93 8.74
C MET A 620 31.56 -3.50 10.15
N GLN A 621 31.72 -2.21 10.46
CA GLN A 621 31.26 -1.56 11.70
C GLN A 621 31.87 -2.09 12.99
N GLN A 622 32.88 -2.96 12.90
CA GLN A 622 33.37 -3.60 14.11
C GLN A 622 34.48 -2.82 14.78
N GLY A 623 35.08 -1.87 14.08
CA GLY A 623 36.21 -1.14 14.64
C GLY A 623 37.45 -2.01 14.69
N SER A 624 38.54 -1.40 15.19
CA SER A 624 39.79 -2.12 15.35
C SER A 624 40.61 -1.43 16.41
N GLU A 625 41.78 -2.00 16.69
CA GLU A 625 42.85 -1.29 17.37
C GLU A 625 43.67 -0.58 16.30
N LEU A 626 44.79 0.00 16.74
CA LEU A 626 45.71 0.78 15.90
C LEU A 626 44.96 1.92 15.22
N MET A 627 44.24 2.67 16.05
CA MET A 627 43.51 3.83 15.59
C MET A 627 44.50 4.90 15.12
N PRO A 628 44.09 5.74 14.17
CA PRO A 628 45.00 6.77 13.68
C PRO A 628 45.27 7.82 14.74
N LYS A 629 46.46 8.39 14.69
CA LYS A 629 46.90 9.29 15.74
C LYS A 629 47.15 10.71 15.24
N ALA A 630 47.93 10.87 14.19
CA ALA A 630 48.14 12.20 13.62
C ALA A 630 46.90 12.67 12.87
N LEU A 631 46.72 13.98 12.83
CA LEU A 631 45.51 14.58 12.25
C LEU A 631 45.39 14.31 10.76
N SER A 632 46.52 14.13 10.07
CA SER A 632 46.47 13.79 8.65
C SER A 632 45.87 12.42 8.40
N THR A 633 46.01 11.50 9.34
CA THR A 633 45.35 10.22 9.24
C THR A 633 44.00 10.19 9.93
N ARG A 634 43.69 11.18 10.78
CA ARG A 634 42.36 11.25 11.36
C ARG A 634 41.32 11.64 10.32
N ILE A 635 41.73 12.40 9.30
CA ILE A 635 40.80 12.84 8.28
C ILE A 635 40.40 11.68 7.38
N VAL A 636 41.35 10.82 7.04
CA VAL A 636 41.06 9.66 6.17
C VAL A 636 40.13 8.69 6.88
N GLY A 637 40.46 8.33 8.11
CA GLY A 637 39.56 7.52 8.90
C GLY A 637 38.28 8.22 9.29
N GLY A 638 38.32 9.55 9.38
CA GLY A 638 37.11 10.29 9.70
C GLY A 638 36.13 10.35 8.55
N ILE A 639 36.64 10.30 7.32
CA ILE A 639 35.75 10.37 6.17
C ILE A 639 35.40 8.98 5.64
N TRP A 640 36.23 7.98 5.91
CA TRP A 640 35.87 6.62 5.52
C TRP A 640 34.78 6.06 6.41
N TRP A 641 34.71 6.51 7.66
CA TRP A 641 33.62 6.13 8.54
C TRP A 641 32.29 6.66 8.02
N PHE A 642 32.29 7.88 7.50
CA PHE A 642 31.07 8.45 6.95
C PHE A 642 30.68 7.76 5.64
N PHE A 643 31.66 7.22 4.92
CA PHE A 643 31.35 6.43 3.74
C PHE A 643 30.67 5.12 4.12
N THR A 644 31.10 4.50 5.22
CA THR A 644 30.52 3.23 5.60
C THR A 644 29.13 3.41 6.18
N LEU A 645 28.89 4.53 6.85
CA LEU A 645 27.60 4.73 7.51
C LEU A 645 26.50 4.95 6.48
N ILE A 646 26.82 5.58 5.36
CA ILE A 646 25.78 5.79 4.34
C ILE A 646 25.51 4.50 3.58
N ILE A 647 26.55 3.69 3.34
CA ILE A 647 26.37 2.44 2.59
C ILE A 647 25.53 1.46 3.38
N ILE A 648 25.88 1.23 4.65
CA ILE A 648 25.20 0.22 5.45
C ILE A 648 23.79 0.66 5.80
N SER A 649 23.58 1.95 6.03
CA SER A 649 22.21 2.40 6.23
C SER A 649 21.43 2.45 4.92
N SER A 650 22.09 2.42 3.78
CA SER A 650 21.34 2.29 2.52
C SER A 650 21.00 0.83 2.24
N TYR A 651 21.93 -0.07 2.53
CA TYR A 651 21.66 -1.50 2.31
C TYR A 651 20.57 -2.01 3.24
N THR A 652 20.51 -1.48 4.46
CA THR A 652 19.44 -1.86 5.37
C THR A 652 18.11 -1.28 4.91
N ALA A 653 18.11 -0.03 4.45
CA ALA A 653 16.86 0.61 4.07
C ALA A 653 16.32 0.05 2.77
N ASN A 654 17.19 -0.23 1.80
CA ASN A 654 16.71 -0.73 0.52
C ASN A 654 16.22 -2.16 0.62
N LEU A 655 16.87 -2.97 1.46
CA LEU A 655 16.42 -4.35 1.65
C LEU A 655 15.07 -4.38 2.36
N ALA A 656 14.79 -3.37 3.18
CA ALA A 656 13.45 -3.23 3.73
C ALA A 656 12.44 -2.88 2.64
N ALA A 657 12.87 -2.19 1.59
CA ALA A 657 11.94 -1.81 0.53
C ALA A 657 11.59 -3.00 -0.35
N PHE A 658 12.56 -3.90 -0.58
CA PHE A 658 12.27 -5.13 -1.30
C PHE A 658 11.33 -6.03 -0.52
N LEU A 659 11.57 -6.20 0.78
CA LEU A 659 10.75 -7.12 1.54
C LEU A 659 9.41 -6.51 1.93
N THR A 660 9.25 -5.19 1.84
CA THR A 660 7.92 -4.62 2.08
C THR A 660 7.02 -4.87 0.89
N VAL A 661 7.49 -4.53 -0.32
CA VAL A 661 6.64 -4.64 -1.49
C VAL A 661 6.41 -6.08 -1.91
N GLU A 662 7.19 -7.02 -1.40
CA GLU A 662 6.92 -8.42 -1.68
C GLU A 662 5.74 -8.91 -0.86
N ARG A 663 5.70 -8.57 0.42
CA ARG A 663 4.52 -8.87 1.21
C ARG A 663 3.33 -8.01 0.80
N MET A 664 3.59 -6.78 0.36
CA MET A 664 2.49 -5.91 -0.07
C MET A 664 1.94 -6.33 -1.42
N GLU A 665 2.72 -7.03 -2.23
CA GLU A 665 2.20 -7.59 -3.47
C GLU A 665 1.27 -8.75 -3.17
N SER A 666 0.08 -8.71 -3.77
CA SER A 666 -0.91 -9.75 -3.58
C SER A 666 -1.31 -10.27 -4.95
N PRO A 667 -1.48 -11.58 -5.09
CA PRO A 667 -2.03 -12.11 -6.33
C PRO A 667 -3.48 -11.70 -6.49
N ILE A 668 -3.92 -11.63 -7.74
CA ILE A 668 -5.30 -11.25 -8.03
C ILE A 668 -6.25 -12.36 -7.57
N ASP A 669 -7.33 -11.96 -6.91
CA ASP A 669 -8.41 -12.89 -6.60
C ASP A 669 -9.70 -12.07 -6.57
N SER A 670 -10.31 -11.92 -7.74
CA SER A 670 -11.59 -11.29 -8.01
C SER A 670 -11.82 -11.35 -9.50
N ALA A 671 -13.00 -10.92 -9.92
CA ALA A 671 -13.14 -10.47 -11.30
C ALA A 671 -12.85 -8.98 -11.41
N ASP A 672 -13.14 -8.22 -10.35
CA ASP A 672 -12.88 -6.79 -10.36
C ASP A 672 -11.38 -6.49 -10.31
N ASP A 673 -10.60 -7.31 -9.61
CA ASP A 673 -9.16 -7.13 -9.59
C ASP A 673 -8.55 -7.44 -10.95
N LEU A 674 -9.13 -8.39 -11.67
CA LEU A 674 -8.67 -8.71 -13.01
C LEU A 674 -9.29 -7.78 -14.04
N ALA A 675 -10.28 -6.99 -13.64
CA ALA A 675 -10.84 -5.99 -14.55
C ALA A 675 -9.89 -4.82 -14.73
N LYS A 676 -9.15 -4.46 -13.67
CA LYS A 676 -8.27 -3.29 -13.74
C LYS A 676 -7.04 -3.56 -14.59
N GLN A 677 -6.68 -4.82 -14.78
CA GLN A 677 -5.47 -5.16 -15.50
C GLN A 677 -5.63 -4.91 -16.99
N THR A 678 -4.49 -4.85 -17.67
CA THR A 678 -4.42 -4.83 -19.12
C THR A 678 -3.37 -5.80 -19.65
N LYS A 679 -2.37 -6.15 -18.85
CA LYS A 679 -1.34 -7.09 -19.28
C LYS A 679 -1.89 -8.52 -19.33
N ILE A 680 -2.74 -8.87 -18.38
CA ILE A 680 -3.39 -10.18 -18.38
C ILE A 680 -4.70 -10.08 -19.14
N GLU A 681 -4.89 -10.98 -20.11
CA GLU A 681 -5.97 -10.86 -21.08
C GLU A 681 -7.13 -11.80 -20.78
N TYR A 682 -8.31 -11.42 -21.27
CA TYR A 682 -9.55 -12.13 -21.00
C TYR A 682 -9.68 -13.33 -21.94
N GLY A 683 -10.88 -13.91 -22.02
CA GLY A 683 -11.17 -14.92 -23.02
C GLY A 683 -12.50 -15.62 -22.83
N ALA A 684 -13.06 -16.15 -23.92
CA ALA A 684 -14.34 -16.85 -23.86
C ALA A 684 -14.48 -17.74 -25.08
N VAL A 685 -15.51 -18.58 -25.06
CA VAL A 685 -15.92 -19.36 -26.22
C VAL A 685 -16.76 -18.47 -27.12
N GLU A 686 -16.51 -18.55 -28.42
CA GLU A 686 -17.20 -17.74 -29.42
C GLU A 686 -18.71 -18.02 -29.42
N ASP A 687 -19.49 -16.97 -29.10
CA ASP A 687 -20.96 -16.98 -29.13
C ASP A 687 -21.55 -18.06 -28.22
N GLY A 688 -20.92 -18.25 -27.06
CA GLY A 688 -21.41 -19.18 -26.07
C GLY A 688 -22.32 -18.50 -25.06
N ALA A 689 -22.63 -19.25 -24.01
CA ALA A 689 -23.48 -18.70 -22.95
C ALA A 689 -22.75 -17.68 -22.10
N THR A 690 -21.42 -17.67 -22.13
CA THR A 690 -20.67 -16.71 -21.34
C THR A 690 -20.69 -15.33 -21.99
N MET A 691 -20.50 -15.28 -23.31
CA MET A 691 -20.62 -14.02 -24.05
C MET A 691 -22.01 -13.44 -23.96
N THR A 692 -23.02 -14.30 -23.87
CA THR A 692 -24.40 -13.86 -23.77
C THR A 692 -24.63 -13.09 -22.46
N PHE A 693 -23.90 -13.45 -21.41
CA PHE A 693 -24.07 -12.78 -20.13
C PHE A 693 -23.50 -11.37 -20.16
N PHE A 694 -22.36 -11.18 -20.81
CA PHE A 694 -21.68 -9.88 -20.73
C PHE A 694 -22.32 -8.82 -21.63
N LYS A 695 -22.93 -9.23 -22.74
CA LYS A 695 -23.65 -8.25 -23.56
C LYS A 695 -24.91 -7.77 -22.88
N LYS A 696 -25.58 -8.67 -22.16
CA LYS A 696 -26.78 -8.32 -21.42
C LYS A 696 -26.46 -7.91 -19.99
N SER A 697 -25.18 -7.69 -19.68
CA SER A 697 -24.79 -7.28 -18.34
C SER A 697 -25.05 -5.78 -18.15
N LYS A 698 -25.29 -5.41 -16.89
CA LYS A 698 -25.46 -4.02 -16.52
C LYS A 698 -24.52 -3.59 -15.40
N ILE A 699 -23.71 -4.50 -14.89
CA ILE A 699 -22.74 -4.17 -13.86
C ILE A 699 -21.60 -3.38 -14.50
N SER A 700 -21.23 -2.26 -13.87
CA SER A 700 -20.16 -1.40 -14.38
C SER A 700 -18.82 -2.12 -14.41
N THR A 701 -18.60 -3.06 -13.51
CA THR A 701 -17.41 -3.90 -13.58
C THR A 701 -17.44 -4.78 -14.82
N TYR A 702 -18.58 -5.41 -15.09
CA TYR A 702 -18.67 -6.35 -16.19
C TYR A 702 -18.85 -5.66 -17.52
N ASP A 703 -19.26 -4.39 -17.51
CA ASP A 703 -19.51 -3.67 -18.75
C ASP A 703 -18.20 -3.38 -19.48
N LYS A 704 -17.20 -2.89 -18.75
CA LYS A 704 -15.89 -2.67 -19.36
C LYS A 704 -15.18 -3.97 -19.69
N MET A 705 -15.58 -5.08 -19.07
CA MET A 705 -14.99 -6.37 -19.42
C MET A 705 -15.43 -6.81 -20.81
N TRP A 706 -16.65 -6.46 -21.21
CA TRP A 706 -17.05 -6.72 -22.58
C TRP A 706 -16.39 -5.75 -23.54
N ALA A 707 -16.04 -4.55 -23.05
CA ALA A 707 -15.39 -3.56 -23.90
C ALA A 707 -13.99 -3.99 -24.28
N PHE A 708 -13.28 -4.68 -23.38
CA PHE A 708 -11.95 -5.16 -23.72
C PHE A 708 -12.02 -6.36 -24.64
N MET A 709 -13.07 -7.18 -24.51
CA MET A 709 -13.21 -8.35 -25.38
C MET A 709 -13.59 -7.94 -26.78
N SER A 710 -14.59 -7.05 -26.92
CA SER A 710 -15.06 -6.63 -28.22
C SER A 710 -14.02 -5.81 -28.97
N SER A 711 -13.13 -5.13 -28.23
CA SER A 711 -12.02 -4.43 -28.87
C SER A 711 -11.04 -5.42 -29.48
N ARG A 712 -10.89 -6.59 -28.87
CA ARG A 712 -9.92 -7.58 -29.31
C ARG A 712 -10.59 -8.86 -29.79
N ARG A 713 -11.62 -8.75 -30.61
CA ARG A 713 -12.37 -9.90 -31.09
C ARG A 713 -11.62 -10.60 -32.23
N GLN A 714 -10.36 -10.94 -32.02
CA GLN A 714 -9.60 -11.79 -32.92
C GLN A 714 -8.69 -12.76 -32.19
N SER A 715 -8.35 -12.51 -30.93
CA SER A 715 -7.27 -13.21 -30.27
C SER A 715 -7.61 -13.81 -28.92
N VAL A 716 -8.71 -13.41 -28.29
CA VAL A 716 -9.07 -13.92 -26.98
C VAL A 716 -10.34 -14.77 -27.02
N LEU A 717 -11.28 -14.45 -27.90
CA LEU A 717 -12.48 -15.26 -28.07
C LEU A 717 -12.12 -16.38 -29.03
N VAL A 718 -11.61 -17.50 -28.51
CA VAL A 718 -10.77 -18.32 -29.37
C VAL A 718 -11.56 -19.26 -30.30
N LYS A 719 -12.11 -20.37 -29.82
CA LYS A 719 -13.21 -21.03 -30.52
C LYS A 719 -14.12 -21.78 -29.56
N SER A 720 -13.54 -22.30 -28.48
CA SER A 720 -14.14 -23.39 -27.73
C SER A 720 -13.30 -23.64 -26.48
N ASN A 721 -13.73 -24.62 -25.68
CA ASN A 721 -13.05 -24.93 -24.43
C ASN A 721 -11.73 -25.64 -24.65
N GLU A 722 -11.62 -26.46 -25.70
CA GLU A 722 -10.40 -27.23 -25.91
C GLU A 722 -9.24 -26.34 -26.31
N GLU A 723 -9.50 -25.30 -27.10
CA GLU A 723 -8.46 -24.34 -27.43
C GLU A 723 -8.28 -23.31 -26.34
N GLY A 724 -9.28 -23.12 -25.48
CA GLY A 724 -9.13 -22.19 -24.37
C GLY A 724 -8.19 -22.69 -23.30
N ILE A 725 -8.08 -24.01 -23.14
CA ILE A 725 -7.15 -24.56 -22.16
C ILE A 725 -5.71 -24.38 -22.65
N GLN A 726 -5.47 -24.61 -23.94
CA GLN A 726 -4.11 -24.55 -24.48
C GLN A 726 -3.57 -23.12 -24.49
N ARG A 727 -4.44 -22.13 -24.57
CA ARG A 727 -3.96 -20.75 -24.57
C ARG A 727 -3.55 -20.30 -23.17
N VAL A 728 -4.12 -20.89 -22.13
CA VAL A 728 -3.74 -20.52 -20.77
C VAL A 728 -2.33 -21.01 -20.45
N LEU A 729 -1.99 -22.21 -20.91
CA LEU A 729 -0.69 -22.79 -20.58
C LEU A 729 0.45 -22.09 -21.30
N THR A 730 0.17 -21.41 -22.42
CA THR A 730 1.22 -20.84 -23.25
C THR A 730 1.17 -19.32 -23.30
N SER A 731 0.46 -18.67 -22.39
CA SER A 731 0.31 -17.22 -22.43
C SER A 731 -0.04 -16.71 -21.04
N ASP A 732 -0.52 -15.47 -20.98
CA ASP A 732 -1.05 -14.86 -19.76
C ASP A 732 -2.57 -14.79 -19.83
N TYR A 733 -3.16 -15.89 -20.30
CA TYR A 733 -4.54 -15.97 -20.69
C TYR A 733 -5.39 -16.39 -19.49
N ALA A 734 -6.53 -15.73 -19.32
CA ALA A 734 -7.33 -15.81 -18.11
C ALA A 734 -8.76 -16.22 -18.44
N PHE A 735 -8.88 -17.36 -19.15
CA PHE A 735 -10.11 -17.82 -19.77
C PHE A 735 -11.26 -17.96 -18.76
N LEU A 736 -12.48 -17.70 -19.24
CA LEU A 736 -13.70 -17.76 -18.43
C LEU A 736 -14.61 -18.86 -18.98
N MET A 737 -15.08 -19.73 -18.11
CA MET A 737 -16.06 -20.75 -18.49
C MET A 737 -16.94 -21.02 -17.27
N GLU A 738 -17.77 -22.05 -17.37
CA GLU A 738 -18.63 -22.44 -16.27
C GLU A 738 -17.81 -23.12 -15.16
N SER A 739 -18.39 -23.13 -13.95
CA SER A 739 -17.63 -23.54 -12.78
C SER A 739 -17.39 -25.04 -12.73
N THR A 740 -18.20 -25.83 -13.41
CA THR A 740 -17.99 -27.27 -13.36
C THR A 740 -16.76 -27.65 -14.18
N THR A 741 -16.69 -27.19 -15.42
CA THR A 741 -15.61 -27.58 -16.31
C THR A 741 -14.26 -27.01 -15.85
N ILE A 742 -14.28 -25.97 -15.01
CA ILE A 742 -13.08 -25.59 -14.26
C ILE A 742 -12.70 -26.70 -13.29
N GLU A 743 -13.67 -27.19 -12.51
CA GLU A 743 -13.36 -28.14 -11.46
C GLU A 743 -12.94 -29.50 -11.99
N PHE A 744 -13.19 -29.81 -13.26
CA PHE A 744 -12.68 -31.07 -13.77
C PHE A 744 -11.24 -30.93 -14.28
N VAL A 745 -10.89 -29.77 -14.84
CA VAL A 745 -9.53 -29.66 -15.37
C VAL A 745 -8.52 -29.28 -14.30
N THR A 746 -8.94 -28.65 -13.21
CA THR A 746 -7.99 -28.36 -12.15
C THR A 746 -7.65 -29.60 -11.33
N GLN A 747 -8.53 -30.60 -11.33
CA GLN A 747 -8.18 -31.86 -10.68
C GLN A 747 -7.29 -32.72 -11.56
N ARG A 748 -7.37 -32.56 -12.88
CA ARG A 748 -6.57 -33.35 -13.81
C ARG A 748 -5.32 -32.64 -14.27
N ASN A 749 -5.07 -31.43 -13.77
CA ASN A 749 -3.90 -30.66 -14.18
C ASN A 749 -3.58 -29.71 -13.03
N CYS A 750 -2.51 -30.02 -12.30
CA CYS A 750 -2.18 -29.27 -11.10
C CYS A 750 -1.48 -27.94 -11.39
N ASN A 751 -1.40 -27.52 -12.66
CA ASN A 751 -0.84 -26.22 -13.01
C ASN A 751 -1.85 -25.09 -12.81
N LEU A 752 -3.13 -25.41 -12.65
CA LEU A 752 -4.23 -24.47 -12.86
C LEU A 752 -4.99 -24.23 -11.57
N THR A 753 -5.89 -23.26 -11.58
CA THR A 753 -6.64 -22.90 -10.38
C THR A 753 -7.98 -22.25 -10.74
N GLN A 754 -8.70 -21.84 -9.69
CA GLN A 754 -10.06 -21.30 -9.78
C GLN A 754 -10.11 -19.95 -9.05
N ILE A 755 -9.28 -19.02 -9.53
CA ILE A 755 -9.33 -17.64 -9.10
C ILE A 755 -10.74 -17.07 -9.18
N GLY A 756 -11.18 -16.44 -8.09
CA GLY A 756 -12.45 -15.77 -8.04
C GLY A 756 -13.58 -16.67 -7.57
N GLY A 757 -14.68 -16.03 -7.20
CA GLY A 757 -15.88 -16.73 -6.79
C GLY A 757 -16.72 -17.15 -7.98
N LEU A 758 -18.03 -17.05 -7.83
CA LEU A 758 -18.97 -17.41 -8.88
C LEU A 758 -19.65 -16.13 -9.37
N ILE A 759 -19.49 -15.84 -10.66
CA ILE A 759 -20.09 -14.64 -11.22
C ILE A 759 -21.59 -14.81 -11.37
N ASP A 760 -22.01 -15.78 -12.16
CA ASP A 760 -23.41 -16.04 -12.44
C ASP A 760 -23.84 -17.24 -11.59
N SER A 761 -25.13 -17.57 -11.64
CA SER A 761 -25.64 -18.74 -10.93
C SER A 761 -26.67 -19.42 -11.81
N LYS A 762 -26.33 -20.59 -12.33
CA LYS A 762 -27.24 -21.35 -13.18
C LYS A 762 -27.36 -22.77 -12.65
N GLY A 763 -28.02 -23.64 -13.40
CA GLY A 763 -28.16 -25.01 -12.96
C GLY A 763 -28.51 -25.91 -14.12
N TYR A 764 -28.25 -27.19 -13.92
CA TYR A 764 -28.58 -28.20 -14.91
C TYR A 764 -29.98 -28.74 -14.61
N GLY A 765 -30.38 -29.81 -15.27
CA GLY A 765 -31.68 -30.35 -15.01
C GLY A 765 -32.16 -31.34 -16.05
N VAL A 766 -32.82 -32.39 -15.60
CA VAL A 766 -33.45 -33.33 -16.52
C VAL A 766 -34.60 -32.65 -17.23
N GLY A 767 -34.54 -32.60 -18.56
CA GLY A 767 -35.56 -31.97 -19.35
C GLY A 767 -36.63 -32.95 -19.80
N THR A 768 -37.82 -32.44 -20.01
CA THR A 768 -39.02 -33.22 -20.32
C THR A 768 -39.78 -32.50 -21.42
N PRO A 769 -40.65 -33.22 -22.16
CA PRO A 769 -41.56 -32.54 -23.07
C PRO A 769 -42.54 -31.64 -22.34
N MET A 770 -43.12 -30.70 -23.09
CA MET A 770 -43.99 -29.67 -22.53
C MET A 770 -45.27 -30.28 -21.97
N GLY A 771 -45.46 -30.16 -20.66
CA GLY A 771 -46.62 -30.71 -20.01
C GLY A 771 -46.62 -32.23 -19.99
N SER A 772 -45.58 -32.81 -19.44
CA SER A 772 -45.47 -34.25 -19.38
C SER A 772 -45.65 -34.73 -17.95
N PRO A 773 -46.16 -35.95 -17.72
CA PRO A 773 -46.29 -36.50 -16.37
C PRO A 773 -45.01 -37.14 -15.84
N TYR A 774 -43.88 -36.45 -16.02
CA TYR A 774 -42.64 -36.88 -15.43
C TYR A 774 -41.82 -35.75 -14.82
N ARG A 775 -42.22 -34.48 -14.97
CA ARG A 775 -41.47 -33.41 -14.34
C ARG A 775 -41.64 -33.36 -12.84
N ASP A 776 -42.63 -34.08 -12.30
CA ASP A 776 -42.82 -34.16 -10.87
C ASP A 776 -42.14 -35.38 -10.27
N LYS A 777 -42.25 -36.54 -10.91
CA LYS A 777 -41.68 -37.75 -10.37
C LYS A 777 -40.15 -37.77 -10.45
N ILE A 778 -39.55 -36.87 -11.22
CA ILE A 778 -38.12 -36.68 -11.14
C ILE A 778 -37.78 -35.64 -10.08
N THR A 779 -38.63 -34.62 -9.94
CA THR A 779 -38.48 -33.63 -8.88
C THR A 779 -38.55 -34.25 -7.50
N ILE A 780 -39.46 -35.21 -7.30
CA ILE A 780 -39.45 -36.01 -6.08
C ILE A 780 -38.17 -36.82 -5.97
N ALA A 781 -37.70 -37.36 -7.10
CA ALA A 781 -36.59 -38.29 -7.08
C ALA A 781 -35.27 -37.60 -6.78
N ILE A 782 -35.06 -36.41 -7.36
CA ILE A 782 -33.79 -35.71 -7.17
C ILE A 782 -33.63 -35.25 -5.73
N LEU A 783 -34.73 -34.85 -5.09
CA LEU A 783 -34.65 -34.44 -3.69
C LEU A 783 -34.36 -35.62 -2.79
N GLN A 784 -34.94 -36.79 -3.09
CA GLN A 784 -34.72 -37.97 -2.26
C GLN A 784 -33.28 -38.46 -2.37
N LEU A 785 -32.68 -38.31 -3.56
CA LEU A 785 -31.27 -38.61 -3.69
C LEU A 785 -30.41 -37.53 -3.02
N GLN A 786 -30.95 -36.33 -2.84
CA GLN A 786 -30.20 -35.29 -2.16
C GLN A 786 -30.21 -35.49 -0.64
N GLU A 787 -31.32 -35.99 -0.09
CA GLU A 787 -31.42 -36.19 1.35
C GLU A 787 -30.47 -37.28 1.82
N GLU A 788 -30.34 -38.34 1.04
CA GLU A 788 -29.41 -39.40 1.38
C GLU A 788 -27.98 -39.07 0.99
N GLY A 789 -27.75 -37.94 0.32
CA GLY A 789 -26.40 -37.50 0.04
C GLY A 789 -25.75 -38.16 -1.13
N LYS A 790 -26.52 -38.75 -2.05
CA LYS A 790 -25.90 -39.50 -3.14
C LYS A 790 -25.33 -38.60 -4.21
N LEU A 791 -25.91 -37.41 -4.39
CA LEU A 791 -25.39 -36.49 -5.41
C LEU A 791 -24.01 -35.95 -5.04
N HIS A 792 -23.71 -35.84 -3.75
CA HIS A 792 -22.37 -35.44 -3.39
C HIS A 792 -21.38 -36.60 -3.52
N MET A 793 -21.86 -37.83 -3.34
CA MET A 793 -20.98 -38.98 -3.57
C MET A 793 -20.74 -39.20 -5.05
N MET A 794 -21.75 -38.93 -5.87
CA MET A 794 -21.57 -39.06 -7.31
C MET A 794 -20.72 -37.94 -7.88
N LYS A 795 -20.64 -36.81 -7.19
CA LYS A 795 -19.75 -35.75 -7.67
C LYS A 795 -18.32 -36.01 -7.24
N GLU A 796 -18.10 -36.48 -6.02
CA GLU A 796 -16.74 -36.74 -5.58
C GLU A 796 -16.12 -37.94 -6.28
N LYS A 797 -16.94 -38.82 -6.84
CA LYS A 797 -16.43 -39.93 -7.63
C LYS A 797 -15.81 -39.43 -8.93
N TRP A 798 -16.61 -38.73 -9.74
CA TRP A 798 -16.20 -38.44 -11.11
C TRP A 798 -15.34 -37.19 -11.24
N TRP A 799 -15.43 -36.26 -10.30
CA TRP A 799 -14.77 -34.98 -10.47
C TRP A 799 -13.43 -34.92 -9.77
N ARG A 800 -13.26 -35.62 -8.65
CA ARG A 800 -11.92 -35.95 -8.18
C ARG A 800 -11.42 -37.18 -8.92
N GLY A 801 -10.14 -37.18 -9.23
CA GLY A 801 -9.54 -38.34 -9.86
C GLY A 801 -8.05 -38.19 -10.00
N ASN A 802 -7.31 -39.23 -9.58
CA ASN A 802 -5.85 -39.25 -9.49
C ASN A 802 -5.36 -38.04 -8.67
N GLY A 803 -5.75 -38.06 -7.39
CA GLY A 803 -5.62 -37.00 -6.41
C GLY A 803 -4.32 -36.21 -6.43
N CYS A 804 -4.44 -34.90 -6.59
CA CYS A 804 -3.32 -34.05 -6.89
C CYS A 804 -2.36 -33.97 -5.71
N PRO A 805 -1.06 -33.81 -5.98
CA PRO A 805 -0.09 -33.60 -4.88
C PRO A 805 -0.10 -32.20 -4.28
N GLU A 806 -1.19 -31.46 -4.48
CA GLU A 806 -1.33 -30.01 -4.55
C GLU A 806 -0.48 -29.13 -3.64
N GLU A 807 -0.55 -29.34 -2.31
CA GLU A 807 -0.58 -28.26 -1.31
C GLU A 807 0.43 -27.14 -1.50
N GLU A 808 1.71 -27.40 -1.19
CA GLU A 808 2.93 -26.65 -1.57
C GLU A 808 2.75 -25.13 -1.64
N SER A 809 1.95 -24.61 -0.72
CA SER A 809 1.67 -23.20 -0.65
C SER A 809 2.47 -22.58 0.48
N LYS A 810 3.78 -22.81 0.43
CA LYS A 810 4.72 -22.40 1.47
C LYS A 810 4.67 -20.88 1.59
N GLU A 811 5.10 -20.14 0.55
CA GLU A 811 5.07 -18.68 0.37
C GLU A 811 5.48 -17.90 1.62
N ALA A 812 6.32 -18.52 2.46
CA ALA A 812 6.54 -18.05 3.82
C ALA A 812 7.38 -16.78 3.85
N SER A 813 6.76 -15.65 4.18
CA SER A 813 7.49 -14.40 4.31
C SER A 813 8.36 -14.43 5.57
N ALA A 814 9.45 -15.18 5.48
CA ALA A 814 10.41 -15.38 6.55
C ALA A 814 11.63 -15.98 5.88
N LEU A 815 12.80 -15.41 6.13
CA LEU A 815 13.97 -15.68 5.31
C LEU A 815 14.48 -17.11 5.51
N GLY A 816 14.25 -17.96 4.52
CA GLY A 816 14.69 -19.34 4.54
C GLY A 816 16.00 -19.50 3.81
N VAL A 817 16.23 -20.72 3.31
CA VAL A 817 17.44 -20.99 2.56
C VAL A 817 17.21 -20.91 1.06
N GLN A 818 16.03 -20.46 0.63
CA GLN A 818 15.81 -20.11 -0.77
C GLN A 818 16.32 -18.71 -1.05
N ASN A 819 15.94 -17.79 -0.18
CA ASN A 819 16.60 -16.52 0.14
C ASN A 819 17.72 -16.85 1.12
N ILE A 820 18.16 -15.87 1.92
CA ILE A 820 19.55 -15.42 2.05
C ILE A 820 20.58 -16.49 1.71
N GLY A 821 20.65 -17.55 2.52
CA GLY A 821 21.17 -18.83 2.08
C GLY A 821 22.63 -18.89 1.70
N GLY A 822 22.99 -18.13 0.66
CA GLY A 822 24.29 -18.07 0.04
C GLY A 822 25.31 -17.31 0.81
N ILE A 823 24.92 -16.66 1.91
CA ILE A 823 25.90 -16.10 2.82
C ILE A 823 26.66 -17.22 3.52
N PHE A 824 26.07 -18.39 3.64
CA PHE A 824 26.79 -19.56 4.13
C PHE A 824 27.71 -20.14 3.09
N ILE A 825 27.51 -19.81 1.81
CA ILE A 825 28.42 -20.27 0.78
C ILE A 825 29.72 -19.47 0.83
N VAL A 826 29.60 -18.14 0.89
CA VAL A 826 30.80 -17.31 0.97
C VAL A 826 31.45 -17.39 2.33
N LEU A 827 30.71 -17.79 3.37
CA LEU A 827 31.34 -18.05 4.65
C LEU A 827 32.21 -19.29 4.58
N ALA A 828 31.67 -20.38 4.04
CA ALA A 828 32.45 -21.61 3.93
C ALA A 828 33.56 -21.46 2.91
N ALA A 829 33.39 -20.60 1.91
CA ALA A 829 34.45 -20.37 0.95
C ALA A 829 35.60 -19.60 1.58
N GLY A 830 35.29 -18.71 2.52
CA GLY A 830 36.34 -17.94 3.18
C GLY A 830 37.15 -18.79 4.14
N LEU A 831 36.48 -19.70 4.86
CA LEU A 831 37.18 -20.53 5.83
C LEU A 831 38.10 -21.52 5.15
N VAL A 832 37.69 -22.03 3.99
CA VAL A 832 38.56 -22.92 3.24
C VAL A 832 39.73 -22.15 2.64
N LEU A 833 39.47 -20.91 2.22
CA LEU A 833 40.55 -20.04 1.73
C LEU A 833 41.57 -19.73 2.81
N SER A 834 41.14 -19.68 4.07
CA SER A 834 42.06 -19.36 5.16
C SER A 834 43.07 -20.48 5.39
N VAL A 835 42.64 -21.73 5.23
CA VAL A 835 43.50 -22.85 5.57
C VAL A 835 44.64 -22.98 4.57
N PHE A 836 44.42 -22.60 3.31
CA PHE A 836 45.53 -22.58 2.36
C PHE A 836 46.50 -21.43 2.66
N VAL A 837 46.01 -20.36 3.26
CA VAL A 837 46.93 -19.29 3.69
C VAL A 837 47.68 -19.73 4.93
N ALA A 838 47.04 -20.50 5.81
CA ALA A 838 47.70 -20.97 7.03
C ALA A 838 48.82 -21.94 6.73
N VAL A 839 48.66 -22.75 5.69
CA VAL A 839 49.77 -23.58 5.23
C VAL A 839 50.86 -22.71 4.64
N GLY A 840 50.47 -21.61 3.99
CA GLY A 840 51.44 -20.71 3.41
C GLY A 840 52.30 -20.01 4.44
N GLU A 841 51.68 -19.60 5.56
CA GLU A 841 52.46 -19.01 6.64
C GLU A 841 53.31 -20.07 7.34
N PHE A 842 52.80 -21.29 7.43
CA PHE A 842 53.52 -22.35 8.13
C PHE A 842 54.74 -22.78 7.34
N LEU A 843 54.66 -22.77 6.01
CA LEU A 843 55.81 -23.15 5.21
C LEU A 843 56.81 -22.02 5.11
N TYR A 844 56.34 -20.77 5.02
CA TYR A 844 57.24 -19.64 4.81
C TYR A 844 58.10 -19.37 6.04
N LYS A 845 57.52 -19.52 7.22
CA LYS A 845 58.31 -19.32 8.43
C LYS A 845 59.26 -20.49 8.67
N SER A 846 58.82 -21.71 8.33
CA SER A 846 59.66 -22.88 8.56
C SER A 846 60.85 -22.92 7.62
N LYS A 847 60.69 -22.39 6.41
CA LYS A 847 61.82 -22.33 5.49
C LYS A 847 62.66 -21.08 5.66
N LYS A 848 62.18 -20.08 6.41
CA LYS A 848 62.98 -18.89 6.64
C LYS A 848 64.09 -19.16 7.65
N ASN A 849 63.73 -19.62 8.84
CA ASN A 849 64.71 -19.88 9.89
C ASN A 849 65.59 -21.09 9.58
N ALA A 850 65.13 -22.01 8.73
CA ALA A 850 65.92 -23.17 8.37
C ALA A 850 67.06 -22.83 7.41
N GLN A 851 66.99 -21.68 6.75
CA GLN A 851 68.14 -21.23 5.98
C GLN A 851 69.25 -20.69 6.87
N LEU A 852 68.93 -20.37 8.13
CA LEU A 852 69.96 -20.02 9.11
C LEU A 852 70.57 -21.24 9.76
N GLU A 853 69.85 -22.37 9.77
CA GLU A 853 70.09 -23.47 10.69
C GLU A 853 69.77 -24.81 10.03
N LYS A 854 69.40 -25.79 10.88
CA LYS A 854 69.00 -27.15 10.51
C LYS A 854 68.08 -27.22 9.29
N ARG A 855 68.30 -28.24 8.45
CA ARG A 855 68.03 -28.18 7.01
C ARG A 855 66.56 -27.96 6.62
N SER A 856 65.69 -28.96 6.77
CA SER A 856 64.28 -28.67 6.51
C SER A 856 63.31 -29.31 7.50
N PHE A 857 63.56 -30.58 7.85
CA PHE A 857 62.55 -31.39 8.51
C PHE A 857 62.65 -31.35 10.02
N CYS A 858 63.88 -31.47 10.55
CA CYS A 858 64.08 -31.34 11.99
C CYS A 858 63.89 -29.90 12.48
N SER A 859 63.76 -28.94 11.56
CA SER A 859 63.17 -27.65 11.93
C SER A 859 61.65 -27.70 11.83
N ALA A 860 61.12 -28.45 10.86
CA ALA A 860 59.68 -28.47 10.63
C ALA A 860 58.95 -29.39 11.61
N MET A 861 59.55 -30.54 11.95
CA MET A 861 58.89 -31.46 12.87
C MET A 861 58.87 -30.91 14.29
N VAL A 862 59.88 -30.12 14.67
CA VAL A 862 59.86 -29.57 16.02
C VAL A 862 58.92 -28.39 16.15
N GLU A 863 58.55 -27.74 15.05
CA GLU A 863 57.52 -26.71 15.11
C GLU A 863 56.14 -27.33 15.25
N GLU A 864 55.92 -28.51 14.65
CA GLU A 864 54.65 -29.20 14.83
C GLU A 864 54.51 -29.73 16.26
N LEU A 865 55.61 -30.13 16.88
CA LEU A 865 55.56 -30.58 18.26
C LEU A 865 55.38 -29.41 19.23
N ARG A 866 56.09 -28.29 18.97
CA ARG A 866 55.91 -27.07 19.75
C ARG A 866 54.50 -26.53 19.62
N MET A 867 53.88 -26.73 18.46
CA MET A 867 52.45 -26.50 18.31
C MET A 867 51.64 -27.46 19.17
N SER A 868 51.98 -28.76 19.10
CA SER A 868 51.23 -29.78 19.80
C SER A 868 51.52 -29.82 21.29
N LEU A 869 52.61 -29.21 21.75
CA LEU A 869 52.82 -29.02 23.18
C LEU A 869 51.78 -28.02 23.70
N LYS A 870 50.89 -28.52 24.57
CA LYS A 870 49.76 -27.74 25.06
C LYS A 870 50.17 -26.65 26.02
N CYS A 871 51.39 -26.69 26.56
CA CYS A 871 51.84 -25.67 27.49
C CYS A 871 52.02 -24.33 26.79
N GLN A 872 51.65 -23.26 27.47
CA GLN A 872 51.66 -21.92 26.89
C GLN A 872 53.04 -21.29 26.82
N ARG A 873 54.08 -21.97 27.29
CA ARG A 873 55.45 -21.55 27.09
C ARG A 873 56.07 -22.37 25.97
N ARG A 874 56.74 -21.68 25.05
CA ARG A 874 57.27 -22.25 23.80
C ARG A 874 56.21 -23.00 23.01
N SER B 429 -43.41 14.21 -42.55
CA SER B 429 -42.00 13.91 -42.79
C SER B 429 -41.55 14.42 -44.15
N ASN B 430 -40.28 14.84 -44.21
CA ASN B 430 -39.71 15.38 -45.44
C ASN B 430 -38.37 14.73 -45.76
N ARG B 431 -37.63 15.31 -46.70
CA ARG B 431 -36.37 14.76 -47.16
C ARG B 431 -35.32 14.77 -46.05
N SER B 432 -34.21 14.08 -46.32
CA SER B 432 -33.20 13.83 -45.31
C SER B 432 -32.36 15.08 -45.05
N LEU B 433 -31.42 14.95 -44.13
CA LEU B 433 -30.59 16.08 -43.70
C LEU B 433 -29.13 15.78 -44.04
N ILE B 434 -28.50 16.72 -44.73
CA ILE B 434 -27.11 16.57 -45.14
C ILE B 434 -26.25 17.09 -43.98
N VAL B 435 -25.77 16.17 -43.14
CA VAL B 435 -25.01 16.52 -41.94
C VAL B 435 -23.55 16.73 -42.38
N THR B 436 -23.15 17.98 -42.56
CA THR B 436 -21.78 18.29 -42.96
C THR B 436 -20.86 18.22 -41.75
N THR B 437 -19.81 17.40 -41.86
CA THR B 437 -18.94 17.10 -40.73
C THR B 437 -17.51 16.94 -41.24
N ILE B 438 -16.55 17.37 -40.45
CA ILE B 438 -15.14 17.12 -40.72
C ILE B 438 -14.74 15.86 -39.96
N LEU B 439 -13.63 15.26 -40.36
CA LEU B 439 -13.17 13.99 -39.79
C LEU B 439 -11.94 14.27 -38.93
N GLU B 440 -11.99 13.85 -37.67
CA GLU B 440 -10.90 14.04 -36.72
C GLU B 440 -10.74 12.80 -35.86
N GLU B 441 -10.04 12.96 -34.74
CA GLU B 441 -9.90 11.93 -33.72
C GLU B 441 -11.11 12.14 -32.81
N PRO B 442 -11.28 11.43 -31.66
CA PRO B 442 -12.45 10.56 -31.49
C PRO B 442 -13.81 11.23 -31.54
N TYR B 443 -14.15 11.85 -32.66
CA TYR B 443 -15.50 12.33 -32.90
C TYR B 443 -16.10 11.64 -34.11
N VAL B 444 -15.44 11.73 -35.26
CA VAL B 444 -15.89 11.09 -36.49
C VAL B 444 -14.69 10.46 -37.16
N LEU B 445 -14.74 9.14 -37.37
CA LEU B 445 -13.65 8.41 -37.98
C LEU B 445 -14.21 7.21 -38.73
N PHE B 446 -13.41 6.71 -39.68
CA PHE B 446 -13.84 5.56 -40.48
C PHE B 446 -13.88 4.30 -39.64
N LYS B 447 -14.71 3.35 -40.07
CA LYS B 447 -14.66 2.03 -39.48
C LYS B 447 -13.41 1.30 -39.94
N LYS B 448 -12.91 0.41 -39.09
CA LYS B 448 -11.77 -0.45 -39.43
C LYS B 448 -12.34 -1.87 -39.53
N SER B 449 -12.77 -2.23 -40.74
CA SER B 449 -13.38 -3.53 -40.99
C SER B 449 -13.16 -3.88 -42.47
N ASP B 450 -13.87 -4.90 -42.94
CA ASP B 450 -13.82 -5.32 -44.32
C ASP B 450 -14.99 -4.69 -45.09
N LYS B 451 -15.17 -5.15 -46.33
CA LYS B 451 -16.21 -4.72 -47.25
C LYS B 451 -16.21 -3.20 -47.49
N PRO B 452 -15.21 -2.65 -48.20
CA PRO B 452 -15.08 -1.19 -48.28
C PRO B 452 -16.03 -0.57 -49.29
N LEU B 453 -17.34 -0.61 -49.01
CA LEU B 453 -18.32 -0.07 -49.94
C LEU B 453 -19.44 0.72 -49.26
N TYR B 454 -19.46 0.69 -47.92
CA TYR B 454 -20.67 0.81 -47.09
C TYR B 454 -21.66 1.92 -47.41
N GLY B 455 -21.27 3.17 -47.20
CA GLY B 455 -22.19 4.29 -47.39
C GLY B 455 -23.11 4.46 -46.19
N ASN B 456 -23.11 5.66 -45.57
CA ASN B 456 -23.93 6.03 -44.41
C ASN B 456 -23.64 5.17 -43.16
N ASP B 457 -22.59 4.36 -43.21
CA ASP B 457 -22.06 3.66 -42.05
C ASP B 457 -20.55 3.77 -42.11
N ARG B 458 -20.04 4.60 -43.02
CA ARG B 458 -18.63 4.83 -43.25
C ARG B 458 -17.98 5.66 -42.14
N PHE B 459 -18.78 6.27 -41.27
CA PHE B 459 -18.28 7.12 -40.20
C PHE B 459 -18.84 6.65 -38.87
N GLU B 460 -18.00 6.61 -37.84
CA GLU B 460 -18.48 6.26 -36.50
C GLU B 460 -17.56 6.90 -35.48
N GLY B 461 -18.10 7.13 -34.28
CA GLY B 461 -17.33 7.74 -33.22
C GLY B 461 -18.25 8.27 -32.13
N TYR B 462 -17.70 9.16 -31.31
CA TYR B 462 -18.50 9.85 -30.28
C TYR B 462 -19.55 10.74 -30.92
N CYS B 463 -19.13 11.59 -31.85
CA CYS B 463 -20.03 12.54 -32.48
C CYS B 463 -21.08 11.84 -33.33
N ILE B 464 -20.75 10.67 -33.87
CA ILE B 464 -21.74 9.85 -34.55
C ILE B 464 -22.68 9.21 -33.54
N ASP B 465 -22.16 8.81 -32.39
CA ASP B 465 -23.02 8.28 -31.32
C ASP B 465 -23.92 9.34 -30.73
N LEU B 466 -23.52 10.61 -30.83
CA LEU B 466 -24.42 11.69 -30.44
C LEU B 466 -25.62 11.76 -31.35
N LEU B 467 -25.40 11.61 -32.67
CA LEU B 467 -26.48 11.71 -33.64
C LEU B 467 -27.51 10.61 -33.51
N ARG B 468 -27.10 9.44 -33.01
CA ARG B 468 -28.02 8.31 -32.93
C ARG B 468 -29.14 8.58 -31.92
N GLU B 469 -28.83 9.28 -30.83
CA GLU B 469 -29.88 9.72 -29.92
C GLU B 469 -30.52 11.02 -30.38
N LEU B 470 -29.85 11.77 -31.26
CA LEU B 470 -30.48 12.98 -31.81
C LEU B 470 -31.61 12.63 -32.76
N SER B 471 -31.45 11.58 -33.56
CA SER B 471 -32.55 11.17 -34.41
C SER B 471 -33.61 10.39 -33.66
N THR B 472 -33.32 9.92 -32.44
CA THR B 472 -34.29 9.15 -31.69
C THR B 472 -35.39 10.06 -31.13
N ILE B 473 -35.01 11.12 -30.43
CA ILE B 473 -36.01 12.02 -29.84
C ILE B 473 -36.64 12.89 -30.92
N LEU B 474 -35.82 13.62 -31.66
CA LEU B 474 -36.29 14.42 -32.77
C LEU B 474 -36.15 13.61 -34.05
N GLY B 475 -37.25 13.35 -34.74
CA GLY B 475 -37.22 12.46 -35.87
C GLY B 475 -36.73 13.08 -37.16
N PHE B 476 -35.64 12.53 -37.72
CA PHE B 476 -35.12 12.94 -39.02
C PHE B 476 -34.26 11.80 -39.58
N THR B 477 -33.73 12.00 -40.78
CA THR B 477 -32.95 10.98 -41.48
C THR B 477 -31.64 11.57 -42.00
N TYR B 478 -30.63 10.70 -42.16
CA TYR B 478 -29.25 11.11 -42.41
C TYR B 478 -28.82 11.11 -43.87
N GLU B 479 -27.91 12.01 -44.21
CA GLU B 479 -27.10 11.86 -45.42
C GLU B 479 -25.69 12.40 -45.16
N ILE B 480 -25.00 11.86 -44.14
CA ILE B 480 -23.72 12.38 -43.65
C ILE B 480 -22.69 12.55 -44.76
N ARG B 481 -22.29 13.80 -44.99
CA ARG B 481 -21.31 14.11 -46.01
C ARG B 481 -20.06 14.58 -45.29
N LEU B 482 -18.94 14.63 -46.00
CA LEU B 482 -17.72 15.19 -45.45
C LEU B 482 -17.37 16.41 -46.29
N VAL B 483 -16.84 17.44 -45.63
CA VAL B 483 -16.60 18.71 -46.30
C VAL B 483 -15.41 18.58 -47.25
N GLU B 484 -15.61 19.07 -48.48
CA GLU B 484 -14.67 18.85 -49.58
C GLU B 484 -13.36 19.60 -49.39
N ASP B 485 -13.35 20.65 -48.59
CA ASP B 485 -12.18 21.52 -48.41
C ASP B 485 -11.84 21.57 -46.93
N GLY B 486 -11.66 20.39 -46.35
CA GLY B 486 -11.83 20.16 -44.92
C GLY B 486 -11.04 21.00 -43.94
N LYS B 487 -11.76 21.95 -43.36
CA LYS B 487 -11.31 22.87 -42.33
C LYS B 487 -12.53 23.14 -41.47
N TYR B 488 -12.34 23.90 -40.38
CA TYR B 488 -13.49 24.30 -39.60
C TYR B 488 -14.15 25.53 -40.19
N GLY B 489 -13.41 26.63 -40.27
CA GLY B 489 -13.92 27.84 -40.89
C GLY B 489 -13.25 29.10 -40.39
N ALA B 490 -12.98 30.03 -41.29
CA ALA B 490 -12.37 31.30 -40.93
C ALA B 490 -12.68 32.32 -42.02
N GLN B 491 -12.16 33.53 -41.84
CA GLN B 491 -12.29 34.58 -42.83
C GLN B 491 -11.33 34.35 -43.99
N ASP B 492 -11.40 35.27 -44.95
CA ASP B 492 -10.41 35.39 -46.01
C ASP B 492 -9.53 36.61 -45.84
N ASP B 493 -10.08 37.67 -45.23
CA ASP B 493 -9.49 38.99 -44.96
C ASP B 493 -9.28 39.82 -46.23
N VAL B 494 -9.55 39.27 -47.41
CA VAL B 494 -9.55 40.01 -48.66
C VAL B 494 -10.91 39.95 -49.35
N ASN B 495 -11.59 38.81 -49.28
CA ASN B 495 -12.90 38.63 -49.89
C ASN B 495 -13.96 38.27 -48.86
N GLY B 496 -13.60 38.19 -47.58
CA GLY B 496 -14.51 37.73 -46.55
C GLY B 496 -14.55 36.22 -46.56
N GLN B 497 -15.33 35.67 -47.51
CA GLN B 497 -15.16 34.38 -48.17
C GLN B 497 -14.82 33.22 -47.23
N TRP B 498 -15.79 32.79 -46.42
CA TRP B 498 -15.64 31.71 -45.45
C TRP B 498 -15.14 30.39 -46.03
N ASN B 499 -14.66 29.51 -45.17
CA ASN B 499 -14.18 28.20 -45.58
C ASN B 499 -14.79 27.14 -44.66
N GLY B 500 -14.42 25.89 -44.93
CA GLY B 500 -14.76 24.81 -44.03
C GLY B 500 -16.24 24.45 -44.03
N MET B 501 -16.74 24.10 -42.85
CA MET B 501 -18.13 23.70 -42.73
C MET B 501 -19.07 24.90 -42.83
N VAL B 502 -18.73 26.00 -42.16
CA VAL B 502 -19.65 27.13 -42.04
C VAL B 502 -19.82 27.91 -43.33
N ARG B 503 -18.95 27.69 -44.33
CA ARG B 503 -19.20 28.24 -45.66
C ARG B 503 -20.39 27.53 -46.30
N GLU B 504 -20.59 26.25 -45.98
CA GLU B 504 -21.69 25.50 -46.56
C GLU B 504 -23.02 25.83 -45.90
N LEU B 505 -22.99 26.24 -44.63
CA LEU B 505 -24.24 26.53 -43.94
C LEU B 505 -24.84 27.86 -44.37
N ILE B 506 -24.04 28.75 -44.95
CA ILE B 506 -24.56 30.02 -45.44
C ILE B 506 -25.40 29.81 -46.70
N ASP B 507 -24.87 29.04 -47.65
CA ASP B 507 -25.54 28.89 -48.94
C ASP B 507 -26.67 27.88 -48.93
N HIS B 508 -26.99 27.30 -47.77
CA HIS B 508 -28.04 26.29 -47.59
C HIS B 508 -27.80 25.05 -48.44
N LYS B 509 -26.55 24.75 -48.76
CA LYS B 509 -26.18 23.49 -49.38
C LYS B 509 -25.94 22.40 -48.35
N ALA B 510 -26.39 22.61 -47.12
CA ALA B 510 -26.08 21.73 -46.02
C ALA B 510 -27.18 21.87 -44.99
N ASP B 511 -26.91 21.34 -43.80
CA ASP B 511 -27.84 21.28 -42.69
C ASP B 511 -27.04 21.32 -41.41
N LEU B 512 -27.60 20.77 -40.34
CA LEU B 512 -26.94 20.55 -39.05
C LEU B 512 -25.51 20.07 -39.21
N ALA B 513 -24.60 20.66 -38.44
CA ALA B 513 -23.18 20.49 -38.68
C ALA B 513 -22.49 19.95 -37.45
N VAL B 514 -23.04 18.87 -36.90
CA VAL B 514 -22.60 18.28 -35.64
C VAL B 514 -21.17 17.78 -35.78
N ALA B 515 -20.25 18.42 -35.06
CA ALA B 515 -18.82 18.30 -35.30
C ALA B 515 -18.09 18.89 -34.09
N PRO B 516 -16.73 18.82 -34.02
CA PRO B 516 -16.00 19.65 -33.05
C PRO B 516 -15.91 21.12 -33.42
N LEU B 517 -17.06 21.75 -33.62
CA LEU B 517 -17.11 23.15 -34.00
C LEU B 517 -17.29 23.99 -32.75
N ALA B 518 -16.49 25.05 -32.63
CA ALA B 518 -16.42 25.83 -31.41
C ALA B 518 -17.18 27.13 -31.57
N ILE B 519 -17.86 27.55 -30.51
CA ILE B 519 -18.62 28.80 -30.51
C ILE B 519 -17.65 29.97 -30.38
N THR B 520 -17.72 30.90 -31.32
CA THR B 520 -16.86 32.07 -31.32
C THR B 520 -17.72 33.25 -31.79
N TYR B 521 -17.39 34.44 -31.29
CA TYR B 521 -18.12 35.67 -31.60
C TYR B 521 -18.22 35.95 -33.10
N VAL B 522 -17.19 35.58 -33.86
CA VAL B 522 -17.24 35.84 -35.30
C VAL B 522 -18.20 34.88 -35.97
N ARG B 523 -18.23 33.63 -35.53
CA ARG B 523 -19.09 32.62 -36.15
C ARG B 523 -20.55 32.84 -35.81
N GLU B 524 -20.83 33.29 -34.58
CA GLU B 524 -22.22 33.43 -34.12
C GLU B 524 -22.92 34.58 -34.82
N LYS B 525 -22.18 35.60 -35.26
CA LYS B 525 -22.77 36.69 -36.03
C LYS B 525 -23.20 36.28 -37.42
N VAL B 526 -22.84 35.09 -37.88
CA VAL B 526 -23.14 34.64 -39.23
C VAL B 526 -24.22 33.58 -39.25
N ILE B 527 -23.97 32.42 -38.62
CA ILE B 527 -24.96 31.37 -38.80
C ILE B 527 -25.94 31.21 -37.63
N ASP B 528 -25.57 30.43 -36.60
CA ASP B 528 -26.26 30.13 -35.35
C ASP B 528 -25.45 29.08 -34.62
N PHE B 529 -25.74 28.86 -33.35
CA PHE B 529 -25.28 27.66 -32.64
C PHE B 529 -26.35 27.22 -31.67
N SER B 530 -26.28 25.95 -31.29
CA SER B 530 -27.09 25.45 -30.20
C SER B 530 -26.41 25.77 -28.89
N LYS B 531 -27.03 25.39 -27.80
CA LYS B 531 -26.32 25.53 -26.54
C LYS B 531 -25.33 24.38 -26.38
N PRO B 532 -24.19 24.62 -25.75
CA PRO B 532 -23.07 23.68 -25.86
C PRO B 532 -23.29 22.36 -25.15
N PHE B 533 -22.67 21.32 -25.72
CA PHE B 533 -22.77 19.96 -25.22
C PHE B 533 -21.45 19.42 -24.71
N MET B 534 -20.39 20.23 -24.71
CA MET B 534 -19.11 19.83 -24.16
C MET B 534 -18.33 21.09 -23.82
N THR B 535 -17.82 21.15 -22.60
CA THR B 535 -17.02 22.27 -22.15
C THR B 535 -15.54 21.95 -22.27
N LEU B 536 -14.74 22.98 -22.55
CA LEU B 536 -13.32 22.79 -22.78
C LEU B 536 -12.61 24.12 -22.59
N GLY B 537 -11.31 24.04 -22.35
CA GLY B 537 -10.46 25.20 -22.21
C GLY B 537 -9.07 24.87 -22.68
N ILE B 538 -8.14 25.79 -22.43
CA ILE B 538 -6.75 25.62 -22.78
C ILE B 538 -5.99 25.21 -21.53
N SER B 539 -5.26 24.09 -21.59
CA SER B 539 -4.41 23.68 -20.49
C SER B 539 -3.12 23.13 -21.05
N ILE B 540 -2.26 22.65 -20.15
CA ILE B 540 -0.85 22.43 -20.46
C ILE B 540 -0.57 20.92 -20.45
N LEU B 541 -0.01 20.44 -21.55
CA LEU B 541 0.49 19.08 -21.65
C LEU B 541 1.99 19.08 -21.38
N TYR B 542 2.47 18.05 -20.68
CA TYR B 542 3.86 18.01 -20.23
C TYR B 542 4.20 16.56 -19.90
N ARG B 543 5.50 16.26 -19.91
CA ARG B 543 6.00 14.94 -19.54
C ARG B 543 5.66 14.61 -18.10
N LYS B 544 5.25 13.36 -17.86
CA LYS B 544 5.01 12.89 -16.49
C LYS B 544 6.32 12.88 -15.72
N PRO B 545 6.32 13.26 -14.44
CA PRO B 545 7.53 13.16 -13.62
C PRO B 545 7.97 11.71 -13.48
N ASN B 546 9.19 11.43 -13.93
CA ASN B 546 9.61 10.05 -14.14
C ASN B 546 10.25 9.47 -12.88
N GLY B 547 11.25 10.17 -12.33
CA GLY B 547 11.93 9.73 -11.15
C GLY B 547 13.16 8.88 -11.40
N THR B 548 13.85 9.06 -12.53
CA THR B 548 15.01 8.25 -12.85
C THR B 548 16.23 9.16 -13.00
N ASN B 549 16.15 10.33 -12.39
CA ASN B 549 17.27 11.24 -12.17
C ASN B 549 17.04 12.00 -10.88
N PRO B 550 17.21 11.38 -9.71
CA PRO B 550 16.89 12.08 -8.45
C PRO B 550 17.95 13.06 -8.01
N GLY B 551 19.08 13.14 -8.70
CA GLY B 551 20.18 13.94 -8.22
C GLY B 551 21.22 13.01 -7.61
N VAL B 552 22.49 13.39 -7.75
CA VAL B 552 23.55 12.51 -7.28
C VAL B 552 23.70 12.61 -5.77
N PHE B 553 23.32 13.74 -5.16
CA PHE B 553 23.30 13.87 -3.71
C PHE B 553 21.87 13.66 -3.24
N SER B 554 21.39 12.43 -3.41
CA SER B 554 20.03 12.10 -3.02
C SER B 554 19.92 11.56 -1.62
N PHE B 555 21.03 11.14 -1.01
CA PHE B 555 20.98 10.57 0.33
C PHE B 555 20.80 11.61 1.42
N LEU B 556 20.87 12.90 1.11
CA LEU B 556 20.63 13.91 2.13
C LEU B 556 19.15 14.06 2.43
N ASN B 557 18.31 13.60 1.51
CA ASN B 557 16.87 13.82 1.59
C ASN B 557 16.11 13.30 2.82
N PRO B 558 16.48 12.19 3.49
CA PRO B 558 15.67 11.78 4.65
C PRO B 558 15.74 12.71 5.85
N LEU B 559 16.77 13.54 5.96
CA LEU B 559 16.80 14.52 7.02
C LEU B 559 16.71 15.93 6.44
N SER B 560 16.13 16.83 7.21
CA SER B 560 16.06 18.22 6.81
C SER B 560 17.45 18.85 6.86
N PRO B 561 17.75 19.78 5.95
CA PRO B 561 19.07 20.43 5.96
C PRO B 561 19.34 21.33 7.15
N ASP B 562 18.33 21.62 7.98
CA ASP B 562 18.61 22.22 9.27
C ASP B 562 19.34 21.25 10.18
N ILE B 563 18.90 19.99 10.19
CA ILE B 563 19.43 18.99 11.11
C ILE B 563 20.84 18.58 10.74
N TRP B 564 21.14 18.50 9.43
CA TRP B 564 22.52 18.27 9.01
C TRP B 564 23.44 19.40 9.43
N MET B 565 22.93 20.62 9.48
CA MET B 565 23.72 21.71 10.07
C MET B 565 23.76 21.58 11.58
N TYR B 566 22.72 21.02 12.19
CA TYR B 566 22.64 21.02 13.65
C TYR B 566 23.50 19.93 14.28
N VAL B 567 23.72 18.81 13.59
CA VAL B 567 24.55 17.79 14.18
C VAL B 567 26.03 18.18 14.11
N LEU B 568 26.42 18.98 13.12
CA LEU B 568 27.77 19.51 13.13
C LEU B 568 27.95 20.53 14.24
N LEU B 569 26.92 21.34 14.48
CA LEU B 569 26.99 22.26 15.62
C LEU B 569 26.90 21.51 16.94
N ALA B 570 26.33 20.31 16.93
CA ALA B 570 26.37 19.48 18.12
C ALA B 570 27.73 18.82 18.29
N CYS B 571 28.28 18.25 17.21
CA CYS B 571 29.53 17.51 17.30
C CYS B 571 30.70 18.43 17.56
N LEU B 572 30.70 19.62 16.95
CA LEU B 572 31.67 20.63 17.35
C LEU B 572 31.34 21.18 18.73
N GLY B 573 30.09 21.12 19.14
CA GLY B 573 29.68 21.66 20.41
C GLY B 573 30.03 20.77 21.58
N VAL B 574 29.65 19.49 21.48
CA VAL B 574 29.84 18.55 22.59
C VAL B 574 31.32 18.29 22.83
N SER B 575 32.12 18.27 21.77
CA SER B 575 33.55 18.06 21.91
C SER B 575 34.22 19.20 22.65
N CYS B 576 33.74 20.43 22.46
CA CYS B 576 34.28 21.56 23.21
C CYS B 576 33.91 21.46 24.69
N VAL B 577 32.69 20.99 24.99
CA VAL B 577 32.31 20.85 26.39
C VAL B 577 32.99 19.64 27.00
N LEU B 578 33.32 18.65 26.17
CA LEU B 578 34.11 17.51 26.64
C LEU B 578 35.50 17.94 27.04
N PHE B 579 36.07 18.90 26.30
CA PHE B 579 37.42 19.38 26.59
C PHE B 579 37.48 20.20 27.87
N VAL B 580 36.42 20.94 28.18
CA VAL B 580 36.42 21.77 29.38
C VAL B 580 36.31 20.90 30.63
N ILE B 581 35.39 19.93 30.60
CA ILE B 581 35.13 19.12 31.78
C ILE B 581 36.29 18.17 32.07
N ALA B 582 36.98 17.72 31.01
CA ALA B 582 38.10 16.80 31.19
C ALA B 582 39.27 17.47 31.88
N ARG B 583 39.43 18.78 31.67
CA ARG B 583 40.43 19.49 32.45
C ARG B 583 39.90 19.92 33.80
N PHE B 584 38.60 20.13 33.91
CA PHE B 584 38.04 20.59 35.17
C PHE B 584 37.93 19.47 36.19
N SER B 585 37.89 18.23 35.75
CA SER B 585 37.65 17.11 36.67
C SER B 585 38.96 16.60 37.23
N PRO B 586 39.10 16.48 38.54
CA PRO B 586 40.37 16.01 39.11
C PRO B 586 40.59 14.52 38.90
N TYR B 587 39.51 13.75 38.76
CA TYR B 587 39.69 12.31 38.58
C TYR B 587 40.09 11.92 37.18
N GLU B 588 40.09 12.85 36.23
CA GLU B 588 40.59 12.52 34.91
C GLU B 588 42.11 12.53 34.87
N TRP B 589 42.74 13.31 35.74
CA TRP B 589 44.19 13.43 35.83
C TRP B 589 44.75 12.15 36.41
N TYR B 590 44.84 11.12 35.58
CA TYR B 590 45.17 9.79 36.07
C TYR B 590 46.66 9.51 35.86
N ASN B 591 47.07 8.30 36.22
CA ASN B 591 48.47 7.91 36.15
C ASN B 591 48.72 7.12 34.88
N PRO B 592 49.59 7.56 33.99
CA PRO B 592 50.00 6.72 32.87
C PRO B 592 51.03 5.70 33.28
N HIS B 593 51.56 4.95 32.31
CA HIS B 593 52.65 3.98 32.43
C HIS B 593 52.37 2.94 33.52
N PRO B 594 51.48 1.97 33.26
CA PRO B 594 51.16 0.97 34.31
C PRO B 594 52.30 0.02 34.63
N CYS B 595 53.27 -0.13 33.73
CA CYS B 595 54.46 -0.92 34.05
C CYS B 595 55.28 -0.28 35.15
N ASN B 596 55.21 1.04 35.30
CA ASN B 596 55.97 1.77 36.31
C ASN B 596 55.02 2.54 37.21
N PRO B 597 54.68 2.01 38.39
CA PRO B 597 53.92 2.81 39.35
C PRO B 597 54.82 3.74 40.17
N ASP B 598 54.20 4.49 41.08
CA ASP B 598 54.86 5.36 42.06
C ASP B 598 55.73 6.43 41.39
N SER B 599 55.08 7.31 40.64
CA SER B 599 55.77 8.35 39.92
C SER B 599 55.03 9.67 40.13
N ASP B 600 55.42 10.69 39.37
CA ASP B 600 54.79 12.00 39.39
C ASP B 600 54.10 12.28 38.06
N VAL B 601 54.12 11.33 37.14
CA VAL B 601 53.59 11.53 35.81
C VAL B 601 52.06 11.55 35.83
N VAL B 602 51.48 12.33 34.93
CA VAL B 602 50.04 12.47 34.86
C VAL B 602 49.67 12.86 33.43
N GLU B 603 48.65 12.19 32.90
CA GLU B 603 48.13 12.52 31.58
C GLU B 603 46.66 12.89 31.68
N ASN B 604 46.20 13.57 30.64
CA ASN B 604 44.86 14.13 30.54
C ASN B 604 44.34 13.91 29.14
N ASN B 605 44.40 12.66 28.67
CA ASN B 605 44.39 12.23 27.27
C ASN B 605 43.48 12.99 26.31
N PHE B 606 42.35 13.48 26.82
CA PHE B 606 41.53 14.40 26.06
C PHE B 606 42.25 15.73 25.84
N THR B 607 42.79 15.94 24.65
CA THR B 607 43.25 17.24 24.21
C THR B 607 42.07 17.95 23.55
N LEU B 608 42.35 19.05 22.87
CA LEU B 608 41.33 19.56 21.97
C LEU B 608 41.20 18.67 20.75
N LEU B 609 42.31 18.09 20.30
CA LEU B 609 42.27 17.24 19.12
C LEU B 609 41.55 15.92 19.39
N ASN B 610 41.85 15.28 20.52
CA ASN B 610 41.20 14.03 20.85
C ASN B 610 39.73 14.21 21.21
N SER B 611 39.34 15.40 21.66
CA SER B 611 37.95 15.61 22.03
C SER B 611 37.05 15.66 20.81
N PHE B 612 37.51 16.28 19.72
CA PHE B 612 36.76 16.17 18.47
C PHE B 612 36.79 14.74 17.94
N TRP B 613 37.87 14.02 18.19
CA TRP B 613 37.98 12.65 17.69
C TRP B 613 37.05 11.70 18.43
N PHE B 614 36.77 11.96 19.70
CA PHE B 614 35.81 11.14 20.40
C PHE B 614 34.40 11.43 19.92
N GLY B 615 34.11 12.69 19.58
CA GLY B 615 32.79 13.04 19.13
C GLY B 615 32.51 12.52 17.73
N VAL B 616 33.49 12.64 16.83
CA VAL B 616 33.36 12.09 15.50
C VAL B 616 33.37 10.58 15.55
N GLY B 617 34.14 10.02 16.47
CA GLY B 617 34.22 8.56 16.59
C GLY B 617 32.93 7.94 17.09
N ALA B 618 32.28 8.60 18.05
CA ALA B 618 31.01 8.08 18.52
C ALA B 618 29.87 8.39 17.56
N LEU B 619 30.03 9.41 16.72
CA LEU B 619 28.97 9.75 15.78
C LEU B 619 28.86 8.70 14.68
N MET B 620 29.98 8.12 14.28
CA MET B 620 30.00 7.19 13.17
C MET B 620 29.96 5.74 13.62
N GLN B 621 29.55 5.49 14.87
CA GLN B 621 29.34 4.15 15.45
C GLN B 621 30.61 3.31 15.47
N GLN B 622 31.79 3.90 15.49
CA GLN B 622 33.00 3.10 15.40
C GLN B 622 33.77 3.02 16.71
N GLY B 623 33.32 3.70 17.75
CA GLY B 623 34.08 3.71 18.99
C GLY B 623 35.33 4.54 18.86
N SER B 624 36.23 4.38 19.83
CA SER B 624 37.52 5.04 19.79
C SER B 624 38.51 4.22 20.60
N GLU B 625 39.77 4.66 20.60
CA GLU B 625 40.80 4.02 21.39
C GLU B 625 40.88 4.56 22.80
N LEU B 626 40.38 5.77 23.03
CA LEU B 626 40.31 6.32 24.36
C LEU B 626 38.87 6.32 24.84
N MET B 627 38.70 6.40 26.15
CA MET B 627 37.36 6.31 26.69
C MET B 627 37.36 7.05 28.02
N PRO B 628 36.30 7.76 28.37
CA PRO B 628 36.29 8.52 29.62
C PRO B 628 36.29 7.63 30.85
N LYS B 629 37.16 7.95 31.79
CA LYS B 629 37.00 7.57 33.19
C LYS B 629 36.27 8.73 33.87
N ALA B 630 36.32 8.80 35.21
CA ALA B 630 36.03 10.04 35.94
C ALA B 630 34.62 10.60 35.75
N LEU B 631 33.63 10.01 36.42
CA LEU B 631 32.19 10.03 36.15
C LEU B 631 31.58 11.28 35.51
N SER B 632 32.09 12.47 35.84
CA SER B 632 31.52 13.70 35.31
C SER B 632 31.68 13.82 33.80
N THR B 633 32.65 13.14 33.21
CA THR B 633 32.71 13.03 31.76
C THR B 633 32.24 11.68 31.25
N ARG B 634 31.63 10.85 32.11
CA ARG B 634 30.93 9.68 31.61
C ARG B 634 29.54 10.04 31.12
N ILE B 635 28.89 11.02 31.75
CA ILE B 635 27.56 11.45 31.33
C ILE B 635 27.62 12.05 29.93
N VAL B 636 28.69 12.80 29.63
CA VAL B 636 28.86 13.39 28.31
C VAL B 636 28.99 12.32 27.25
N GLY B 637 29.82 11.31 27.51
CA GLY B 637 29.91 10.18 26.61
C GLY B 637 28.65 9.33 26.65
N GLY B 638 27.92 9.35 27.76
CA GLY B 638 26.68 8.61 27.82
C GLY B 638 25.59 9.24 26.98
N ILE B 639 25.38 10.55 27.16
CA ILE B 639 24.25 11.19 26.50
C ILE B 639 24.54 11.44 25.03
N TRP B 640 25.82 11.54 24.62
CA TRP B 640 26.13 11.68 23.21
C TRP B 640 25.94 10.38 22.47
N TRP B 641 26.12 9.24 23.14
CA TRP B 641 25.84 7.95 22.52
C TRP B 641 24.36 7.78 22.23
N PHE B 642 23.51 8.14 23.17
CA PHE B 642 22.07 8.08 22.96
C PHE B 642 21.61 9.10 21.93
N PHE B 643 22.35 10.19 21.74
CA PHE B 643 22.04 11.11 20.66
C PHE B 643 22.29 10.46 19.31
N THR B 644 23.41 9.76 19.16
CA THR B 644 23.74 9.19 17.87
C THR B 644 22.90 7.97 17.53
N LEU B 645 22.43 7.25 18.54
CA LEU B 645 21.62 6.08 18.27
C LEU B 645 20.26 6.46 17.71
N ILE B 646 19.70 7.58 18.16
CA ILE B 646 18.41 8.01 17.66
C ILE B 646 18.51 8.57 16.25
N ILE B 647 19.60 9.29 15.95
CA ILE B 647 19.75 9.93 14.65
C ILE B 647 19.93 8.88 13.56
N ILE B 648 20.85 7.94 13.77
CA ILE B 648 21.15 6.95 12.75
C ILE B 648 19.99 5.98 12.56
N SER B 649 19.27 5.68 13.63
CA SER B 649 18.04 4.90 13.46
C SER B 649 16.96 5.72 12.78
N SER B 650 16.98 7.04 12.94
CA SER B 650 16.02 7.86 12.22
C SER B 650 16.41 8.01 10.76
N TYR B 651 17.71 8.02 10.47
CA TYR B 651 18.12 8.11 9.08
C TYR B 651 17.83 6.81 8.33
N THR B 652 18.02 5.68 9.00
CA THR B 652 17.78 4.39 8.34
C THR B 652 16.28 4.17 8.12
N ALA B 653 15.46 4.58 9.09
CA ALA B 653 14.03 4.36 8.97
C ALA B 653 13.40 5.26 7.91
N ASN B 654 13.81 6.53 7.87
CA ASN B 654 13.21 7.44 6.90
C ASN B 654 13.70 7.17 5.49
N LEU B 655 14.94 6.70 5.34
CA LEU B 655 15.41 6.30 4.02
C LEU B 655 14.67 5.06 3.54
N ALA B 656 14.25 4.19 4.46
CA ALA B 656 13.42 3.07 4.08
C ALA B 656 12.02 3.53 3.70
N ALA B 657 11.58 4.68 4.19
CA ALA B 657 10.28 5.19 3.80
C ALA B 657 10.29 5.74 2.38
N PHE B 658 11.42 6.27 1.93
CA PHE B 658 11.49 6.81 0.57
C PHE B 658 11.48 5.70 -0.46
N LEU B 659 12.25 4.64 -0.22
CA LEU B 659 12.40 3.62 -1.23
C LEU B 659 11.19 2.69 -1.28
N THR B 660 10.31 2.75 -0.28
CA THR B 660 9.09 1.97 -0.32
C THR B 660 8.02 2.67 -1.15
N VAL B 661 7.63 3.88 -0.75
CA VAL B 661 6.61 4.63 -1.46
C VAL B 661 7.27 5.86 -2.06
N GLU B 662 7.56 5.79 -3.35
CA GLU B 662 8.09 6.94 -4.06
C GLU B 662 6.98 7.92 -4.34
N ARG B 663 7.33 9.20 -4.36
CA ARG B 663 6.34 10.26 -4.57
C ARG B 663 7.00 11.33 -5.43
N MET B 664 6.83 11.21 -6.74
CA MET B 664 7.40 12.17 -7.66
C MET B 664 6.47 13.35 -7.84
N GLU B 665 7.03 14.46 -8.33
CA GLU B 665 6.26 15.68 -8.49
C GLU B 665 6.80 16.45 -9.69
N SER B 666 6.02 17.31 -10.17
CA SER B 666 6.34 18.13 -11.32
C SER B 666 7.11 19.38 -10.91
N PRO B 667 8.00 19.86 -11.78
CA PRO B 667 8.65 21.15 -11.54
C PRO B 667 7.65 22.30 -11.54
N ILE B 668 6.89 22.42 -12.61
CA ILE B 668 5.85 23.43 -12.72
C ILE B 668 4.50 22.80 -12.43
N ASP B 669 3.60 23.61 -11.88
CA ASP B 669 2.29 23.11 -11.50
C ASP B 669 1.15 23.93 -12.11
N SER B 670 1.39 25.18 -12.50
CA SER B 670 0.35 25.99 -13.09
C SER B 670 0.98 26.85 -14.17
N ALA B 671 0.14 27.69 -14.80
CA ALA B 671 0.67 28.60 -15.78
C ALA B 671 1.52 29.69 -15.15
N ASP B 672 1.21 30.05 -13.89
CA ASP B 672 2.03 31.03 -13.19
C ASP B 672 3.41 30.46 -12.85
N ASP B 673 3.50 29.16 -12.56
CA ASP B 673 4.79 28.55 -12.31
C ASP B 673 5.61 28.44 -13.58
N LEU B 674 4.95 28.14 -14.70
CA LEU B 674 5.62 28.05 -15.99
C LEU B 674 5.95 29.42 -16.57
N ALA B 675 5.28 30.47 -16.11
CA ALA B 675 5.59 31.82 -16.59
C ALA B 675 6.95 32.28 -16.08
N LYS B 676 7.31 31.89 -14.85
CA LYS B 676 8.51 32.42 -14.22
C LYS B 676 9.77 31.77 -14.77
N GLN B 677 9.74 30.46 -15.01
CA GLN B 677 10.93 29.75 -15.43
C GLN B 677 11.26 30.03 -16.89
N THR B 678 12.53 29.78 -17.24
CA THR B 678 12.97 29.83 -18.61
C THR B 678 13.73 28.57 -19.02
N LYS B 679 13.83 27.57 -18.15
CA LYS B 679 14.49 26.33 -18.51
C LYS B 679 13.63 25.50 -19.44
N ILE B 680 12.41 25.20 -19.03
CA ILE B 680 11.40 24.64 -19.92
C ILE B 680 10.93 25.73 -20.88
N GLU B 681 10.58 25.34 -22.10
CA GLU B 681 10.13 26.29 -23.10
C GLU B 681 8.74 25.91 -23.61
N TYR B 682 8.03 26.91 -24.11
CA TYR B 682 6.58 26.86 -24.22
C TYR B 682 6.19 26.20 -25.54
N GLY B 683 4.93 26.32 -25.92
CA GLY B 683 4.49 25.79 -27.20
C GLY B 683 3.03 25.98 -27.55
N ALA B 684 2.76 26.32 -28.81
CA ALA B 684 1.40 26.52 -29.28
C ALA B 684 1.35 26.35 -30.79
N VAL B 685 0.20 25.90 -31.28
CA VAL B 685 -0.02 25.75 -32.71
C VAL B 685 -0.13 27.11 -33.36
N GLU B 686 0.64 27.32 -34.43
CA GLU B 686 0.62 28.60 -35.14
C GLU B 686 -0.71 28.80 -35.85
N ASP B 687 -1.26 30.01 -35.69
CA ASP B 687 -2.51 30.46 -36.31
C ASP B 687 -3.70 29.59 -35.88
N GLY B 688 -3.69 29.20 -34.62
CA GLY B 688 -4.79 28.41 -34.08
C GLY B 688 -5.56 29.19 -33.05
N ALA B 689 -6.52 28.54 -32.39
CA ALA B 689 -7.30 29.23 -31.37
C ALA B 689 -6.47 29.53 -30.14
N THR B 690 -5.40 28.77 -29.90
CA THR B 690 -4.57 28.98 -28.72
C THR B 690 -3.65 30.17 -28.91
N MET B 691 -3.03 30.29 -30.09
CA MET B 691 -2.09 31.39 -30.32
C MET B 691 -2.82 32.72 -30.39
N THR B 692 -4.02 32.72 -30.99
CA THR B 692 -4.81 33.95 -31.05
C THR B 692 -5.36 34.36 -29.69
N PHE B 693 -5.39 33.43 -28.72
CA PHE B 693 -5.83 33.80 -27.38
C PHE B 693 -4.80 34.66 -26.69
N PHE B 694 -3.53 34.28 -26.75
CA PHE B 694 -2.51 35.03 -26.03
C PHE B 694 -2.16 36.35 -26.69
N LYS B 695 -2.42 36.50 -27.98
CA LYS B 695 -2.20 37.79 -28.62
C LYS B 695 -3.23 38.81 -28.15
N LYS B 696 -4.45 38.35 -27.88
CA LYS B 696 -5.50 39.26 -27.44
C LYS B 696 -5.55 39.43 -25.94
N SER B 697 -4.77 38.66 -25.19
CA SER B 697 -4.89 38.69 -23.74
C SER B 697 -4.29 39.96 -23.16
N LYS B 698 -4.74 40.29 -21.95
CA LYS B 698 -4.26 41.46 -21.22
C LYS B 698 -3.92 41.12 -19.77
N ILE B 699 -3.93 39.83 -19.41
CA ILE B 699 -3.46 39.43 -18.10
C ILE B 699 -1.94 39.55 -18.06
N SER B 700 -1.41 39.98 -16.92
CA SER B 700 0.02 40.26 -16.80
C SER B 700 0.85 38.98 -16.92
N THR B 701 0.30 37.84 -16.49
CA THR B 701 1.00 36.58 -16.65
C THR B 701 1.09 36.19 -18.12
N TYR B 702 -0.03 36.24 -18.82
CA TYR B 702 -0.10 35.74 -20.18
C TYR B 702 0.58 36.68 -21.16
N ASP B 703 0.61 37.98 -20.84
CA ASP B 703 1.34 38.93 -21.68
C ASP B 703 2.84 38.69 -21.60
N LYS B 704 3.32 38.21 -20.45
CA LYS B 704 4.70 37.73 -20.38
C LYS B 704 4.89 36.49 -21.24
N MET B 705 3.87 35.63 -21.30
CA MET B 705 4.00 34.41 -22.08
C MET B 705 3.95 34.69 -23.57
N TRP B 706 3.19 35.69 -24.00
CA TRP B 706 3.21 36.05 -25.41
C TRP B 706 4.47 36.79 -25.79
N ALA B 707 5.08 37.51 -24.84
CA ALA B 707 6.37 38.13 -25.09
C ALA B 707 7.46 37.10 -25.30
N PHE B 708 7.28 35.90 -24.74
CA PHE B 708 8.22 34.82 -24.98
C PHE B 708 8.09 34.29 -26.41
N MET B 709 6.86 34.00 -26.84
CA MET B 709 6.66 33.29 -28.10
C MET B 709 6.90 34.18 -29.29
N SER B 710 6.72 35.49 -29.15
CA SER B 710 7.00 36.40 -30.25
C SER B 710 8.49 36.51 -30.51
N SER B 711 9.29 36.41 -29.46
CA SER B 711 10.73 36.47 -29.62
C SER B 711 11.26 35.20 -30.28
N ARG B 712 10.77 34.04 -29.85
CA ARG B 712 11.32 32.75 -30.25
C ARG B 712 10.40 32.01 -31.21
N ARG B 713 9.79 32.76 -32.14
CA ARG B 713 9.01 32.18 -33.23
C ARG B 713 9.91 31.33 -34.12
N GLN B 714 9.30 30.35 -34.81
CA GLN B 714 9.90 29.35 -35.69
C GLN B 714 10.77 28.35 -34.94
N SER B 715 10.73 28.35 -33.61
CA SER B 715 11.49 27.39 -32.83
C SER B 715 10.58 26.71 -31.81
N VAL B 716 9.58 27.44 -31.32
CA VAL B 716 8.66 26.89 -30.34
C VAL B 716 7.23 26.81 -30.85
N LEU B 717 6.88 27.54 -31.91
CA LEU B 717 5.53 27.48 -32.47
C LEU B 717 5.48 26.34 -33.48
N VAL B 718 4.82 25.25 -33.09
CA VAL B 718 4.66 24.11 -33.96
C VAL B 718 3.70 24.46 -35.09
N LYS B 719 3.67 23.60 -36.12
CA LYS B 719 2.79 23.83 -37.26
C LYS B 719 1.61 22.87 -37.29
N SER B 720 1.54 21.91 -36.38
CA SER B 720 0.42 20.97 -36.35
C SER B 720 0.33 20.37 -34.96
N ASN B 721 -0.83 19.79 -34.65
CA ASN B 721 -1.02 19.17 -33.34
C ASN B 721 -0.14 17.94 -33.17
N GLU B 722 -0.09 17.07 -34.19
CA GLU B 722 0.62 15.81 -34.07
C GLU B 722 2.13 16.01 -33.97
N GLU B 723 2.66 17.05 -34.61
CA GLU B 723 4.04 17.41 -34.40
C GLU B 723 4.25 18.01 -33.01
N GLY B 724 3.19 18.53 -32.39
CA GLY B 724 3.32 19.15 -31.09
C GLY B 724 3.55 18.15 -29.96
N ILE B 725 2.91 16.98 -30.04
CA ILE B 725 3.15 15.93 -29.06
C ILE B 725 4.59 15.43 -29.17
N GLN B 726 5.11 15.33 -30.39
CA GLN B 726 6.47 14.86 -30.61
C GLN B 726 7.51 15.81 -30.03
N ARG B 727 7.20 17.11 -29.94
CA ARG B 727 8.09 18.03 -29.28
C ARG B 727 8.12 17.78 -27.77
N VAL B 728 6.98 17.43 -27.18
CA VAL B 728 6.96 17.05 -25.78
C VAL B 728 7.64 15.71 -25.58
N LEU B 729 7.30 14.74 -26.43
CA LEU B 729 7.72 13.37 -26.22
C LEU B 729 9.21 13.18 -26.47
N THR B 730 9.82 14.02 -27.30
CA THR B 730 11.27 13.96 -27.48
C THR B 730 11.99 14.95 -26.58
N SER B 731 11.76 16.25 -26.78
CA SER B 731 12.58 17.26 -26.13
C SER B 731 11.99 17.67 -24.79
N ASP B 732 12.66 18.59 -24.12
CA ASP B 732 12.13 19.26 -22.94
C ASP B 732 11.28 20.44 -23.40
N TYR B 733 9.98 20.38 -23.11
CA TYR B 733 9.02 21.17 -23.86
C TYR B 733 7.71 21.15 -23.10
N ALA B 734 6.88 22.15 -23.36
CA ALA B 734 5.53 22.21 -22.81
C ALA B 734 4.59 22.63 -23.92
N PHE B 735 3.38 22.07 -23.94
CA PHE B 735 2.47 22.30 -25.05
C PHE B 735 1.11 22.74 -24.55
N LEU B 736 0.46 23.60 -25.32
CA LEU B 736 -0.80 24.23 -24.92
C LEU B 736 -1.82 24.03 -26.02
N MET B 737 -2.72 23.07 -25.85
CA MET B 737 -3.81 22.81 -26.76
C MET B 737 -5.12 22.84 -25.98
N GLU B 738 -6.21 22.44 -26.63
CA GLU B 738 -7.50 22.39 -25.96
C GLU B 738 -7.55 21.23 -24.97
N SER B 739 -8.41 21.36 -23.97
CA SER B 739 -8.35 20.42 -22.85
C SER B 739 -8.94 19.06 -23.20
N THR B 740 -9.88 18.99 -24.16
CA THR B 740 -10.43 17.70 -24.53
C THR B 740 -9.43 16.86 -25.28
N THR B 741 -8.64 17.50 -26.15
CA THR B 741 -7.62 16.77 -26.89
C THR B 741 -6.51 16.28 -25.96
N ILE B 742 -6.26 17.00 -24.87
CA ILE B 742 -5.35 16.50 -23.84
C ILE B 742 -5.93 15.27 -23.16
N GLU B 743 -7.21 15.31 -22.80
CA GLU B 743 -7.80 14.23 -22.03
C GLU B 743 -7.94 12.93 -22.82
N PHE B 744 -7.79 12.98 -24.15
CA PHE B 744 -7.72 11.74 -24.91
C PHE B 744 -6.29 11.21 -25.00
N VAL B 745 -5.33 12.11 -25.25
CA VAL B 745 -3.95 11.71 -25.46
C VAL B 745 -3.35 11.18 -24.17
N THR B 746 -3.71 11.80 -23.04
CA THR B 746 -3.22 11.32 -21.74
C THR B 746 -3.81 9.98 -21.34
N GLN B 747 -4.91 9.57 -21.95
CA GLN B 747 -5.40 8.22 -21.70
C GLN B 747 -4.71 7.21 -22.60
N ARG B 748 -4.34 7.62 -23.82
CA ARG B 748 -3.64 6.70 -24.72
C ARG B 748 -2.21 6.48 -24.27
N ASN B 749 -1.41 7.53 -24.24
CA ASN B 749 -0.04 7.42 -23.81
C ASN B 749 0.05 7.59 -22.30
N CYS B 750 1.04 6.93 -21.70
CA CYS B 750 1.31 7.05 -20.28
C CYS B 750 2.52 7.91 -20.00
N ASN B 751 3.21 8.41 -21.03
CA ASN B 751 4.40 9.21 -20.78
C ASN B 751 4.06 10.60 -20.26
N LEU B 752 2.84 11.08 -20.48
CA LEU B 752 2.56 12.50 -20.34
C LEU B 752 1.20 12.74 -19.69
N THR B 753 1.08 13.85 -18.97
CA THR B 753 -0.12 14.20 -18.22
C THR B 753 -0.55 15.63 -18.53
N GLN B 754 -1.56 16.09 -17.78
CA GLN B 754 -2.07 17.45 -17.84
C GLN B 754 -1.59 18.20 -16.61
N ILE B 755 -1.15 19.44 -16.81
CA ILE B 755 -0.62 20.26 -15.74
C ILE B 755 -1.51 21.49 -15.59
N GLY B 756 -2.15 21.60 -14.44
CA GLY B 756 -2.90 22.78 -14.11
C GLY B 756 -4.36 22.67 -14.44
N GLY B 757 -5.08 23.77 -14.24
CA GLY B 757 -6.49 23.86 -14.54
C GLY B 757 -6.73 24.45 -15.92
N LEU B 758 -7.99 24.72 -16.19
CA LEU B 758 -8.37 25.29 -17.47
C LEU B 758 -8.13 26.79 -17.46
N ILE B 759 -7.53 27.30 -18.52
CA ILE B 759 -7.28 28.73 -18.61
C ILE B 759 -8.49 29.45 -19.18
N ASP B 760 -8.87 29.12 -20.40
CA ASP B 760 -9.98 29.77 -21.08
C ASP B 760 -11.23 28.93 -20.84
N SER B 761 -12.34 29.32 -21.43
CA SER B 761 -13.55 28.50 -21.42
C SER B 761 -14.30 28.74 -22.72
N LYS B 762 -14.47 27.68 -23.50
CA LYS B 762 -15.26 27.73 -24.72
C LYS B 762 -16.07 26.44 -24.81
N GLY B 763 -16.83 26.30 -25.88
CA GLY B 763 -17.76 25.19 -25.99
C GLY B 763 -17.86 24.67 -27.40
N TYR B 764 -18.23 23.41 -27.51
CA TYR B 764 -18.59 22.79 -28.78
C TYR B 764 -20.09 22.84 -28.97
N GLY B 765 -20.51 23.05 -30.21
CA GLY B 765 -21.92 23.26 -30.46
C GLY B 765 -22.39 22.85 -31.84
N VAL B 766 -23.64 22.40 -31.91
CA VAL B 766 -24.23 21.95 -33.16
C VAL B 766 -24.48 23.15 -34.06
N GLY B 767 -23.87 23.14 -35.25
CA GLY B 767 -24.10 24.20 -36.21
C GLY B 767 -25.49 24.13 -36.80
N THR B 768 -25.96 25.27 -37.29
CA THR B 768 -27.30 25.43 -37.83
C THR B 768 -27.33 26.68 -38.69
N PRO B 769 -27.93 26.64 -39.88
CA PRO B 769 -28.04 27.85 -40.70
C PRO B 769 -28.90 28.91 -40.04
N MET B 770 -28.72 30.15 -40.50
CA MET B 770 -29.28 31.34 -39.86
C MET B 770 -30.80 31.34 -40.04
N GLY B 771 -31.52 31.09 -38.95
CA GLY B 771 -32.96 31.15 -38.96
C GLY B 771 -33.65 29.80 -39.01
N SER B 772 -32.90 28.71 -39.07
CA SER B 772 -33.52 27.40 -39.13
C SER B 772 -34.12 27.04 -37.76
N PRO B 773 -35.30 26.44 -37.73
CA PRO B 773 -35.94 26.10 -36.46
C PRO B 773 -35.33 24.92 -35.74
N TYR B 774 -34.36 24.23 -36.34
CA TYR B 774 -33.72 23.12 -35.68
C TYR B 774 -32.78 23.55 -34.57
N ARG B 775 -32.48 24.85 -34.45
CA ARG B 775 -31.66 25.32 -33.34
C ARG B 775 -32.35 25.10 -32.01
N ASP B 776 -33.59 25.55 -31.89
CA ASP B 776 -34.31 25.45 -30.63
C ASP B 776 -34.75 24.02 -30.34
N LYS B 777 -34.84 23.18 -31.36
CA LYS B 777 -35.28 21.80 -31.14
C LYS B 777 -34.16 20.98 -30.50
N ILE B 778 -32.93 21.12 -31.03
CA ILE B 778 -31.79 20.40 -30.49
C ILE B 778 -31.43 20.93 -29.11
N THR B 779 -31.68 22.24 -28.87
CA THR B 779 -31.42 22.84 -27.58
C THR B 779 -32.26 22.20 -26.48
N ILE B 780 -33.52 21.92 -26.78
CA ILE B 780 -34.35 21.08 -25.90
C ILE B 780 -33.76 19.68 -25.81
N ALA B 781 -33.26 19.16 -26.93
CA ALA B 781 -32.85 17.77 -27.00
C ALA B 781 -31.58 17.50 -26.20
N ILE B 782 -30.61 18.41 -26.29
CA ILE B 782 -29.33 18.21 -25.58
C ILE B 782 -29.55 18.28 -24.07
N LEU B 783 -30.43 19.19 -23.63
CA LEU B 783 -30.78 19.24 -22.21
C LEU B 783 -31.52 18.00 -21.75
N GLN B 784 -32.25 17.34 -22.66
CA GLN B 784 -32.91 16.09 -22.29
C GLN B 784 -31.89 15.00 -22.04
N LEU B 785 -30.93 14.83 -22.96
CA LEU B 785 -29.91 13.80 -22.82
C LEU B 785 -28.99 14.05 -21.65
N GLN B 786 -28.87 15.31 -21.21
CA GLN B 786 -28.04 15.63 -20.05
C GLN B 786 -28.66 15.08 -18.77
N GLU B 787 -29.98 14.99 -18.72
CA GLU B 787 -30.66 14.66 -17.47
C GLU B 787 -30.47 13.20 -17.09
N GLU B 788 -30.52 12.29 -18.06
CA GLU B 788 -30.20 10.90 -17.74
C GLU B 788 -28.70 10.72 -17.59
N GLY B 789 -27.91 11.55 -18.25
CA GLY B 789 -26.48 11.44 -18.18
C GLY B 789 -25.92 10.74 -19.40
N LYS B 790 -26.67 10.79 -20.50
CA LYS B 790 -26.25 10.13 -21.73
C LYS B 790 -25.03 10.78 -22.33
N LEU B 791 -24.83 12.09 -22.09
CA LEU B 791 -23.58 12.72 -22.50
C LEU B 791 -22.40 12.18 -21.72
N HIS B 792 -22.57 11.99 -20.41
CA HIS B 792 -21.48 11.50 -19.58
C HIS B 792 -21.20 10.03 -19.87
N MET B 793 -22.24 9.25 -20.16
CA MET B 793 -22.04 7.85 -20.50
C MET B 793 -21.32 7.69 -21.83
N MET B 794 -21.58 8.58 -22.80
CA MET B 794 -20.89 8.49 -24.07
C MET B 794 -19.45 8.96 -23.98
N LYS B 795 -19.19 9.95 -23.13
CA LYS B 795 -17.83 10.46 -22.98
C LYS B 795 -16.93 9.44 -22.28
N GLU B 796 -17.49 8.62 -21.39
CA GLU B 796 -16.73 7.52 -20.83
C GLU B 796 -16.41 6.48 -21.89
N LYS B 797 -17.25 6.36 -22.91
CA LYS B 797 -17.02 5.36 -23.95
C LYS B 797 -15.86 5.76 -24.85
N TRP B 798 -15.75 7.04 -25.17
CA TRP B 798 -14.83 7.47 -26.21
C TRP B 798 -13.62 8.23 -25.68
N TRP B 799 -13.37 8.21 -24.39
CA TRP B 799 -12.14 8.76 -23.86
C TRP B 799 -11.41 7.84 -22.90
N ARG B 800 -12.09 6.89 -22.27
CA ARG B 800 -11.39 5.94 -21.43
C ARG B 800 -10.70 4.89 -22.28
N GLY B 801 -10.04 3.96 -21.62
CA GLY B 801 -9.25 2.97 -22.33
C GLY B 801 -8.37 2.16 -21.41
N ASN B 802 -7.07 2.13 -21.72
CA ASN B 802 -6.11 1.40 -20.91
C ASN B 802 -6.00 2.01 -19.51
N GLY B 803 -6.06 3.33 -19.42
CA GLY B 803 -6.19 4.03 -18.16
C GLY B 803 -4.88 4.38 -17.48
N CYS B 804 -3.77 3.81 -17.95
CA CYS B 804 -2.43 3.85 -17.34
C CYS B 804 -2.50 3.48 -15.87
N PRO B 805 -2.73 2.22 -15.51
CA PRO B 805 -2.91 1.89 -14.09
C PRO B 805 -1.59 1.56 -13.39
N GLU B 806 -0.47 1.85 -14.05
CA GLU B 806 0.84 1.46 -13.57
C GLU B 806 1.43 2.43 -12.54
N GLU B 807 0.60 3.23 -11.88
CA GLU B 807 1.05 4.02 -10.73
C GLU B 807 0.85 3.23 -9.44
N GLU B 808 1.30 1.98 -9.48
CA GLU B 808 1.20 1.02 -8.39
C GLU B 808 2.36 0.05 -8.51
N SER B 809 2.42 -0.87 -7.55
CA SER B 809 3.19 -2.11 -7.55
C SER B 809 4.70 -1.93 -7.38
N LYS B 810 5.19 -0.69 -7.52
CA LYS B 810 6.42 -0.14 -6.95
C LYS B 810 7.63 -1.06 -7.11
N GLU B 811 8.07 -1.19 -8.37
CA GLU B 811 9.06 -2.15 -8.85
C GLU B 811 10.34 -2.29 -8.03
N ALA B 812 10.71 -1.22 -7.32
CA ALA B 812 11.77 -1.20 -6.30
C ALA B 812 13.11 -1.61 -6.90
N SER B 813 13.61 -0.76 -7.79
CA SER B 813 14.88 -1.01 -8.43
C SER B 813 16.04 -0.93 -7.44
N ALA B 814 17.15 -1.53 -7.82
CA ALA B 814 18.32 -1.55 -6.96
C ALA B 814 18.98 -0.19 -6.92
N LEU B 815 19.58 0.13 -5.78
CA LEU B 815 20.35 1.36 -5.63
C LEU B 815 21.58 1.33 -6.52
N GLY B 816 21.87 2.46 -7.15
CA GLY B 816 22.99 2.55 -8.07
C GLY B 816 23.67 3.89 -8.07
N VAL B 817 24.52 4.13 -9.07
CA VAL B 817 25.29 5.36 -9.13
C VAL B 817 24.43 6.57 -9.46
N GLN B 818 23.19 6.37 -9.91
CA GLN B 818 22.28 7.49 -10.09
C GLN B 818 21.82 8.05 -8.76
N ASN B 819 21.87 7.24 -7.70
CA ASN B 819 21.28 7.60 -6.43
C ASN B 819 22.30 7.90 -5.35
N ILE B 820 23.31 7.06 -5.17
CA ILE B 820 24.27 7.23 -4.10
C ILE B 820 25.66 7.49 -4.66
N GLY B 821 25.74 8.12 -5.82
CA GLY B 821 27.04 8.52 -6.32
C GLY B 821 27.67 9.67 -5.57
N GLY B 822 26.90 10.36 -4.72
CA GLY B 822 27.42 11.53 -4.04
C GLY B 822 28.47 11.21 -3.00
N ILE B 823 28.38 10.05 -2.36
CA ILE B 823 29.37 9.72 -1.34
C ILE B 823 30.73 9.39 -1.94
N PHE B 824 30.78 8.94 -3.20
CA PHE B 824 32.08 8.77 -3.83
C PHE B 824 32.72 10.10 -4.15
N ILE B 825 31.92 11.15 -4.29
CA ILE B 825 32.47 12.49 -4.47
C ILE B 825 33.05 13.00 -3.15
N VAL B 826 32.29 12.85 -2.05
CA VAL B 826 32.79 13.35 -0.78
C VAL B 826 33.83 12.44 -0.17
N LEU B 827 34.00 11.22 -0.69
CA LEU B 827 35.12 10.40 -0.27
C LEU B 827 36.41 10.93 -0.86
N ALA B 828 36.41 11.19 -2.17
CA ALA B 828 37.61 11.69 -2.82
C ALA B 828 37.94 13.10 -2.38
N ALA B 829 36.93 13.87 -1.99
CA ALA B 829 37.18 15.22 -1.49
C ALA B 829 37.90 15.20 -0.14
N GLY B 830 37.61 14.18 0.68
CA GLY B 830 38.29 14.08 1.96
C GLY B 830 39.75 13.68 1.80
N LEU B 831 40.04 12.82 0.84
CA LEU B 831 41.41 12.35 0.66
C LEU B 831 42.29 13.43 0.05
N VAL B 832 41.74 14.25 -0.85
CA VAL B 832 42.49 15.38 -1.37
C VAL B 832 42.69 16.42 -0.27
N LEU B 833 41.70 16.59 0.60
CA LEU B 833 41.87 17.40 1.81
C LEU B 833 42.94 16.81 2.73
N SER B 834 43.06 15.48 2.75
CA SER B 834 44.01 14.85 3.65
C SER B 834 45.45 15.08 3.21
N VAL B 835 45.70 15.08 1.90
CA VAL B 835 47.06 15.25 1.41
C VAL B 835 47.55 16.67 1.67
N PHE B 836 46.66 17.66 1.59
CA PHE B 836 47.04 19.03 1.92
C PHE B 836 47.35 19.19 3.41
N VAL B 837 46.71 18.40 4.26
CA VAL B 837 47.07 18.41 5.67
C VAL B 837 48.37 17.66 5.89
N ALA B 838 48.59 16.58 5.15
CA ALA B 838 49.80 15.77 5.34
C ALA B 838 51.04 16.51 4.88
N VAL B 839 50.92 17.35 3.85
CA VAL B 839 52.02 18.24 3.49
C VAL B 839 52.19 19.31 4.56
N GLY B 840 51.07 19.80 5.10
CA GLY B 840 51.12 20.80 6.14
C GLY B 840 51.74 20.30 7.44
N GLU B 841 51.55 19.02 7.74
CA GLU B 841 52.22 18.46 8.91
C GLU B 841 53.69 18.23 8.66
N PHE B 842 54.05 17.91 7.41
CA PHE B 842 55.45 17.66 7.10
C PHE B 842 56.25 18.95 7.08
N LEU B 843 55.65 20.04 6.63
CA LEU B 843 56.34 21.32 6.61
C LEU B 843 56.31 22.01 7.96
N TYR B 844 55.37 21.67 8.84
CA TYR B 844 55.37 22.27 10.17
C TYR B 844 56.51 21.72 11.01
N LYS B 845 56.86 20.45 10.82
CA LYS B 845 57.87 19.83 11.66
C LYS B 845 59.26 20.31 11.28
N SER B 846 59.52 20.47 9.98
CA SER B 846 60.83 20.95 9.52
C SER B 846 61.08 22.40 9.88
N LYS B 847 60.04 23.17 10.19
CA LYS B 847 60.25 24.50 10.74
C LYS B 847 60.84 24.42 12.15
N LYS B 848 60.35 23.48 12.96
CA LYS B 848 60.94 23.26 14.28
C LYS B 848 62.21 22.42 14.23
N ASN B 849 62.44 21.69 13.13
CA ASN B 849 63.76 21.13 12.92
C ASN B 849 64.75 22.20 12.52
N ALA B 850 64.28 23.25 11.83
CA ALA B 850 65.11 24.44 11.59
C ALA B 850 65.26 25.29 12.83
N GLN B 851 64.40 25.11 13.84
CA GLN B 851 64.57 25.78 15.11
C GLN B 851 65.74 25.20 15.88
N LEU B 852 66.14 23.97 15.57
CA LEU B 852 67.31 23.34 16.19
C LEU B 852 68.59 23.64 15.41
N GLU B 853 68.78 24.93 15.10
CA GLU B 853 69.99 25.51 14.53
C GLU B 853 70.45 24.80 13.24
N LYS B 854 69.52 24.66 12.31
CA LYS B 854 69.80 24.04 11.02
C LYS B 854 69.17 24.88 9.92
N ARG B 855 69.51 24.54 8.68
CA ARG B 855 68.88 25.17 7.52
C ARG B 855 67.48 24.62 7.32
N SER B 856 66.55 25.49 6.96
CA SER B 856 65.17 25.05 6.72
C SER B 856 65.06 24.26 5.42
N PHE B 857 65.87 24.61 4.42
CA PHE B 857 65.80 23.90 3.15
C PHE B 857 66.60 22.60 3.19
N CYS B 858 67.72 22.58 3.91
CA CYS B 858 68.56 21.38 3.93
C CYS B 858 67.94 20.29 4.80
N SER B 859 67.31 20.66 5.91
CA SER B 859 66.67 19.68 6.79
C SER B 859 65.42 19.06 6.17
N ALA B 860 64.85 19.68 5.14
CA ALA B 860 63.74 19.07 4.42
C ALA B 860 64.21 17.84 3.65
N MET B 861 65.31 17.96 2.90
CA MET B 861 65.84 16.81 2.18
C MET B 861 66.46 15.76 3.09
N VAL B 862 66.85 16.14 4.31
CA VAL B 862 67.32 15.15 5.28
C VAL B 862 66.17 14.26 5.71
N GLU B 863 65.01 14.85 6.01
CA GLU B 863 63.88 14.06 6.50
C GLU B 863 63.20 13.30 5.38
N GLU B 864 63.23 13.84 4.15
CA GLU B 864 62.67 13.12 3.00
C GLU B 864 63.43 11.85 2.69
N LEU B 865 64.73 11.81 2.99
CA LEU B 865 65.48 10.56 2.89
C LEU B 865 65.11 9.60 4.02
N ARG B 866 64.62 10.12 5.14
CA ARG B 866 64.27 9.25 6.27
C ARG B 866 62.94 8.55 6.03
N MET B 867 62.02 9.21 5.32
CA MET B 867 60.83 8.52 4.85
C MET B 867 61.20 7.44 3.84
N SER B 868 62.11 7.77 2.92
CA SER B 868 62.61 6.82 1.94
C SER B 868 63.70 5.91 2.48
N LEU B 869 64.07 6.06 3.76
CA LEU B 869 65.00 5.13 4.37
C LEU B 869 64.37 3.75 4.52
N LYS B 870 63.06 3.71 4.75
CA LYS B 870 62.16 2.56 4.62
C LYS B 870 62.40 1.47 5.67
N CYS B 871 63.36 1.63 6.58
CA CYS B 871 63.52 0.72 7.69
C CYS B 871 62.67 1.19 8.87
N GLN B 872 62.19 0.23 9.65
CA GLN B 872 61.30 0.53 10.77
C GLN B 872 62.06 0.78 12.08
N ARG B 873 63.06 1.66 12.02
CA ARG B 873 63.86 1.97 13.20
C ARG B 873 64.38 3.40 13.10
N ARG B 874 64.33 4.10 14.24
CA ARG B 874 64.85 5.47 14.42
C ARG B 874 64.38 6.51 13.39
N SER C 429 -36.31 56.55 -28.15
CA SER C 429 -37.03 56.78 -26.90
C SER C 429 -37.93 55.58 -26.59
N ASN C 430 -37.36 54.39 -26.63
CA ASN C 430 -38.12 53.19 -26.34
C ASN C 430 -38.35 53.04 -24.83
N ARG C 431 -39.12 52.01 -24.47
CA ARG C 431 -39.41 51.76 -23.07
C ARG C 431 -38.17 51.25 -22.35
N SER C 432 -38.02 51.66 -21.09
CA SER C 432 -36.95 51.12 -20.26
C SER C 432 -37.26 49.69 -19.87
N LEU C 433 -36.23 48.89 -19.67
CA LEU C 433 -36.41 47.47 -19.41
C LEU C 433 -36.45 47.19 -17.92
N ILE C 434 -37.07 46.07 -17.57
CA ILE C 434 -37.37 45.71 -16.19
C ILE C 434 -36.81 44.32 -15.95
N VAL C 435 -35.71 44.24 -15.24
CA VAL C 435 -35.04 42.98 -14.94
C VAL C 435 -35.45 42.53 -13.54
N THR C 436 -35.52 41.22 -13.31
CA THR C 436 -35.86 40.68 -12.00
C THR C 436 -34.75 39.76 -11.52
N THR C 437 -34.23 40.07 -10.34
CA THR C 437 -33.08 39.40 -9.73
C THR C 437 -33.48 38.80 -8.39
N ILE C 438 -32.48 38.29 -7.66
CA ILE C 438 -32.71 37.65 -6.37
C ILE C 438 -31.45 37.79 -5.52
N LEU C 439 -31.65 38.04 -4.22
CA LEU C 439 -30.56 38.46 -3.34
C LEU C 439 -29.59 37.34 -2.99
N GLU C 440 -28.79 36.91 -3.94
CA GLU C 440 -27.73 35.95 -3.66
C GLU C 440 -26.44 36.75 -3.44
N GLU C 441 -25.38 36.12 -2.97
CA GLU C 441 -24.09 36.77 -2.78
C GLU C 441 -23.05 35.86 -3.42
N PRO C 442 -22.10 36.38 -4.22
CA PRO C 442 -21.72 37.73 -4.67
C PRO C 442 -22.56 38.32 -5.77
N TYR C 443 -23.79 37.86 -5.90
CA TYR C 443 -24.75 38.38 -6.86
C TYR C 443 -25.44 39.58 -6.23
N VAL C 444 -26.60 40.00 -6.75
CA VAL C 444 -27.16 41.31 -6.43
C VAL C 444 -27.44 41.46 -4.93
N LEU C 445 -27.25 42.67 -4.45
CA LEU C 445 -26.88 42.87 -3.05
C LEU C 445 -26.97 44.37 -2.75
N PHE C 446 -27.53 44.70 -1.59
CA PHE C 446 -27.70 46.10 -1.23
C PHE C 446 -26.36 46.77 -0.96
N LYS C 447 -26.22 48.01 -1.44
CA LYS C 447 -24.98 48.75 -1.26
C LYS C 447 -24.88 49.19 0.19
N LYS C 448 -23.80 48.77 0.86
CA LYS C 448 -23.66 49.00 2.30
C LYS C 448 -23.35 50.47 2.56
N SER C 449 -24.39 51.25 2.83
CA SER C 449 -24.23 52.67 3.08
C SER C 449 -25.44 53.19 3.82
N ASP C 450 -25.25 54.35 4.45
CA ASP C 450 -26.33 55.13 5.04
C ASP C 450 -26.87 56.12 4.01
N LYS C 451 -27.65 57.11 4.47
CA LYS C 451 -28.38 58.11 3.69
C LYS C 451 -29.26 57.45 2.63
N PRO C 452 -30.38 56.83 3.03
CA PRO C 452 -31.14 56.02 2.07
C PRO C 452 -32.05 56.85 1.17
N LEU C 453 -31.65 56.96 -0.10
CA LEU C 453 -32.53 57.40 -1.19
C LEU C 453 -31.91 56.88 -2.48
N TYR C 454 -32.50 55.87 -3.08
CA TYR C 454 -31.84 55.21 -4.20
C TYR C 454 -32.88 54.73 -5.21
N GLY C 455 -32.55 54.81 -6.49
CA GLY C 455 -33.34 54.21 -7.54
C GLY C 455 -32.74 52.87 -7.94
N ASN C 456 -32.04 52.85 -9.07
CA ASN C 456 -31.21 51.69 -9.43
C ASN C 456 -29.86 51.71 -8.72
N ASP C 457 -29.63 52.64 -7.82
CA ASP C 457 -28.38 52.74 -7.08
C ASP C 457 -28.39 51.90 -5.81
N ARG C 458 -29.46 51.13 -5.57
CA ARG C 458 -29.47 50.22 -4.43
C ARG C 458 -28.45 49.10 -4.61
N PHE C 459 -28.43 48.49 -5.78
CA PHE C 459 -27.87 47.17 -5.93
C PHE C 459 -26.43 47.25 -6.42
N GLU C 460 -25.62 46.32 -5.93
CA GLU C 460 -24.18 46.41 -6.14
C GLU C 460 -23.63 44.99 -6.05
N GLY C 461 -23.41 44.37 -7.20
CA GLY C 461 -23.05 42.98 -7.21
C GLY C 461 -22.36 42.60 -8.49
N TYR C 462 -22.21 41.27 -8.67
CA TYR C 462 -21.66 40.75 -9.91
C TYR C 462 -22.57 41.06 -11.09
N CYS C 463 -23.85 40.71 -10.97
CA CYS C 463 -24.79 40.88 -12.06
C CYS C 463 -25.10 42.34 -12.35
N ILE C 464 -24.96 43.23 -11.36
CA ILE C 464 -25.15 44.64 -11.64
C ILE C 464 -23.94 45.17 -12.40
N ASP C 465 -22.78 44.55 -12.22
CA ASP C 465 -21.68 44.84 -13.14
C ASP C 465 -21.93 44.22 -14.50
N LEU C 466 -22.66 43.11 -14.57
CA LEU C 466 -22.96 42.50 -15.85
C LEU C 466 -24.03 43.29 -16.58
N LEU C 467 -25.06 43.73 -15.87
CA LEU C 467 -26.12 44.50 -16.48
C LEU C 467 -25.64 45.87 -16.95
N ARG C 468 -24.60 46.41 -16.31
CA ARG C 468 -24.05 47.67 -16.75
C ARG C 468 -23.39 47.54 -18.11
N GLU C 469 -22.53 46.53 -18.27
CA GLU C 469 -21.77 46.41 -19.51
C GLU C 469 -22.64 45.92 -20.67
N LEU C 470 -23.68 45.15 -20.41
CA LEU C 470 -24.61 44.80 -21.47
C LEU C 470 -25.47 45.98 -21.88
N SER C 471 -25.69 46.93 -20.97
CA SER C 471 -26.47 48.10 -21.33
C SER C 471 -25.67 49.07 -22.18
N THR C 472 -24.34 49.05 -22.06
CA THR C 472 -23.53 49.98 -22.83
C THR C 472 -23.47 49.58 -24.30
N ILE C 473 -23.17 48.30 -24.57
CA ILE C 473 -22.94 47.90 -25.96
C ILE C 473 -24.22 47.56 -26.70
N LEU C 474 -25.37 47.57 -26.03
CA LEU C 474 -26.65 47.45 -26.74
C LEU C 474 -27.46 48.73 -26.70
N GLY C 475 -27.20 49.61 -25.74
CA GLY C 475 -27.90 50.88 -25.68
C GLY C 475 -29.34 50.78 -25.24
N PHE C 476 -29.56 50.28 -24.03
CA PHE C 476 -30.88 50.29 -23.41
C PHE C 476 -30.74 50.82 -21.98
N THR C 477 -31.87 51.16 -21.39
CA THR C 477 -31.92 51.69 -20.03
C THR C 477 -32.66 50.69 -19.16
N TYR C 478 -31.93 50.06 -18.25
CA TYR C 478 -32.54 49.08 -17.37
C TYR C 478 -33.28 49.76 -16.22
N GLU C 479 -34.08 48.98 -15.52
CA GLU C 479 -34.71 49.40 -14.27
C GLU C 479 -34.85 48.16 -13.40
N ILE C 480 -34.03 48.05 -12.37
CA ILE C 480 -33.97 46.83 -11.57
C ILE C 480 -35.21 46.78 -10.69
N ARG C 481 -35.71 45.56 -10.46
CA ARG C 481 -36.90 45.36 -9.64
C ARG C 481 -36.86 43.94 -9.12
N LEU C 482 -36.85 43.78 -7.80
CA LEU C 482 -36.67 42.48 -7.20
C LEU C 482 -37.89 41.59 -7.41
N VAL C 483 -37.66 40.27 -7.32
CA VAL C 483 -38.75 39.32 -7.39
C VAL C 483 -39.51 39.36 -6.07
N GLU C 484 -40.82 39.13 -6.14
CA GLU C 484 -41.65 39.19 -4.94
C GLU C 484 -41.67 37.89 -4.17
N ASP C 485 -41.55 36.76 -4.87
CA ASP C 485 -41.59 35.46 -4.19
C ASP C 485 -40.31 35.21 -3.40
N GLY C 486 -39.18 35.62 -3.95
CA GLY C 486 -37.91 35.30 -3.35
C GLY C 486 -37.40 33.93 -3.71
N LYS C 487 -37.94 33.32 -4.76
CA LYS C 487 -37.55 31.99 -5.19
C LYS C 487 -37.06 32.04 -6.62
N TYR C 488 -36.21 31.08 -6.98
CA TYR C 488 -35.70 30.97 -8.34
C TYR C 488 -36.84 30.64 -9.31
N GLY C 489 -37.41 29.46 -9.16
CA GLY C 489 -38.52 29.03 -9.98
C GLY C 489 -38.71 27.53 -9.92
N ALA C 490 -39.96 27.09 -9.81
CA ALA C 490 -40.28 25.68 -9.71
C ALA C 490 -41.71 25.48 -10.17
N GLN C 491 -42.04 24.25 -10.51
CA GLN C 491 -43.36 23.90 -11.01
C GLN C 491 -44.08 23.05 -9.98
N ASP C 492 -45.05 23.64 -9.29
CA ASP C 492 -45.91 22.91 -8.37
C ASP C 492 -46.80 21.98 -9.19
N ASP C 493 -46.53 20.68 -9.10
CA ASP C 493 -47.22 19.69 -9.94
C ASP C 493 -48.70 19.57 -9.58
N VAL C 494 -49.08 19.95 -8.35
CA VAL C 494 -50.49 19.98 -7.99
C VAL C 494 -51.22 21.06 -8.76
N ASN C 495 -50.69 22.29 -8.71
CA ASN C 495 -51.29 23.39 -9.45
C ASN C 495 -50.96 23.34 -10.93
N GLY C 496 -49.79 22.81 -11.29
CA GLY C 496 -49.37 22.82 -12.68
C GLY C 496 -48.94 24.18 -13.16
N GLN C 497 -48.37 25.01 -12.29
CA GLN C 497 -47.95 26.36 -12.62
C GLN C 497 -46.61 26.66 -11.98
N TRP C 498 -46.09 27.84 -12.29
CA TRP C 498 -44.74 28.23 -11.91
C TRP C 498 -44.77 29.29 -10.82
N ASN C 499 -43.60 29.57 -10.25
CA ASN C 499 -43.45 30.60 -9.23
C ASN C 499 -42.10 31.28 -9.38
N GLY C 500 -41.85 32.28 -8.54
CA GLY C 500 -40.55 32.90 -8.49
C GLY C 500 -40.22 33.82 -9.64
N MET C 501 -38.97 33.79 -10.10
CA MET C 501 -38.56 34.64 -11.21
C MET C 501 -39.15 34.18 -12.53
N VAL C 502 -39.25 32.86 -12.75
CA VAL C 502 -39.66 32.37 -14.06
C VAL C 502 -41.13 32.62 -14.33
N ARG C 503 -41.95 32.85 -13.30
CA ARG C 503 -43.33 33.24 -13.54
C ARG C 503 -43.41 34.68 -14.03
N GLU C 504 -42.47 35.53 -13.61
CA GLU C 504 -42.46 36.92 -14.05
C GLU C 504 -42.10 37.03 -15.52
N LEU C 505 -41.38 36.03 -16.05
CA LEU C 505 -41.04 36.02 -17.48
C LEU C 505 -42.23 35.56 -18.31
N ILE C 506 -42.99 34.59 -17.81
CA ILE C 506 -44.11 34.03 -18.56
C ILE C 506 -45.20 35.07 -18.75
N ASP C 507 -45.57 35.75 -17.68
CA ASP C 507 -46.66 36.72 -17.72
C ASP C 507 -46.23 38.07 -18.28
N HIS C 508 -45.00 38.18 -18.79
CA HIS C 508 -44.43 39.38 -19.41
C HIS C 508 -44.37 40.57 -18.45
N LYS C 509 -44.40 40.32 -17.15
CA LYS C 509 -44.25 41.39 -16.19
C LYS C 509 -42.83 41.91 -16.15
N ALA C 510 -41.87 41.07 -16.50
CA ALA C 510 -40.48 41.44 -16.71
C ALA C 510 -40.02 40.84 -18.02
N ASP C 511 -38.82 41.23 -18.45
CA ASP C 511 -38.30 40.71 -19.70
C ASP C 511 -36.82 40.39 -19.67
N LEU C 512 -36.16 40.51 -18.52
CA LEU C 512 -34.81 40.00 -18.37
C LEU C 512 -34.73 39.24 -17.06
N ALA C 513 -33.75 38.35 -16.95
CA ALA C 513 -33.64 37.49 -15.79
C ALA C 513 -32.19 37.34 -15.36
N VAL C 514 -31.47 38.46 -15.26
CA VAL C 514 -30.04 38.45 -14.97
C VAL C 514 -29.83 38.00 -13.54
N ALA C 515 -29.40 36.75 -13.37
CA ALA C 515 -29.54 36.07 -12.10
C ALA C 515 -28.65 34.84 -12.06
N PRO C 516 -28.54 34.13 -10.93
CA PRO C 516 -27.94 32.79 -10.95
C PRO C 516 -28.89 31.70 -11.40
N LEU C 517 -29.95 32.06 -12.10
CA LEU C 517 -30.95 31.13 -12.61
C LEU C 517 -30.30 30.16 -13.59
N ALA C 518 -30.20 28.89 -13.22
CA ALA C 518 -29.44 27.92 -13.98
C ALA C 518 -30.20 27.50 -15.23
N ILE C 519 -29.63 26.53 -15.95
CA ILE C 519 -30.23 26.03 -17.18
C ILE C 519 -30.60 24.57 -16.96
N THR C 520 -31.90 24.28 -16.91
CA THR C 520 -32.40 22.93 -16.76
C THR C 520 -33.38 22.62 -17.88
N TYR C 521 -33.63 21.32 -18.06
CA TYR C 521 -34.52 20.86 -19.12
C TYR C 521 -35.96 21.28 -18.88
N VAL C 522 -36.37 21.42 -17.63
CA VAL C 522 -37.75 21.82 -17.35
C VAL C 522 -37.95 23.31 -17.54
N ARG C 523 -36.90 24.12 -17.43
CA ARG C 523 -37.08 25.56 -17.60
C ARG C 523 -37.09 25.97 -19.06
N GLU C 524 -36.29 25.31 -19.90
CA GLU C 524 -36.12 25.73 -21.28
C GLU C 524 -37.32 25.40 -22.14
N LYS C 525 -38.18 24.46 -21.70
CA LYS C 525 -39.44 24.20 -22.39
C LYS C 525 -40.35 25.42 -22.36
N VAL C 526 -40.29 26.19 -21.29
CA VAL C 526 -41.24 27.27 -21.06
C VAL C 526 -40.67 28.61 -21.46
N ILE C 527 -39.44 28.91 -21.04
CA ILE C 527 -38.82 30.20 -21.33
C ILE C 527 -37.56 29.97 -22.15
N ASP C 528 -36.99 31.07 -22.63
CA ASP C 528 -35.82 31.03 -23.50
C ASP C 528 -34.64 31.71 -22.82
N PHE C 529 -33.44 31.19 -23.05
CA PHE C 529 -32.23 31.67 -22.43
C PHE C 529 -31.30 32.31 -23.44
N SER C 530 -30.20 32.84 -22.93
CA SER C 530 -29.05 33.17 -23.74
C SER C 530 -28.00 32.09 -23.55
N LYS C 531 -26.83 32.28 -24.13
CA LYS C 531 -25.73 31.37 -23.90
C LYS C 531 -25.20 31.57 -22.48
N PRO C 532 -24.56 30.55 -21.91
CA PRO C 532 -24.09 30.67 -20.52
C PRO C 532 -23.00 31.70 -20.37
N PHE C 533 -22.93 32.29 -19.19
CA PHE C 533 -21.85 33.21 -18.86
C PHE C 533 -21.04 32.75 -17.66
N MET C 534 -21.31 31.55 -17.16
CA MET C 534 -20.56 30.98 -16.06
C MET C 534 -20.82 29.49 -16.07
N THR C 535 -19.81 28.71 -15.72
CA THR C 535 -19.91 27.26 -15.73
C THR C 535 -19.96 26.75 -14.30
N LEU C 536 -21.06 26.10 -13.96
CA LEU C 536 -21.23 25.49 -12.65
C LEU C 536 -20.52 24.15 -12.58
N GLY C 537 -20.85 23.40 -11.53
CA GLY C 537 -20.36 22.07 -11.32
C GLY C 537 -20.66 21.64 -9.91
N ILE C 538 -20.91 20.38 -9.68
CA ILE C 538 -21.09 19.88 -8.32
C ILE C 538 -19.73 19.44 -7.80
N SER C 539 -19.37 19.93 -6.62
CA SER C 539 -18.10 19.55 -6.04
C SER C 539 -18.25 19.45 -4.52
N ILE C 540 -17.27 18.84 -3.89
CA ILE C 540 -17.33 18.49 -2.48
C ILE C 540 -16.61 19.57 -1.69
N LEU C 541 -17.26 20.06 -0.63
CA LEU C 541 -16.66 20.99 0.31
C LEU C 541 -16.32 20.25 1.60
N TYR C 542 -15.17 20.54 2.17
CA TYR C 542 -14.68 19.79 3.32
C TYR C 542 -13.60 20.61 4.02
N ARG C 543 -13.42 20.34 5.32
CA ARG C 543 -12.41 21.02 6.12
C ARG C 543 -11.02 20.64 5.64
N LYS C 544 -10.09 21.62 5.67
CA LYS C 544 -8.70 21.31 5.39
C LYS C 544 -8.13 20.35 6.43
N PRO C 545 -7.13 19.56 6.06
CA PRO C 545 -6.37 18.83 7.08
C PRO C 545 -5.65 19.82 7.98
N ASN C 546 -6.06 19.84 9.26
CA ASN C 546 -5.63 20.84 10.23
C ASN C 546 -4.12 20.74 10.48
N GLY C 547 -3.61 19.54 10.65
CA GLY C 547 -2.18 19.37 10.71
C GLY C 547 -1.76 18.03 11.25
N THR C 548 -0.56 17.99 11.82
CA THR C 548 -0.03 16.78 12.43
C THR C 548 0.04 16.92 13.94
N ASN C 549 0.72 17.97 14.42
CA ASN C 549 1.13 18.20 15.80
C ASN C 549 1.72 16.93 16.39
N PRO C 550 2.93 16.54 16.01
CA PRO C 550 3.51 15.30 16.57
C PRO C 550 3.85 15.45 18.03
N GLY C 551 4.17 16.67 18.48
CA GLY C 551 4.76 16.88 19.79
C GLY C 551 6.25 16.61 19.69
N VAL C 552 7.08 17.49 20.22
CA VAL C 552 8.49 17.31 19.90
C VAL C 552 9.09 16.37 20.95
N PHE C 553 8.65 15.10 20.91
CA PHE C 553 9.33 13.94 21.47
C PHE C 553 9.03 12.70 20.63
N SER C 554 8.81 12.89 19.33
CA SER C 554 8.19 11.85 18.50
C SER C 554 9.09 10.65 18.26
N PHE C 555 10.39 10.77 18.55
CA PHE C 555 11.29 9.63 18.49
C PHE C 555 10.94 8.56 19.52
N LEU C 556 10.28 8.95 20.59
CA LEU C 556 9.94 8.06 21.70
C LEU C 556 8.71 7.22 21.41
N ASN C 557 8.08 7.40 20.24
CA ASN C 557 6.87 6.66 19.91
C ASN C 557 7.04 5.14 19.73
N PRO C 558 7.96 4.62 18.89
CA PRO C 558 7.83 3.22 18.47
C PRO C 558 8.05 2.16 19.54
N LEU C 559 8.30 2.52 20.78
CA LEU C 559 8.20 1.60 21.88
C LEU C 559 7.20 2.14 22.89
N SER C 560 6.56 1.23 23.62
CA SER C 560 5.57 1.61 24.61
C SER C 560 6.24 2.31 25.78
N PRO C 561 5.50 3.12 26.54
CA PRO C 561 6.06 3.67 27.79
C PRO C 561 6.31 2.63 28.87
N ASP C 562 5.81 1.39 28.71
CA ASP C 562 6.24 0.32 29.60
C ASP C 562 7.63 -0.17 29.23
N ILE C 563 7.96 -0.17 27.93
CA ILE C 563 9.24 -0.71 27.49
C ILE C 563 10.38 0.23 27.85
N TRP C 564 10.17 1.54 27.68
CA TRP C 564 11.19 2.51 28.05
C TRP C 564 11.45 2.54 29.55
N MET C 565 10.50 2.11 30.36
CA MET C 565 10.77 1.96 31.78
C MET C 565 11.48 0.66 32.07
N TYR C 566 11.17 -0.40 31.31
CA TYR C 566 11.72 -1.70 31.63
C TYR C 566 13.15 -1.86 31.14
N VAL C 567 13.50 -1.22 30.03
CA VAL C 567 14.88 -1.23 29.56
C VAL C 567 15.78 -0.50 30.54
N LEU C 568 15.34 0.65 31.03
CA LEU C 568 16.11 1.37 32.05
C LEU C 568 16.14 0.62 33.36
N LEU C 569 15.12 -0.19 33.65
CA LEU C 569 15.20 -1.03 34.83
C LEU C 569 16.14 -2.21 34.60
N ALA C 570 16.25 -2.67 33.37
CA ALA C 570 17.11 -3.80 33.08
C ALA C 570 18.58 -3.41 33.15
N CYS C 571 18.91 -2.21 32.65
CA CYS C 571 20.30 -1.76 32.65
C CYS C 571 20.79 -1.46 34.06
N LEU C 572 19.90 -1.02 34.94
CA LEU C 572 20.27 -0.93 36.35
C LEU C 572 20.26 -2.30 37.01
N GLY C 573 19.54 -3.25 36.43
CA GLY C 573 19.48 -4.57 37.02
C GLY C 573 20.70 -5.41 36.69
N VAL C 574 21.06 -5.43 35.40
CA VAL C 574 22.17 -6.25 34.94
C VAL C 574 23.50 -5.70 35.45
N SER C 575 23.61 -4.38 35.58
CA SER C 575 24.81 -3.79 36.17
C SER C 575 24.99 -4.18 37.63
N CYS C 576 23.89 -4.22 38.40
CA CYS C 576 24.00 -4.64 39.78
C CYS C 576 24.25 -6.13 39.92
N VAL C 577 23.91 -6.93 38.90
CA VAL C 577 24.26 -8.34 38.93
C VAL C 577 25.72 -8.54 38.58
N LEU C 578 26.20 -7.82 37.57
CA LEU C 578 27.58 -8.00 37.10
C LEU C 578 28.59 -7.55 38.13
N PHE C 579 28.22 -6.59 38.99
CA PHE C 579 29.09 -6.21 40.09
C PHE C 579 29.19 -7.32 41.13
N VAL C 580 28.11 -8.07 41.34
CA VAL C 580 28.14 -9.11 42.36
C VAL C 580 28.89 -10.34 41.87
N ILE C 581 28.72 -10.70 40.60
CA ILE C 581 29.42 -11.86 40.04
C ILE C 581 30.91 -11.59 39.98
N ALA C 582 31.31 -10.36 39.66
CA ALA C 582 32.72 -10.04 39.56
C ALA C 582 33.40 -9.93 40.92
N ARG C 583 32.64 -9.88 42.01
CA ARG C 583 33.26 -10.03 43.32
C ARG C 583 33.61 -11.48 43.60
N PHE C 584 32.66 -12.39 43.37
CA PHE C 584 32.82 -13.76 43.84
C PHE C 584 33.73 -14.59 42.94
N SER C 585 33.76 -14.28 41.65
CA SER C 585 34.46 -15.14 40.69
C SER C 585 35.97 -15.00 40.85
N PRO C 586 36.68 -16.07 41.22
CA PRO C 586 38.12 -15.94 41.47
C PRO C 586 38.95 -15.77 40.22
N TYR C 587 38.44 -16.16 39.06
CA TYR C 587 39.16 -15.92 37.82
C TYR C 587 39.10 -14.47 37.38
N GLU C 588 38.27 -13.65 38.01
CA GLU C 588 38.23 -12.24 37.64
C GLU C 588 39.41 -11.48 38.20
N TRP C 589 39.88 -11.84 39.39
CA TRP C 589 40.95 -11.10 40.05
C TRP C 589 42.30 -11.35 39.39
N TYR C 590 42.51 -10.80 38.20
CA TYR C 590 43.76 -11.03 37.50
C TYR C 590 44.83 -10.06 38.00
N ASN C 591 45.99 -10.11 37.37
CA ASN C 591 47.09 -9.27 37.84
C ASN C 591 47.10 -7.95 37.09
N PRO C 592 47.11 -6.83 37.79
CA PRO C 592 47.39 -5.55 37.15
C PRO C 592 48.89 -5.43 36.94
N HIS C 593 49.29 -4.27 36.42
CA HIS C 593 50.57 -4.02 35.79
C HIS C 593 50.87 -5.15 34.82
N PRO C 594 50.10 -5.30 33.73
CA PRO C 594 50.29 -6.48 32.86
C PRO C 594 51.56 -6.41 32.06
N CYS C 595 52.13 -5.23 31.90
CA CYS C 595 53.40 -5.04 31.21
C CYS C 595 54.59 -5.20 32.15
N ASN C 596 54.35 -5.19 33.46
CA ASN C 596 55.36 -5.45 34.46
C ASN C 596 55.07 -6.81 35.11
N PRO C 597 55.66 -7.89 34.63
CA PRO C 597 55.37 -9.20 35.20
C PRO C 597 56.07 -9.42 36.54
N ASP C 598 55.68 -10.52 37.19
CA ASP C 598 56.32 -11.06 38.39
C ASP C 598 56.29 -10.08 39.56
N SER C 599 55.07 -9.72 39.95
CA SER C 599 54.80 -8.98 41.17
C SER C 599 53.70 -9.71 41.92
N ASP C 600 53.27 -9.17 43.06
CA ASP C 600 52.20 -9.79 43.84
C ASP C 600 51.16 -8.73 44.15
N VAL C 601 50.27 -8.47 43.18
CA VAL C 601 49.10 -7.64 43.33
C VAL C 601 48.00 -8.22 42.45
N VAL C 602 46.77 -8.15 42.92
CA VAL C 602 45.62 -8.50 42.11
C VAL C 602 44.58 -7.39 42.21
N GLU C 603 43.84 -7.19 41.12
CA GLU C 603 42.91 -6.08 41.03
C GLU C 603 41.91 -6.38 39.93
N ASN C 604 40.63 -6.47 40.28
CA ASN C 604 39.60 -6.51 39.27
C ASN C 604 39.05 -5.12 39.01
N ASN C 605 38.71 -4.87 37.75
CA ASN C 605 38.33 -3.53 37.34
C ASN C 605 36.85 -3.27 37.49
N PHE C 606 36.04 -4.31 37.66
CA PHE C 606 34.60 -4.14 37.77
C PHE C 606 34.28 -3.64 39.18
N THR C 607 34.35 -2.32 39.34
CA THR C 607 33.82 -1.68 40.52
C THR C 607 32.34 -1.40 40.28
N LEU C 608 31.71 -0.64 41.16
CA LEU C 608 30.30 -0.31 40.95
C LEU C 608 30.15 0.71 39.83
N LEU C 609 31.10 1.62 39.70
CA LEU C 609 30.99 2.66 38.68
C LEU C 609 31.24 2.09 37.29
N ASN C 610 32.24 1.22 37.14
CA ASN C 610 32.54 0.63 35.85
C ASN C 610 31.48 -0.35 35.38
N SER C 611 30.75 -0.96 36.31
CA SER C 611 29.76 -1.96 35.92
C SER C 611 28.54 -1.32 35.27
N PHE C 612 28.16 -0.11 35.70
CA PHE C 612 27.16 0.64 34.95
C PHE C 612 27.70 1.06 33.61
N TRP C 613 28.98 1.38 33.54
CA TRP C 613 29.57 1.83 32.29
C TRP C 613 29.72 0.71 31.29
N PHE C 614 29.75 -0.54 31.75
CA PHE C 614 29.69 -1.63 30.79
C PHE C 614 28.27 -1.80 30.28
N GLY C 615 27.27 -1.59 31.14
CA GLY C 615 25.90 -1.75 30.71
C GLY C 615 25.46 -0.67 29.74
N VAL C 616 25.76 0.58 30.09
CA VAL C 616 25.45 1.69 29.20
C VAL C 616 26.32 1.63 27.95
N GLY C 617 27.55 1.17 28.11
CA GLY C 617 28.44 1.06 26.97
C GLY C 617 28.01 0.00 25.98
N ALA C 618 27.37 -1.06 26.47
CA ALA C 618 26.87 -2.09 25.57
C ALA C 618 25.46 -1.76 25.09
N LEU C 619 24.75 -0.88 25.78
CA LEU C 619 23.39 -0.60 25.39
C LEU C 619 23.33 0.27 24.15
N MET C 620 24.27 1.20 24.00
CA MET C 620 24.28 2.09 22.84
C MET C 620 25.27 1.63 21.77
N GLN C 621 25.55 0.33 21.69
CA GLN C 621 26.32 -0.32 20.64
C GLN C 621 27.77 0.14 20.51
N GLN C 622 28.26 0.95 21.43
CA GLN C 622 29.57 1.53 21.24
C GLN C 622 30.68 0.67 21.81
N GLY C 623 30.37 -0.28 22.67
CA GLY C 623 31.38 -1.09 23.31
C GLY C 623 32.12 -0.30 24.37
N SER C 624 33.08 -0.97 25.00
CA SER C 624 33.90 -0.32 26.02
C SER C 624 35.21 -1.09 26.14
N GLU C 625 36.08 -0.58 27.01
CA GLU C 625 37.18 -1.36 27.54
C GLU C 625 36.66 -2.09 28.77
N LEU C 626 37.59 -2.74 29.49
CA LEU C 626 37.30 -3.54 30.68
C LEU C 626 36.28 -4.62 30.37
N MET C 627 36.56 -5.35 29.30
CA MET C 627 35.74 -6.47 28.88
C MET C 627 35.80 -7.56 29.94
N PRO C 628 34.74 -8.35 30.07
CA PRO C 628 34.73 -9.42 31.08
C PRO C 628 35.73 -10.51 30.71
N LYS C 629 36.28 -11.14 31.73
CA LYS C 629 37.35 -12.10 31.54
C LYS C 629 36.98 -13.51 31.96
N ALA C 630 36.47 -13.68 33.18
CA ALA C 630 36.04 -14.99 33.61
C ALA C 630 34.73 -15.38 32.93
N LEU C 631 34.53 -16.68 32.77
CA LEU C 631 33.38 -17.19 32.03
C LEU C 631 32.05 -16.87 32.71
N SER C 632 32.06 -16.73 34.04
CA SER C 632 30.85 -16.36 34.75
C SER C 632 30.39 -14.95 34.40
N THR C 633 31.32 -14.07 34.07
CA THR C 633 30.95 -12.74 33.58
C THR C 633 30.84 -12.67 32.07
N ARG C 634 31.34 -13.67 31.35
CA ARG C 634 31.15 -13.68 29.91
C ARG C 634 29.70 -13.99 29.55
N ILE C 635 29.01 -14.73 30.41
CA ILE C 635 27.62 -15.10 30.13
C ILE C 635 26.72 -13.89 30.29
N VAL C 636 26.96 -13.06 31.32
CA VAL C 636 26.13 -11.88 31.55
C VAL C 636 26.30 -10.88 30.42
N GLY C 637 27.54 -10.58 30.06
CA GLY C 637 27.79 -9.74 28.90
C GLY C 637 27.42 -10.39 27.59
N GLY C 638 27.44 -11.72 27.54
CA GLY C 638 27.06 -12.39 26.32
C GLY C 638 25.56 -12.37 26.09
N ILE C 639 24.78 -12.32 27.16
CA ILE C 639 23.33 -12.31 27.00
C ILE C 639 22.77 -10.90 27.03
N TRP C 640 23.48 -9.94 27.62
CA TRP C 640 23.03 -8.56 27.57
C TRP C 640 23.24 -7.96 26.18
N TRP C 641 24.26 -8.44 25.45
CA TRP C 641 24.45 -8.04 24.07
C TRP C 641 23.29 -8.48 23.20
N PHE C 642 22.79 -9.69 23.44
CA PHE C 642 21.65 -10.17 22.66
C PHE C 642 20.38 -9.44 23.05
N PHE C 643 20.30 -8.91 24.27
CA PHE C 643 19.17 -8.08 24.64
C PHE C 643 19.22 -6.75 23.90
N THR C 644 20.40 -6.18 23.72
CA THR C 644 20.49 -4.89 23.06
C THR C 644 20.25 -5.02 21.56
N LEU C 645 20.65 -6.14 20.98
CA LEU C 645 20.52 -6.28 19.54
C LEU C 645 19.06 -6.42 19.12
N ILE C 646 18.23 -7.03 19.96
CA ILE C 646 16.82 -7.17 19.61
C ILE C 646 16.09 -5.84 19.81
N ILE C 647 16.47 -5.08 20.84
CA ILE C 647 15.81 -3.81 21.11
C ILE C 647 16.09 -2.79 20.01
N ILE C 648 17.37 -2.63 19.67
CA ILE C 648 17.75 -1.61 18.69
C ILE C 648 17.29 -1.98 17.29
N SER C 649 17.30 -3.27 16.96
CA SER C 649 16.74 -3.66 15.67
C SER C 649 15.22 -3.63 15.68
N SER C 650 14.58 -3.59 16.86
CA SER C 650 13.13 -3.38 16.88
C SER C 650 12.80 -1.91 16.77
N TYR C 651 13.57 -1.05 17.44
CA TYR C 651 13.32 0.38 17.37
C TYR C 651 13.57 0.92 15.97
N THR C 652 14.55 0.36 15.27
CA THR C 652 14.78 0.78 13.89
C THR C 652 13.67 0.28 12.97
N ALA C 653 13.22 -0.95 13.18
CA ALA C 653 12.21 -1.52 12.30
C ALA C 653 10.85 -0.90 12.53
N ASN C 654 10.50 -0.63 13.78
CA ASN C 654 9.18 -0.07 14.07
C ASN C 654 9.09 1.38 13.63
N LEU C 655 10.17 2.13 13.78
CA LEU C 655 10.17 3.52 13.33
C LEU C 655 10.08 3.60 11.81
N ALA C 656 10.58 2.58 11.11
CA ALA C 656 10.34 2.51 9.68
C ALA C 656 8.87 2.23 9.38
N ALA C 657 8.17 1.55 10.28
CA ALA C 657 6.76 1.26 10.02
C ALA C 657 5.89 2.49 10.22
N PHE C 658 6.24 3.34 11.19
CA PHE C 658 5.54 4.61 11.36
C PHE C 658 5.76 5.53 10.18
N LEU C 659 6.99 5.65 9.71
CA LEU C 659 7.27 6.59 8.64
C LEU C 659 6.88 6.04 7.27
N THR C 660 6.65 4.74 7.14
CA THR C 660 6.13 4.23 5.87
C THR C 660 4.66 4.55 5.74
N VAL C 661 3.86 4.23 6.75
CA VAL C 661 2.42 4.42 6.65
C VAL C 661 2.02 5.88 6.72
N GLU C 662 2.91 6.76 7.15
CA GLU C 662 2.60 8.18 7.11
C GLU C 662 2.71 8.71 5.68
N ARG C 663 3.76 8.33 4.97
CA ARG C 663 3.84 8.66 3.56
C ARG C 663 2.83 7.88 2.73
N MET C 664 2.51 6.65 3.15
CA MET C 664 1.54 5.85 2.41
C MET C 664 0.12 6.34 2.65
N GLU C 665 -0.13 7.03 3.77
CA GLU C 665 -1.43 7.65 3.99
C GLU C 665 -1.60 8.85 3.07
N SER C 666 -2.72 8.89 2.37
CA SER C 666 -3.03 9.96 1.47
C SER C 666 -4.37 10.54 1.85
N PRO C 667 -4.52 11.87 1.82
CA PRO C 667 -5.84 12.46 2.01
C PRO C 667 -6.75 12.14 0.85
N ILE C 668 -8.05 12.13 1.12
CA ILE C 668 -9.02 11.83 0.08
C ILE C 668 -9.07 12.96 -0.92
N ASP C 669 -9.09 12.61 -2.20
CA ASP C 669 -9.34 13.58 -3.26
C ASP C 669 -10.02 12.83 -4.40
N SER C 670 -11.36 12.75 -4.31
CA SER C 670 -12.28 12.19 -5.29
C SER C 670 -13.67 12.31 -4.69
N ALA C 671 -14.67 11.95 -5.49
CA ALA C 671 -15.93 11.55 -4.91
C ALA C 671 -15.96 10.05 -4.65
N ASP C 672 -15.24 9.28 -5.47
CA ASP C 672 -15.19 7.84 -5.29
C ASP C 672 -14.39 7.46 -4.04
N ASP C 673 -13.34 8.22 -3.72
CA ASP C 673 -12.58 7.96 -2.50
C ASP C 673 -13.40 8.28 -1.27
N LEU C 674 -14.27 9.28 -1.36
CA LEU C 674 -15.15 9.61 -0.26
C LEU C 674 -16.40 8.75 -0.27
N ALA C 675 -16.63 8.00 -1.35
CA ALA C 675 -17.73 7.06 -1.38
C ALA C 675 -17.46 5.83 -0.51
N LYS C 676 -16.20 5.40 -0.45
CA LYS C 676 -15.86 4.20 0.31
C LYS C 676 -15.92 4.42 1.81
N GLN C 677 -15.83 5.68 2.24
CA GLN C 677 -15.80 5.98 3.67
C GLN C 677 -17.17 5.77 4.31
N THR C 678 -17.14 5.67 5.63
CA THR C 678 -18.35 5.70 6.44
C THR C 678 -18.21 6.63 7.64
N LYS C 679 -16.98 6.89 8.09
CA LYS C 679 -16.76 7.80 9.22
C LYS C 679 -17.02 9.24 8.82
N ILE C 680 -16.64 9.61 7.60
CA ILE C 680 -16.91 10.96 7.10
C ILE C 680 -18.24 10.95 6.38
N GLU C 681 -19.12 11.89 6.74
CA GLU C 681 -20.52 11.85 6.33
C GLU C 681 -20.81 12.84 5.20
N TYR C 682 -21.87 12.54 4.45
CA TYR C 682 -22.24 13.31 3.26
C TYR C 682 -23.05 14.53 3.68
N GLY C 683 -23.71 15.17 2.73
CA GLY C 683 -24.66 16.23 3.03
C GLY C 683 -25.16 16.99 1.81
N ALA C 684 -26.34 17.59 1.93
CA ALA C 684 -26.93 18.34 0.82
C ALA C 684 -28.00 19.28 1.37
N VAL C 685 -28.47 20.17 0.51
CA VAL C 685 -29.62 21.01 0.78
C VAL C 685 -30.88 20.19 0.51
N GLU C 686 -31.86 20.29 1.41
CA GLU C 686 -33.11 19.55 1.31
C GLU C 686 -33.88 19.90 0.04
N ASP C 687 -34.07 18.90 -0.82
CA ASP C 687 -34.87 18.98 -2.05
C ASP C 687 -34.34 20.05 -3.00
N GLY C 688 -33.01 20.19 -3.07
CA GLY C 688 -32.38 21.11 -3.98
C GLY C 688 -32.03 20.44 -5.30
N ALA C 689 -31.24 21.17 -6.10
CA ALA C 689 -30.82 20.65 -7.38
C ALA C 689 -29.76 19.56 -7.25
N THR C 690 -29.11 19.49 -6.10
CA THR C 690 -28.09 18.46 -5.89
C THR C 690 -28.73 17.10 -5.61
N MET C 691 -29.75 17.08 -4.76
CA MET C 691 -30.51 15.86 -4.51
C MET C 691 -31.20 15.35 -5.76
N THR C 692 -31.59 16.26 -6.64
CA THR C 692 -32.25 15.88 -7.89
C THR C 692 -31.30 15.10 -8.79
N PHE C 693 -30.00 15.38 -8.70
CA PHE C 693 -29.04 14.68 -9.54
C PHE C 693 -28.83 13.24 -9.08
N PHE C 694 -28.81 13.01 -7.76
CA PHE C 694 -28.46 11.68 -7.27
C PHE C 694 -29.60 10.69 -7.38
N LYS C 695 -30.85 11.15 -7.31
CA LYS C 695 -31.97 10.23 -7.51
C LYS C 695 -32.07 9.81 -8.96
N LYS C 696 -31.78 10.71 -9.89
CA LYS C 696 -31.76 10.42 -11.30
C LYS C 696 -30.41 9.94 -11.79
N SER C 697 -29.49 9.66 -10.87
CA SER C 697 -28.17 9.18 -11.25
C SER C 697 -28.22 7.70 -11.61
N LYS C 698 -27.30 7.30 -12.48
CA LYS C 698 -27.15 5.91 -12.86
C LYS C 698 -25.73 5.40 -12.67
N ILE C 699 -24.81 6.25 -12.21
CA ILE C 699 -23.44 5.83 -11.93
C ILE C 699 -23.44 5.01 -10.65
N SER C 700 -22.77 3.85 -10.69
CA SER C 700 -22.69 2.96 -9.54
C SER C 700 -21.98 3.59 -8.36
N THR C 701 -21.05 4.51 -8.62
CA THR C 701 -20.44 5.28 -7.54
C THR C 701 -21.47 6.20 -6.90
N TYR C 702 -22.25 6.89 -7.71
CA TYR C 702 -23.20 7.87 -7.19
C TYR C 702 -24.46 7.23 -6.65
N ASP C 703 -24.72 5.98 -7.05
CA ASP C 703 -25.96 5.31 -6.64
C ASP C 703 -25.92 4.98 -5.16
N LYS C 704 -24.80 4.42 -4.69
CA LYS C 704 -24.64 4.15 -3.27
C LYS C 704 -24.49 5.42 -2.45
N MET C 705 -24.11 6.53 -3.08
CA MET C 705 -24.03 7.79 -2.36
C MET C 705 -25.42 8.30 -2.00
N TRP C 706 -26.41 8.02 -2.84
CA TRP C 706 -27.78 8.35 -2.45
C TRP C 706 -28.30 7.36 -1.41
N ALA C 707 -27.77 6.14 -1.41
CA ALA C 707 -28.20 5.14 -0.44
C ALA C 707 -27.78 5.51 0.97
N PHE C 708 -26.60 6.12 1.12
CA PHE C 708 -26.17 6.55 2.44
C PHE C 708 -26.94 7.79 2.90
N MET C 709 -27.33 8.64 1.96
CA MET C 709 -28.07 9.85 2.32
C MET C 709 -29.50 9.50 2.72
N SER C 710 -30.17 8.67 1.92
CA SER C 710 -31.56 8.32 2.19
C SER C 710 -31.70 7.46 3.44
N SER C 711 -30.64 6.71 3.80
CA SER C 711 -30.63 5.97 5.05
C SER C 711 -30.61 6.92 6.24
N ARG C 712 -29.93 8.06 6.08
CA ARG C 712 -29.74 9.03 7.16
C ARG C 712 -30.45 10.35 6.88
N ARG C 713 -31.69 10.32 6.43
CA ARG C 713 -32.43 11.52 6.07
C ARG C 713 -32.98 12.21 7.33
N GLN C 714 -32.11 12.47 8.30
CA GLN C 714 -32.44 13.31 9.44
C GLN C 714 -31.29 14.21 9.88
N SER C 715 -30.06 13.91 9.49
CA SER C 715 -28.90 14.53 10.09
C SER C 715 -27.90 15.12 9.11
N VAL C 716 -27.95 14.76 7.83
CA VAL C 716 -26.99 15.24 6.85
C VAL C 716 -27.65 16.15 5.82
N LEU C 717 -28.91 15.91 5.47
CA LEU C 717 -29.64 16.79 4.55
C LEU C 717 -30.20 17.92 5.39
N VAL C 718 -29.44 19.00 5.59
CA VAL C 718 -29.69 19.79 6.79
C VAL C 718 -30.84 20.79 6.63
N LYS C 719 -30.66 21.92 5.94
CA LYS C 719 -31.80 22.66 5.39
C LYS C 719 -31.42 23.43 4.14
N SER C 720 -30.17 23.88 4.08
CA SER C 720 -29.78 24.98 3.21
C SER C 720 -28.27 25.15 3.28
N ASN C 721 -27.76 26.13 2.52
CA ASN C 721 -26.33 26.37 2.46
C ASN C 721 -25.79 27.01 3.72
N GLU C 722 -26.59 27.85 4.38
CA GLU C 722 -26.09 28.57 5.56
C GLU C 722 -25.86 27.62 6.72
N GLU C 723 -26.74 26.64 6.89
CA GLU C 723 -26.53 25.63 7.91
C GLU C 723 -25.55 24.56 7.47
N GLY C 724 -25.34 24.39 6.16
CA GLY C 724 -24.37 23.42 5.68
C GLY C 724 -22.95 23.84 5.94
N ILE C 725 -22.68 25.15 5.99
CA ILE C 725 -21.34 25.62 6.29
C ILE C 725 -21.01 25.39 7.76
N GLN C 726 -21.98 25.64 8.64
CA GLN C 726 -21.74 25.52 10.08
C GLN C 726 -21.53 24.07 10.51
N ARG C 727 -22.10 23.12 9.78
CA ARG C 727 -21.93 21.73 10.15
C ARG C 727 -20.55 21.20 9.76
N VAL C 728 -19.92 21.80 8.75
CA VAL C 728 -18.59 21.37 8.34
C VAL C 728 -17.56 21.77 9.40
N LEU C 729 -17.70 22.97 9.96
CA LEU C 729 -16.72 23.47 10.91
C LEU C 729 -16.77 22.73 12.24
N THR C 730 -17.91 22.11 12.57
CA THR C 730 -18.10 21.50 13.87
C THR C 730 -18.25 19.99 13.82
N SER C 731 -17.88 19.35 12.71
CA SER C 731 -18.06 17.91 12.57
C SER C 731 -17.09 17.38 11.52
N ASP C 732 -17.34 16.16 11.05
CA ASP C 732 -16.62 15.55 9.94
C ASP C 732 -17.48 15.57 8.68
N TYR C 733 -18.12 16.71 8.46
CA TYR C 733 -19.17 16.87 7.48
C TYR C 733 -18.58 17.29 6.15
N ALA C 734 -19.06 16.70 5.07
CA ALA C 734 -18.43 16.78 3.76
C ALA C 734 -19.44 17.28 2.73
N PHE C 735 -20.05 18.43 3.03
CA PHE C 735 -21.19 18.98 2.30
C PHE C 735 -20.93 19.14 0.81
N LEU C 736 -21.98 18.97 0.02
CA LEU C 736 -21.92 19.07 -1.44
C LEU C 736 -22.81 20.21 -1.89
N MET C 737 -22.27 21.10 -2.73
CA MET C 737 -23.04 22.17 -3.34
C MET C 737 -22.46 22.46 -4.71
N GLU C 738 -22.92 23.53 -5.34
CA GLU C 738 -22.40 23.92 -6.64
C GLU C 738 -21.00 24.53 -6.50
N SER C 739 -20.27 24.54 -7.62
CA SER C 739 -18.85 24.88 -7.58
C SER C 739 -18.61 26.35 -7.35
N THR C 740 -19.57 27.21 -7.67
CA THR C 740 -19.35 28.63 -7.47
C THR C 740 -19.38 28.97 -5.99
N THR C 741 -20.42 28.55 -5.29
CA THR C 741 -20.60 28.90 -3.89
C THR C 741 -19.54 28.25 -3.01
N ILE C 742 -18.89 27.19 -3.48
CA ILE C 742 -17.64 26.73 -2.87
C ILE C 742 -16.56 27.78 -3.02
N GLU C 743 -16.37 28.30 -4.23
CA GLU C 743 -15.26 29.22 -4.50
C GLU C 743 -15.43 30.57 -3.82
N PHE C 744 -16.62 30.92 -3.37
CA PHE C 744 -16.73 32.16 -2.61
C PHE C 744 -16.42 31.96 -1.14
N VAL C 745 -16.78 30.81 -0.57
CA VAL C 745 -16.52 30.64 0.86
C VAL C 745 -15.10 30.17 1.15
N THR C 746 -14.42 29.53 0.20
CA THR C 746 -13.04 29.16 0.45
C THR C 746 -12.11 30.36 0.34
N GLN C 747 -12.51 31.40 -0.38
CA GLN C 747 -11.71 32.63 -0.38
C GLN C 747 -11.96 33.47 0.87
N ARG C 748 -13.14 33.34 1.48
CA ARG C 748 -13.45 34.12 2.66
C ARG C 748 -13.23 33.35 3.96
N ASN C 749 -12.75 32.12 3.88
CA ASN C 749 -12.53 31.30 5.06
C ASN C 749 -11.44 30.32 4.71
N CYS C 750 -10.23 30.54 5.24
CA CYS C 750 -9.08 29.74 4.88
C CYS C 750 -9.03 28.39 5.58
N ASN C 751 -10.09 28.00 6.30
CA ASN C 751 -10.16 26.69 6.92
C ASN C 751 -10.58 25.61 5.93
N LEU C 752 -11.10 25.99 4.76
CA LEU C 752 -11.89 25.11 3.91
C LEU C 752 -11.19 24.87 2.58
N THR C 753 -11.74 23.94 1.78
CA THR C 753 -11.12 23.59 0.52
C THR C 753 -12.15 23.03 -0.46
N GLN C 754 -11.66 22.62 -1.64
CA GLN C 754 -12.47 22.15 -2.76
C GLN C 754 -11.95 20.79 -3.22
N ILE C 755 -11.96 19.84 -2.29
CA ILE C 755 -11.71 18.43 -2.59
C ILE C 755 -12.54 17.95 -3.78
N GLY C 756 -11.87 17.32 -4.74
CA GLY C 756 -12.53 16.71 -5.86
C GLY C 756 -12.66 17.65 -7.05
N GLY C 757 -12.96 17.06 -8.20
CA GLY C 757 -13.20 17.81 -9.42
C GLY C 757 -14.63 18.32 -9.50
N LEU C 758 -15.18 18.27 -10.71
CA LEU C 758 -16.55 18.71 -10.94
C LEU C 758 -17.39 17.49 -11.30
N ILE C 759 -18.43 17.23 -10.50
CA ILE C 759 -19.28 16.07 -10.75
C ILE C 759 -20.18 16.33 -11.95
N ASP C 760 -21.03 17.33 -11.85
CA ASP C 760 -21.97 17.68 -12.90
C ASP C 760 -21.40 18.87 -13.67
N SER C 761 -22.10 19.28 -14.74
CA SER C 761 -21.70 20.44 -15.52
C SER C 761 -22.96 21.20 -15.91
N LYS C 762 -23.15 22.37 -15.31
CA LYS C 762 -24.31 23.20 -15.62
C LYS C 762 -23.85 24.61 -15.96
N GLY C 763 -24.79 25.53 -16.10
CA GLY C 763 -24.42 26.90 -16.41
C GLY C 763 -25.54 27.86 -16.08
N TYR C 764 -25.17 29.11 -15.92
CA TYR C 764 -26.13 30.16 -15.67
C TYR C 764 -26.57 30.76 -16.99
N GLY C 765 -27.29 31.88 -16.95
CA GLY C 765 -27.71 32.48 -18.19
C GLY C 765 -28.80 33.51 -18.02
N VAL C 766 -28.72 34.59 -18.79
CA VAL C 766 -29.78 35.59 -18.82
C VAL C 766 -31.02 34.97 -19.44
N GLY C 767 -32.12 34.97 -18.70
CA GLY C 767 -33.37 34.41 -19.17
C GLY C 767 -34.24 35.46 -19.82
N THR C 768 -35.07 35.01 -20.75
CA THR C 768 -35.92 35.87 -21.57
C THR C 768 -37.29 35.23 -21.68
N PRO C 769 -38.33 36.01 -22.00
CA PRO C 769 -39.62 35.40 -22.33
C PRO C 769 -39.56 34.53 -23.57
N MET C 770 -40.55 33.65 -23.69
CA MET C 770 -40.57 32.65 -24.77
C MET C 770 -40.74 33.31 -26.13
N GLY C 771 -39.73 33.17 -26.97
CA GLY C 771 -39.75 33.76 -28.29
C GLY C 771 -39.66 35.27 -28.26
N SER C 772 -38.60 35.78 -27.65
CA SER C 772 -38.43 37.22 -27.55
C SER C 772 -37.26 37.66 -28.42
N PRO C 773 -37.29 38.90 -28.93
CA PRO C 773 -36.17 39.41 -29.73
C PRO C 773 -35.02 39.96 -28.91
N TYR C 774 -34.62 39.22 -27.88
CA TYR C 774 -33.44 39.56 -27.11
C TYR C 774 -32.56 38.38 -26.77
N ARG C 775 -32.96 37.14 -27.06
CA ARG C 775 -32.09 36.00 -26.78
C ARG C 775 -30.90 35.94 -27.73
N ASP C 776 -30.93 36.69 -28.82
CA ASP C 776 -29.79 36.74 -29.73
C ASP C 776 -28.86 37.89 -29.42
N LYS C 777 -29.42 39.08 -29.15
CA LYS C 777 -28.59 40.25 -28.91
C LYS C 777 -27.86 40.19 -27.58
N ILE C 778 -28.25 39.28 -26.69
CA ILE C 778 -27.44 39.01 -25.50
C ILE C 778 -26.42 37.93 -25.80
N THR C 779 -26.80 36.95 -26.63
CA THR C 779 -25.88 35.91 -27.08
C THR C 779 -24.69 36.50 -27.84
N ILE C 780 -24.95 37.49 -28.69
CA ILE C 780 -23.86 38.26 -29.31
C ILE C 780 -23.07 39.00 -28.24
N ALA C 781 -23.76 39.55 -27.25
CA ALA C 781 -23.10 40.42 -26.28
C ALA C 781 -22.20 39.65 -25.33
N ILE C 782 -22.64 38.48 -24.89
CA ILE C 782 -21.87 37.70 -23.92
C ILE C 782 -20.58 37.19 -24.56
N LEU C 783 -20.63 36.83 -25.84
CA LEU C 783 -19.42 36.37 -26.51
C LEU C 783 -18.43 37.52 -26.70
N GLN C 784 -18.93 38.72 -27.01
CA GLN C 784 -18.04 39.86 -27.21
C GLN C 784 -17.36 40.28 -25.92
N LEU C 785 -18.07 40.14 -24.79
CA LEU C 785 -17.42 40.36 -23.51
C LEU C 785 -16.48 39.23 -23.16
N GLN C 786 -16.66 38.05 -23.75
CA GLN C 786 -15.74 36.95 -23.50
C GLN C 786 -14.44 37.11 -24.29
N GLU C 787 -14.54 37.64 -25.51
CA GLU C 787 -13.35 37.81 -26.34
C GLU C 787 -12.39 38.83 -25.74
N GLU C 788 -12.94 39.92 -25.20
CA GLU C 788 -12.10 40.91 -24.55
C GLU C 788 -11.70 40.52 -23.14
N GLY C 789 -12.21 39.40 -22.62
CA GLY C 789 -11.77 38.89 -21.34
C GLY C 789 -12.39 39.56 -20.15
N LYS C 790 -13.55 40.22 -20.32
CA LYS C 790 -14.11 40.97 -19.20
C LYS C 790 -14.78 40.06 -18.18
N LEU C 791 -15.30 38.91 -18.60
CA LEU C 791 -15.94 37.99 -17.66
C LEU C 791 -14.94 37.37 -16.70
N HIS C 792 -13.69 37.21 -17.12
CA HIS C 792 -12.70 36.73 -16.17
C HIS C 792 -12.25 37.83 -15.24
N MET C 793 -12.27 39.09 -15.69
CA MET C 793 -11.95 40.19 -14.80
C MET C 793 -13.08 40.44 -13.81
N MET C 794 -14.32 40.25 -14.25
CA MET C 794 -15.45 40.42 -13.34
C MET C 794 -15.55 39.26 -12.35
N LYS C 795 -14.97 38.11 -12.68
CA LYS C 795 -14.97 37.03 -11.71
C LYS C 795 -13.85 37.19 -10.70
N GLU C 796 -12.67 37.62 -11.14
CA GLU C 796 -11.57 37.79 -10.20
C GLU C 796 -11.78 38.98 -9.27
N LYS C 797 -12.64 39.93 -9.65
CA LYS C 797 -12.99 41.03 -8.75
C LYS C 797 -13.81 40.52 -7.58
N TRP C 798 -14.95 39.90 -7.86
CA TRP C 798 -15.91 39.62 -6.80
C TRP C 798 -15.63 38.33 -6.04
N TRP C 799 -14.94 37.39 -6.63
CA TRP C 799 -14.80 36.08 -6.02
C TRP C 799 -13.51 35.93 -5.24
N ARG C 800 -12.43 36.58 -5.66
CA ARG C 800 -11.32 36.83 -4.76
C ARG C 800 -11.62 38.05 -3.92
N GLY C 801 -11.21 38.00 -2.65
CA GLY C 801 -11.38 39.14 -1.78
C GLY C 801 -10.73 38.92 -0.44
N ASN C 802 -9.94 39.91 0.00
CA ASN C 802 -9.09 39.84 1.20
C ASN C 802 -8.21 38.59 1.15
N GLY C 803 -7.33 38.60 0.15
CA GLY C 803 -6.48 37.50 -0.28
C GLY C 803 -5.85 36.65 0.81
N CYS C 804 -6.12 35.36 0.75
CA CYS C 804 -5.84 34.44 1.85
C CYS C 804 -4.32 34.28 2.04
N PRO C 805 -3.89 34.06 3.29
CA PRO C 805 -2.46 33.78 3.53
C PRO C 805 -2.04 32.36 3.17
N GLU C 806 -2.82 31.68 2.32
CA GLU C 806 -3.02 30.25 2.19
C GLU C 806 -1.84 29.30 2.41
N GLU C 807 -0.74 29.47 1.68
CA GLU C 807 0.04 28.37 1.10
C GLU C 807 0.35 27.20 2.02
N GLU C 808 1.29 27.38 2.96
CA GLU C 808 1.57 26.58 4.17
C GLU C 808 1.33 25.08 4.02
N SER C 809 1.68 24.58 2.84
CA SER C 809 1.51 23.17 2.51
C SER C 809 2.87 22.48 2.59
N LYS C 810 3.51 22.64 3.74
CA LYS C 810 4.87 22.16 3.99
C LYS C 810 4.86 20.64 3.84
N GLU C 811 4.16 19.91 4.72
CA GLU C 811 3.92 18.46 4.74
C GLU C 811 5.16 17.63 4.41
N ALA C 812 6.34 18.17 4.71
CA ALA C 812 7.58 17.65 4.18
C ALA C 812 7.99 16.35 4.84
N SER C 813 7.89 15.23 4.11
CA SER C 813 8.32 13.95 4.63
C SER C 813 9.84 13.90 4.71
N ALA C 814 10.37 14.59 5.71
CA ALA C 814 11.80 14.71 5.97
C ALA C 814 11.89 15.26 7.37
N LEU C 815 12.68 14.62 8.23
CA LEU C 815 12.62 14.85 9.66
C LEU C 815 13.12 16.25 10.03
N GLY C 816 12.20 17.14 10.38
CA GLY C 816 12.51 18.49 10.78
C GLY C 816 12.58 18.61 12.29
N VAL C 817 12.35 19.83 12.77
CA VAL C 817 12.35 20.06 14.21
C VAL C 817 10.94 20.02 14.79
N GLN C 818 9.94 19.65 13.99
CA GLN C 818 8.62 19.36 14.54
C GLN C 818 8.58 17.94 15.08
N ASN C 819 9.07 17.02 14.26
CA ASN C 819 9.61 15.72 14.62
C ASN C 819 11.05 15.95 15.09
N ILE C 820 11.91 14.92 15.01
CA ILE C 820 12.72 14.40 16.11
C ILE C 820 13.03 15.42 17.19
N GLY C 821 13.80 16.46 16.86
CA GLY C 821 13.77 17.72 17.57
C GLY C 821 14.21 17.71 19.03
N GLY C 822 13.47 16.97 19.84
CA GLY C 822 13.62 16.85 21.28
C GLY C 822 14.77 16.02 21.73
N ILE C 823 15.47 15.36 20.80
CA ILE C 823 16.72 14.73 21.14
C ILE C 823 17.77 15.77 21.46
N PHE C 824 17.62 16.99 20.92
CA PHE C 824 18.48 18.10 21.30
C PHE C 824 18.10 18.65 22.67
N ILE C 825 16.89 18.38 23.14
CA ILE C 825 16.51 18.82 24.48
C ILE C 825 17.20 17.95 25.53
N VAL C 826 17.11 16.62 25.36
CA VAL C 826 17.76 15.74 26.32
C VAL C 826 19.26 15.74 26.16
N LEU C 827 19.78 16.14 25.00
CA LEU C 827 21.22 16.34 24.87
C LEU C 827 21.68 17.53 25.68
N ALA C 828 20.99 18.65 25.55
CA ALA C 828 21.36 19.84 26.30
C ALA C 828 21.07 19.68 27.79
N ALA C 829 20.08 18.85 28.12
CA ALA C 829 19.81 18.59 29.53
C ALA C 829 20.91 17.75 30.16
N GLY C 830 21.50 16.84 29.37
CA GLY C 830 22.56 16.01 29.90
C GLY C 830 23.85 16.78 30.11
N LEU C 831 24.16 17.71 29.19
CA LEU C 831 25.39 18.46 29.30
C LEU C 831 25.35 19.44 30.47
N VAL C 832 24.17 19.99 30.75
CA VAL C 832 24.03 20.87 31.91
C VAL C 832 24.08 20.05 33.20
N LEU C 833 23.54 18.83 33.15
CA LEU C 833 23.62 17.92 34.30
C LEU C 833 25.07 17.53 34.60
N SER C 834 25.91 17.47 33.58
CA SER C 834 27.31 17.07 33.78
C SER C 834 28.08 18.12 34.55
N VAL C 835 27.79 19.41 34.31
CA VAL C 835 28.59 20.47 34.89
C VAL C 835 28.34 20.57 36.40
N PHE C 836 27.14 20.24 36.85
CA PHE C 836 26.90 20.17 38.30
C PHE C 836 27.59 18.98 38.93
N VAL C 837 27.80 17.91 38.17
CA VAL C 837 28.58 16.80 38.70
C VAL C 837 30.06 17.15 38.71
N ALA C 838 30.51 17.93 37.72
CA ALA C 838 31.91 18.32 37.65
C ALA C 838 32.30 19.25 38.79
N VAL C 839 31.37 20.10 39.22
CA VAL C 839 31.60 20.88 40.43
C VAL C 839 31.62 19.97 41.65
N GLY C 840 30.80 18.91 41.62
CA GLY C 840 30.77 17.98 42.73
C GLY C 840 32.06 17.20 42.89
N GLU C 841 32.67 16.80 41.78
CA GLU C 841 33.97 16.14 41.85
C GLU C 841 35.06 17.12 42.24
N PHE C 842 34.93 18.37 41.80
CA PHE C 842 35.96 19.37 42.08
C PHE C 842 35.95 19.76 43.55
N LEU C 843 34.77 19.79 44.17
CA LEU C 843 34.71 20.13 45.58
C LEU C 843 35.09 18.95 46.46
N TYR C 844 34.70 17.74 46.06
CA TYR C 844 34.92 16.57 46.91
C TYR C 844 36.40 16.21 46.99
N LYS C 845 37.12 16.37 45.88
CA LYS C 845 38.55 16.10 45.91
C LYS C 845 39.31 17.20 46.64
N SER C 846 38.85 18.45 46.48
CA SER C 846 39.56 19.57 47.10
C SER C 846 39.37 19.58 48.61
N LYS C 847 38.24 19.08 49.09
CA LYS C 847 38.03 19.00 50.53
C LYS C 847 38.55 17.70 51.13
N LYS C 848 38.88 16.71 50.29
CA LYS C 848 39.44 15.46 50.82
C LYS C 848 40.89 15.64 51.24
N ASN C 849 41.74 16.09 50.32
CA ASN C 849 43.16 16.27 50.62
C ASN C 849 43.42 17.44 51.57
N ALA C 850 42.50 18.41 51.64
CA ALA C 850 42.67 19.54 52.54
C ALA C 850 42.42 19.16 54.00
N GLN C 851 41.77 18.04 54.26
CA GLN C 851 41.68 17.55 55.64
C GLN C 851 43.00 16.93 56.09
N LEU C 852 43.89 16.59 55.16
CA LEU C 852 45.23 16.15 55.51
C LEU C 852 46.17 17.33 55.73
N GLU C 853 45.86 18.49 55.14
CA GLU C 853 46.83 19.56 54.89
C GLU C 853 46.17 20.92 55.00
N LYS C 854 46.75 21.89 54.28
CA LYS C 854 46.30 23.28 54.17
C LYS C 854 44.79 23.43 54.03
N ARG C 855 44.23 24.46 54.68
CA ARG C 855 42.87 24.46 55.19
C ARG C 855 41.76 24.33 54.15
N SER C 856 41.49 25.36 53.35
CA SER C 856 40.52 25.17 52.28
C SER C 856 40.89 25.83 50.97
N PHE C 857 41.38 27.07 51.02
CA PHE C 857 41.45 27.91 49.83
C PHE C 857 42.80 27.82 49.14
N CYS C 858 43.89 27.87 49.91
CA CYS C 858 45.21 27.68 49.31
C CYS C 858 45.46 26.24 48.86
N SER C 859 44.57 25.30 49.20
CA SER C 859 44.50 24.05 48.47
C SER C 859 43.63 24.17 47.24
N ALA C 860 42.57 25.00 47.30
CA ALA C 860 41.62 25.09 46.19
C ALA C 860 42.12 26.01 45.10
N MET C 861 42.78 27.12 45.46
CA MET C 861 43.27 28.04 44.45
C MET C 861 44.45 27.46 43.67
N VAL C 862 45.25 26.60 44.30
CA VAL C 862 46.38 26.01 43.56
C VAL C 862 45.93 24.88 42.66
N GLU C 863 44.75 24.29 42.90
CA GLU C 863 44.22 23.32 41.97
C GLU C 863 43.64 23.99 40.74
N GLU C 864 43.09 25.20 40.90
CA GLU C 864 42.61 25.95 39.75
C GLU C 864 43.77 26.45 38.89
N LEU C 865 44.90 26.77 39.51
CA LEU C 865 46.08 27.19 38.76
C LEU C 865 46.74 25.99 38.07
N ARG C 866 46.84 24.85 38.77
CA ARG C 866 47.35 23.62 38.19
C ARG C 866 46.48 23.16 37.02
N MET C 867 45.17 23.42 37.11
CA MET C 867 44.29 23.27 35.96
C MET C 867 44.66 24.26 34.86
N SER C 868 44.85 25.53 35.22
CA SER C 868 45.09 26.57 34.24
C SER C 868 46.53 26.55 33.71
N LEU C 869 47.45 25.87 34.38
CA LEU C 869 48.77 25.62 33.81
C LEU C 869 48.61 24.67 32.63
N LYS C 870 48.92 25.19 31.43
CA LYS C 870 48.70 24.45 30.19
C LYS C 870 49.68 23.31 30.00
N CYS C 871 50.78 23.27 30.77
CA CYS C 871 51.75 22.21 30.62
C CYS C 871 51.18 20.88 31.11
N GLN C 872 51.51 19.80 30.40
CA GLN C 872 50.95 18.49 30.67
C GLN C 872 51.58 17.79 31.87
N ARG C 873 52.56 18.41 32.53
CA ARG C 873 53.09 17.92 33.79
C ARG C 873 52.49 18.74 34.93
N ARG C 874 52.02 18.04 35.96
CA ARG C 874 51.27 18.62 37.08
C ARG C 874 50.06 19.44 36.62
N SER D 429 -59.59 -10.66 -15.04
CA SER D 429 -59.04 -10.42 -13.71
C SER D 429 -59.99 -10.94 -12.62
N ASN D 430 -59.41 -11.42 -11.53
CA ASN D 430 -60.18 -11.96 -10.42
C ASN D 430 -59.71 -11.38 -9.10
N ARG D 431 -60.15 -11.97 -7.99
CA ARG D 431 -59.86 -11.48 -6.65
C ARG D 431 -58.37 -11.57 -6.34
N SER D 432 -57.98 -10.93 -5.24
CA SER D 432 -56.57 -10.77 -4.91
C SER D 432 -55.99 -12.07 -4.36
N LEU D 433 -54.70 -12.02 -4.04
CA LEU D 433 -53.96 -13.20 -3.59
C LEU D 433 -53.47 -12.98 -2.18
N ILE D 434 -53.78 -13.94 -1.30
CA ILE D 434 -53.39 -13.85 0.10
C ILE D 434 -51.99 -14.45 0.21
N VAL D 435 -50.97 -13.58 0.20
CA VAL D 435 -49.58 -14.01 0.22
C VAL D 435 -49.19 -14.27 1.67
N THR D 436 -49.21 -15.55 2.07
CA THR D 436 -48.84 -15.92 3.43
C THR D 436 -47.34 -15.93 3.58
N THR D 437 -46.83 -15.18 4.57
CA THR D 437 -45.41 -14.95 4.72
C THR D 437 -45.09 -14.87 6.21
N ILE D 438 -43.91 -15.37 6.60
CA ILE D 438 -43.41 -15.19 7.94
C ILE D 438 -42.48 -13.97 7.92
N LEU D 439 -42.21 -13.41 9.10
CA LEU D 439 -41.41 -12.20 9.23
C LEU D 439 -40.06 -12.58 9.82
N GLU D 440 -38.99 -12.18 9.13
CA GLU D 440 -37.62 -12.45 9.55
C GLU D 440 -36.73 -11.26 9.28
N GLU D 441 -35.44 -11.48 9.29
CA GLU D 441 -34.44 -10.49 8.90
C GLU D 441 -34.30 -10.65 7.38
N PRO D 442 -33.38 -9.96 6.67
CA PRO D 442 -33.81 -9.03 5.61
C PRO D 442 -34.59 -9.63 4.45
N TYR D 443 -35.75 -10.20 4.73
CA TYR D 443 -36.68 -10.60 3.70
C TYR D 443 -37.99 -9.83 3.84
N VAL D 444 -38.63 -9.94 5.00
CA VAL D 444 -39.89 -9.25 5.29
C VAL D 444 -39.79 -8.65 6.68
N LEU D 445 -39.93 -7.34 6.79
CA LEU D 445 -39.84 -6.66 8.07
C LEU D 445 -40.71 -5.40 8.03
N PHE D 446 -41.08 -4.92 9.21
CA PHE D 446 -41.92 -3.74 9.31
C PHE D 446 -41.15 -2.49 8.88
N LYS D 447 -41.91 -1.49 8.43
CA LYS D 447 -41.32 -0.18 8.21
C LYS D 447 -41.02 0.49 9.54
N LYS D 448 -39.98 1.33 9.54
CA LYS D 448 -39.63 2.13 10.72
C LYS D 448 -39.94 3.57 10.33
N SER D 449 -41.17 4.00 10.63
CA SER D 449 -41.65 5.33 10.27
C SER D 449 -42.76 5.70 11.25
N ASP D 450 -43.48 6.78 10.92
CA ASP D 450 -44.61 7.23 11.71
C ASP D 450 -45.91 6.69 11.10
N LYS D 451 -47.04 7.19 11.62
CA LYS D 451 -48.39 6.84 11.20
C LYS D 451 -48.67 5.33 11.26
N PRO D 452 -48.78 4.75 12.48
CA PRO D 452 -48.85 3.27 12.57
C PRO D 452 -50.25 2.74 12.28
N LEU D 453 -50.68 2.85 11.02
CA LEU D 453 -52.02 2.39 10.66
C LEU D 453 -52.07 1.65 9.32
N TYR D 454 -50.94 1.64 8.59
CA TYR D 454 -50.87 1.57 7.13
C TYR D 454 -51.72 0.53 6.42
N GLY D 455 -51.39 -0.76 6.59
CA GLY D 455 -52.10 -1.81 5.88
C GLY D 455 -51.56 -1.96 4.46
N ASN D 456 -51.11 -3.17 4.09
CA ASN D 456 -50.57 -3.54 2.77
C ASN D 456 -49.31 -2.72 2.39
N ASP D 457 -48.76 -1.97 3.34
CA ASP D 457 -47.46 -1.33 3.21
C ASP D 457 -46.72 -1.54 4.52
N ARG D 458 -47.26 -2.36 5.40
CA ARG D 458 -46.73 -2.66 6.72
C ARG D 458 -45.51 -3.55 6.66
N PHE D 459 -45.21 -4.14 5.51
CA PHE D 459 -44.08 -5.05 5.34
C PHE D 459 -43.22 -4.58 4.18
N GLU D 460 -41.90 -4.62 4.35
CA GLU D 460 -40.99 -4.27 3.26
C GLU D 460 -39.67 -5.00 3.48
N GLY D 461 -38.95 -5.22 2.38
CA GLY D 461 -37.68 -5.91 2.46
C GLY D 461 -37.26 -6.41 1.09
N TYR D 462 -36.31 -7.36 1.10
CA TYR D 462 -35.90 -8.03 -0.14
C TYR D 462 -37.04 -8.83 -0.73
N CYS D 463 -37.65 -9.69 0.08
CA CYS D 463 -38.71 -10.57 -0.38
C CYS D 463 -39.95 -9.79 -0.81
N ILE D 464 -40.17 -8.62 -0.21
CA ILE D 464 -41.23 -7.73 -0.66
C ILE D 464 -40.83 -7.07 -1.97
N ASP D 465 -39.54 -6.73 -2.13
CA ASP D 465 -39.07 -6.18 -3.39
C ASP D 465 -39.09 -7.20 -4.50
N LEU D 466 -39.03 -8.49 -4.16
CA LEU D 466 -39.22 -9.52 -5.16
C LEU D 466 -40.63 -9.51 -5.71
N LEU D 467 -41.63 -9.32 -4.83
CA LEU D 467 -43.03 -9.35 -5.25
C LEU D 467 -43.39 -8.19 -6.14
N ARG D 468 -42.70 -7.06 -6.03
CA ARG D 468 -43.05 -5.89 -6.82
C ARG D 468 -42.79 -6.12 -8.30
N GLU D 469 -41.73 -6.86 -8.63
CA GLU D 469 -41.54 -7.27 -10.01
C GLU D 469 -42.33 -8.51 -10.35
N LEU D 470 -42.77 -9.28 -9.36
CA LEU D 470 -43.62 -10.43 -9.64
C LEU D 470 -45.01 -10.00 -10.09
N SER D 471 -45.55 -8.94 -9.49
CA SER D 471 -46.83 -8.44 -9.98
C SER D 471 -46.70 -7.63 -11.26
N THR D 472 -45.50 -7.21 -11.61
CA THR D 472 -45.32 -6.41 -12.82
C THR D 472 -45.47 -7.26 -14.08
N ILE D 473 -44.72 -8.36 -14.16
CA ILE D 473 -44.78 -9.21 -15.34
C ILE D 473 -46.08 -10.02 -15.34
N LEU D 474 -46.32 -10.78 -14.29
CA LEU D 474 -47.56 -11.53 -14.13
C LEU D 474 -48.53 -10.69 -13.31
N GLY D 475 -49.68 -10.35 -13.88
CA GLY D 475 -50.58 -9.43 -13.23
C GLY D 475 -51.46 -10.03 -12.15
N PHE D 476 -51.34 -9.54 -10.91
CA PHE D 476 -52.19 -9.95 -9.81
C PHE D 476 -52.15 -8.85 -8.74
N THR D 477 -52.90 -9.04 -7.66
CA THR D 477 -53.04 -8.05 -6.60
C THR D 477 -52.82 -8.69 -5.24
N TYR D 478 -52.40 -7.87 -4.26
CA TYR D 478 -51.91 -8.36 -2.98
C TYR D 478 -52.92 -8.34 -1.84
N GLU D 479 -52.79 -9.29 -0.91
CA GLU D 479 -53.38 -9.15 0.41
C GLU D 479 -52.45 -9.76 1.45
N ILE D 480 -51.20 -9.29 1.53
CA ILE D 480 -50.14 -9.91 2.34
C ILE D 480 -50.55 -10.10 3.80
N ARG D 481 -50.60 -11.36 4.21
CA ARG D 481 -50.97 -11.70 5.56
C ARG D 481 -49.74 -12.26 6.25
N LEU D 482 -49.75 -12.36 7.56
CA LEU D 482 -48.68 -13.00 8.29
C LEU D 482 -49.26 -14.20 8.99
N VAL D 483 -48.48 -15.28 9.06
CA VAL D 483 -48.99 -16.55 9.57
C VAL D 483 -49.18 -16.46 11.09
N GLU D 484 -50.35 -16.90 11.55
CA GLU D 484 -50.78 -16.71 12.92
C GLU D 484 -49.98 -17.53 13.92
N ASP D 485 -49.35 -18.61 13.48
CA ASP D 485 -48.62 -19.54 14.34
C ASP D 485 -47.19 -19.66 13.86
N GLY D 486 -46.53 -18.49 13.74
CA GLY D 486 -45.40 -18.29 12.86
C GLY D 486 -44.20 -19.20 13.00
N LYS D 487 -44.13 -20.13 12.04
CA LYS D 487 -43.06 -21.09 11.85
C LYS D 487 -42.98 -21.33 10.35
N TYR D 488 -42.00 -22.11 9.93
CA TYR D 488 -41.95 -22.48 8.51
C TYR D 488 -42.87 -23.66 8.22
N GLY D 489 -42.60 -24.79 8.86
CA GLY D 489 -43.46 -25.95 8.71
C GLY D 489 -42.75 -27.26 8.97
N ALA D 490 -43.43 -28.19 9.64
CA ALA D 490 -42.87 -29.49 9.93
C ALA D 490 -44.01 -30.46 10.21
N GLN D 491 -43.64 -31.70 10.52
CA GLN D 491 -44.60 -32.72 10.89
C GLN D 491 -45.09 -32.52 12.32
N ASP D 492 -46.00 -33.40 12.74
CA ASP D 492 -46.38 -33.54 14.13
C ASP D 492 -45.84 -34.82 14.75
N ASP D 493 -45.65 -35.86 13.93
CA ASP D 493 -45.20 -37.22 14.24
C ASP D 493 -46.20 -38.03 15.05
N VAL D 494 -47.32 -37.43 15.46
CA VAL D 494 -48.42 -38.14 16.09
C VAL D 494 -49.72 -37.99 15.30
N ASN D 495 -49.95 -36.81 14.73
CA ASN D 495 -51.14 -36.54 13.94
C ASN D 495 -50.81 -36.15 12.51
N GLY D 496 -49.53 -36.13 12.15
CA GLY D 496 -49.10 -35.64 10.85
C GLY D 496 -49.06 -34.13 10.87
N GLN D 497 -50.24 -33.52 10.72
CA GLN D 497 -50.65 -32.21 11.25
C GLN D 497 -49.61 -31.10 11.10
N TRP D 498 -49.41 -30.64 9.86
CA TRP D 498 -48.45 -29.61 9.52
C TRP D 498 -48.61 -28.29 10.29
N ASN D 499 -47.58 -27.46 10.27
CA ASN D 499 -47.61 -26.17 10.94
C ASN D 499 -47.10 -25.10 9.98
N GLY D 500 -47.05 -23.87 10.47
CA GLY D 500 -46.41 -22.79 9.74
C GLY D 500 -47.17 -22.36 8.50
N MET D 501 -46.41 -22.01 7.47
CA MET D 501 -47.02 -21.53 6.23
C MET D 501 -47.66 -22.67 5.45
N VAL D 502 -46.97 -23.82 5.35
CA VAL D 502 -47.40 -24.89 4.47
C VAL D 502 -48.63 -25.62 4.98
N ARG D 503 -49.01 -25.43 6.23
CA ARG D 503 -50.30 -25.93 6.70
C ARG D 503 -51.44 -25.14 6.06
N GLU D 504 -51.20 -23.86 5.77
CA GLU D 504 -52.23 -23.03 5.16
C GLU D 504 -52.38 -23.30 3.67
N LEU D 505 -51.31 -23.75 3.01
CA LEU D 505 -51.37 -23.99 1.57
C LEU D 505 -52.14 -25.26 1.24
N ILE D 506 -52.26 -26.18 2.21
CA ILE D 506 -53.02 -27.41 1.97
C ILE D 506 -54.51 -27.11 1.93
N ASP D 507 -55.01 -26.36 2.90
CA ASP D 507 -56.44 -26.13 3.03
C ASP D 507 -56.98 -25.06 2.09
N HIS D 508 -56.12 -24.50 1.23
CA HIS D 508 -56.47 -23.44 0.27
C HIS D 508 -57.00 -22.19 0.95
N LYS D 509 -56.60 -21.96 2.21
CA LYS D 509 -56.87 -20.70 2.89
C LYS D 509 -55.82 -19.65 2.58
N ALA D 510 -55.01 -19.88 1.55
CA ALA D 510 -53.87 -19.03 1.26
C ALA D 510 -53.56 -19.15 -0.22
N ASP D 511 -52.40 -18.66 -0.60
CA ASP D 511 -51.94 -18.58 -1.97
C ASP D 511 -50.43 -18.71 -1.96
N LEU D 512 -49.78 -18.15 -2.98
CA LEU D 512 -48.33 -17.99 -3.09
C LEU D 512 -47.69 -17.59 -1.76
N ALA D 513 -46.60 -18.26 -1.42
CA ALA D 513 -46.05 -18.16 -0.07
C ALA D 513 -44.61 -17.69 -0.13
N VAL D 514 -44.37 -16.58 -0.84
CA VAL D 514 -43.03 -16.06 -1.11
C VAL D 514 -42.38 -15.64 0.20
N ALA D 515 -41.33 -16.35 0.58
CA ALA D 515 -40.77 -16.30 1.93
C ALA D 515 -39.40 -16.96 1.90
N PRO D 516 -38.61 -16.98 3.01
CA PRO D 516 -37.45 -17.87 3.11
C PRO D 516 -37.81 -19.33 3.33
N LEU D 517 -38.61 -19.89 2.43
CA LEU D 517 -39.02 -21.28 2.53
C LEU D 517 -38.10 -22.15 1.70
N ALA D 518 -37.64 -23.24 2.29
CA ALA D 518 -36.60 -24.05 1.67
C ALA D 518 -37.20 -25.31 1.07
N ILE D 519 -36.67 -25.72 -0.08
CA ILE D 519 -37.14 -26.92 -0.76
C ILE D 519 -36.59 -28.14 -0.05
N THR D 520 -37.47 -29.05 0.36
CA THR D 520 -37.08 -30.26 1.04
C THR D 520 -37.99 -31.38 0.53
N TYR D 521 -37.44 -32.61 0.50
CA TYR D 521 -38.16 -33.78 0.00
C TYR D 521 -39.50 -34.01 0.68
N VAL D 522 -39.60 -33.68 1.98
CA VAL D 522 -40.86 -33.89 2.68
C VAL D 522 -41.89 -32.87 2.24
N ARG D 523 -41.45 -31.62 2.03
CA ARG D 523 -42.38 -30.57 1.67
C ARG D 523 -42.87 -30.71 0.23
N GLU D 524 -41.99 -31.18 -0.67
CA GLU D 524 -42.34 -31.25 -2.08
C GLU D 524 -43.36 -32.33 -2.36
N LYS D 525 -43.40 -33.38 -1.53
CA LYS D 525 -44.41 -34.42 -1.67
C LYS D 525 -45.80 -33.96 -1.29
N VAL D 526 -45.94 -32.78 -0.69
CA VAL D 526 -47.23 -32.27 -0.23
C VAL D 526 -47.75 -31.15 -1.11
N ILE D 527 -47.02 -30.03 -1.18
CA ILE D 527 -47.64 -28.92 -1.90
C ILE D 527 -47.15 -28.74 -3.34
N ASP D 528 -46.04 -28.01 -3.54
CA ASP D 528 -45.32 -27.70 -4.77
C ASP D 528 -44.22 -26.71 -4.43
N PHE D 529 -43.28 -26.50 -5.33
CA PHE D 529 -42.39 -25.36 -5.27
C PHE D 529 -42.09 -24.88 -6.69
N SER D 530 -41.66 -23.63 -6.78
CA SER D 530 -41.13 -23.12 -8.03
C SER D 530 -39.67 -23.51 -8.14
N LYS D 531 -39.05 -23.12 -9.23
CA LYS D 531 -37.62 -23.33 -9.29
C LYS D 531 -36.91 -22.24 -8.49
N PRO D 532 -35.79 -22.56 -7.86
CA PRO D 532 -35.25 -21.69 -6.82
C PRO D 532 -34.68 -20.37 -7.34
N PHE D 533 -34.79 -19.36 -6.47
CA PHE D 533 -34.35 -18.01 -6.78
C PHE D 533 -33.19 -17.56 -5.91
N MET D 534 -32.69 -18.43 -5.03
CA MET D 534 -31.52 -18.11 -4.22
C MET D 534 -30.89 -19.41 -3.76
N THR D 535 -29.60 -19.54 -3.98
CA THR D 535 -28.86 -20.72 -3.57
C THR D 535 -28.17 -20.48 -2.24
N LEU D 536 -28.04 -21.54 -1.45
CA LEU D 536 -27.47 -21.43 -0.11
C LEU D 536 -27.02 -22.80 0.35
N GLY D 537 -26.13 -22.79 1.33
CA GLY D 537 -25.62 -24.00 1.93
C GLY D 537 -25.27 -23.74 3.38
N ILE D 538 -24.63 -24.72 3.99
CA ILE D 538 -24.19 -24.61 5.39
C ILE D 538 -22.71 -24.28 5.38
N SER D 539 -22.33 -23.22 6.07
CA SER D 539 -20.92 -22.87 6.23
C SER D 539 -20.69 -22.38 7.65
N ILE D 540 -19.45 -21.97 7.92
CA ILE D 540 -18.96 -21.82 9.28
C ILE D 540 -18.74 -20.35 9.58
N LEU D 541 -19.35 -19.85 10.65
CA LEU D 541 -19.10 -18.52 11.16
C LEU D 541 -18.10 -18.61 12.30
N TYR D 542 -17.19 -17.64 12.37
CA TYR D 542 -16.09 -17.67 13.33
C TYR D 542 -15.54 -16.26 13.49
N ARG D 543 -14.85 -16.04 14.60
CA ARG D 543 -14.22 -14.75 14.88
C ARG D 543 -13.14 -14.44 13.85
N LYS D 544 -13.09 -13.18 13.42
CA LYS D 544 -12.03 -12.75 12.51
C LYS D 544 -10.69 -12.81 13.22
N PRO D 545 -9.62 -13.23 12.53
CA PRO D 545 -8.28 -13.21 13.14
C PRO D 545 -7.85 -11.81 13.48
N ASN D 546 -7.60 -11.58 14.77
CA ASN D 546 -7.47 -10.21 15.29
C ASN D 546 -6.03 -9.72 15.18
N GLY D 547 -5.10 -10.47 15.72
CA GLY D 547 -3.70 -10.11 15.70
C GLY D 547 -3.22 -9.32 16.90
N THR D 548 -3.84 -9.50 18.06
CA THR D 548 -3.47 -8.75 19.27
C THR D 548 -3.00 -9.73 20.35
N ASN D 549 -2.58 -10.91 19.91
CA ASN D 549 -1.86 -11.89 20.73
C ASN D 549 -0.92 -12.67 19.82
N PRO D 550 0.20 -12.09 19.38
CA PRO D 550 1.06 -12.80 18.42
C PRO D 550 1.93 -13.86 19.06
N GLY D 551 1.94 -13.96 20.38
CA GLY D 551 2.89 -14.84 21.03
C GLY D 551 4.00 -14.00 21.62
N VAL D 552 4.53 -14.44 22.76
CA VAL D 552 5.52 -13.64 23.45
C VAL D 552 6.88 -13.78 22.79
N PHE D 553 7.14 -14.91 22.11
CA PHE D 553 8.35 -15.07 21.32
C PHE D 553 8.02 -14.79 19.87
N SER D 554 7.68 -13.54 19.59
CA SER D 554 7.32 -13.14 18.25
C SER D 554 8.49 -12.64 17.43
N PHE D 555 9.60 -12.29 18.06
CA PHE D 555 10.75 -11.76 17.35
C PHE D 555 11.53 -12.81 16.58
N LEU D 556 11.24 -14.10 16.76
CA LEU D 556 11.93 -15.13 16.00
C LEU D 556 11.40 -15.19 14.57
N ASN D 557 10.20 -14.67 14.34
CA ASN D 557 9.50 -14.80 13.07
C ASN D 557 10.19 -14.27 11.80
N PRO D 558 11.00 -13.20 11.79
CA PRO D 558 11.59 -12.78 10.52
C PRO D 558 12.59 -13.76 9.92
N LEU D 559 13.19 -14.63 10.70
CA LEU D 559 14.05 -15.65 10.14
C LEU D 559 13.44 -17.03 10.32
N SER D 560 13.75 -17.92 9.39
CA SER D 560 13.29 -19.30 9.50
C SER D 560 14.03 -20.00 10.64
N PRO D 561 13.36 -20.93 11.33
CA PRO D 561 14.03 -21.64 12.44
C PRO D 561 15.13 -22.58 12.00
N ASP D 562 15.30 -22.83 10.71
CA ASP D 562 16.51 -23.50 10.24
C ASP D 562 17.72 -22.59 10.41
N ILE D 563 17.57 -21.30 10.09
CA ILE D 563 18.68 -20.36 10.08
C ILE D 563 19.12 -20.03 11.50
N TRP D 564 18.17 -19.93 12.44
CA TRP D 564 18.54 -19.76 13.83
C TRP D 564 19.32 -20.94 14.36
N MET D 565 19.03 -22.14 13.86
CA MET D 565 19.89 -23.28 14.18
C MET D 565 21.21 -23.20 13.43
N TYR D 566 21.21 -22.60 12.24
CA TYR D 566 22.41 -22.63 11.41
C TYR D 566 23.45 -21.61 11.85
N VAL D 567 23.04 -20.49 12.43
CA VAL D 567 24.04 -19.53 12.87
C VAL D 567 24.72 -20.00 14.14
N LEU D 568 24.05 -20.79 14.97
CA LEU D 568 24.74 -21.40 16.11
C LEU D 568 25.71 -22.46 15.64
N LEU D 569 25.35 -23.22 14.60
CA LEU D 569 26.29 -24.17 14.03
C LEU D 569 27.41 -23.45 13.29
N ALA D 570 27.16 -22.22 12.85
CA ALA D 570 28.24 -21.43 12.29
C ALA D 570 29.13 -20.84 13.38
N CYS D 571 28.53 -20.28 14.43
CA CYS D 571 29.30 -19.61 15.47
C CYS D 571 30.09 -20.60 16.30
N LEU D 572 29.51 -21.78 16.58
CA LEU D 572 30.30 -22.84 17.16
C LEU D 572 31.27 -23.41 16.15
N GLY D 573 30.97 -23.30 14.86
CA GLY D 573 31.81 -23.84 13.83
C GLY D 573 33.03 -23.01 13.54
N VAL D 574 32.82 -21.70 13.31
CA VAL D 574 33.91 -20.81 12.92
C VAL D 574 34.90 -20.63 14.06
N SER D 575 34.42 -20.63 15.31
CA SER D 575 35.29 -20.51 16.46
C SER D 575 36.22 -21.72 16.60
N CYS D 576 35.74 -22.91 16.24
CA CYS D 576 36.61 -24.08 16.27
C CYS D 576 37.67 -24.00 15.18
N VAL D 577 37.33 -23.46 14.02
CA VAL D 577 38.31 -23.34 12.96
C VAL D 577 39.25 -22.19 13.25
N LEU D 578 38.77 -21.20 14.01
CA LEU D 578 39.63 -20.12 14.47
C LEU D 578 40.69 -20.64 15.43
N PHE D 579 40.32 -21.61 16.26
CA PHE D 579 41.23 -22.16 17.24
C PHE D 579 42.31 -23.03 16.60
N VAL D 580 41.98 -23.72 15.51
CA VAL D 580 42.96 -24.57 14.84
C VAL D 580 44.01 -23.74 14.13
N ILE D 581 43.56 -22.71 13.40
CA ILE D 581 44.47 -21.91 12.59
C ILE D 581 45.36 -21.04 13.45
N ALA D 582 44.85 -20.60 14.61
CA ALA D 582 45.63 -19.75 15.50
C ALA D 582 46.80 -20.51 16.11
N ARG D 583 46.64 -21.81 16.31
CA ARG D 583 47.79 -22.60 16.74
C ARG D 583 48.64 -23.04 15.55
N PHE D 584 48.04 -23.18 14.38
CA PHE D 584 48.80 -23.64 13.23
C PHE D 584 49.66 -22.54 12.63
N SER D 585 49.33 -21.29 12.88
CA SER D 585 50.05 -20.19 12.23
C SER D 585 51.23 -19.76 13.07
N PRO D 586 52.44 -19.69 12.50
CA PRO D 586 53.60 -19.30 13.30
C PRO D 586 53.61 -17.82 13.64
N TYR D 587 52.97 -16.98 12.84
CA TYR D 587 52.99 -15.55 13.11
C TYR D 587 52.02 -15.15 14.21
N GLU D 588 51.17 -16.05 14.67
CA GLU D 588 50.32 -15.72 15.80
C GLU D 588 51.07 -15.82 17.12
N TRP D 589 52.12 -16.65 17.17
CA TRP D 589 52.94 -16.86 18.35
C TRP D 589 53.80 -15.62 18.57
N TYR D 590 53.19 -14.57 19.11
CA TYR D 590 53.85 -13.28 19.18
C TYR D 590 54.47 -13.08 20.57
N ASN D 591 55.05 -11.90 20.77
CA ASN D 591 55.74 -11.59 22.02
C ASN D 591 54.83 -10.78 22.92
N PRO D 592 54.51 -11.25 24.12
CA PRO D 592 53.81 -10.40 25.08
C PRO D 592 54.77 -9.44 25.77
N HIS D 593 54.24 -8.70 26.75
CA HIS D 593 54.98 -7.80 27.65
C HIS D 593 55.80 -6.77 26.88
N PRO D 594 55.17 -5.75 26.29
CA PRO D 594 55.94 -4.77 25.50
C PRO D 594 56.85 -3.90 26.33
N CYS D 595 56.62 -3.78 27.64
CA CYS D 595 57.54 -3.05 28.50
C CYS D 595 58.89 -3.76 28.61
N ASN D 596 58.90 -5.08 28.43
CA ASN D 596 60.11 -5.89 28.52
C ASN D 596 60.36 -6.63 27.21
N PRO D 597 61.20 -6.11 26.32
CA PRO D 597 61.58 -6.88 25.14
C PRO D 597 62.69 -7.89 25.44
N ASP D 598 63.10 -8.63 24.41
CA ASP D 598 64.24 -9.56 24.43
C ASP D 598 64.07 -10.65 25.49
N SER D 599 63.05 -11.48 25.29
CA SER D 599 62.74 -12.54 26.22
C SER D 599 62.47 -13.82 25.44
N ASP D 600 61.96 -14.83 26.14
CA ASP D 600 61.59 -16.11 25.54
C ASP D 600 60.08 -16.32 25.64
N VAL D 601 59.36 -15.35 26.18
CA VAL D 601 57.93 -15.48 26.43
C VAL D 601 57.17 -15.41 25.12
N VAL D 602 56.05 -16.14 25.07
CA VAL D 602 55.22 -16.20 23.87
C VAL D 602 53.80 -16.52 24.29
N GLU D 603 52.84 -15.79 23.73
CA GLU D 603 51.44 -16.06 23.97
C GLU D 603 50.73 -16.33 22.66
N ASN D 604 49.58 -16.97 22.79
CA ASN D 604 48.76 -17.45 21.69
C ASN D 604 47.31 -17.16 21.98
N ASN D 605 47.00 -15.90 22.32
CA ASN D 605 45.82 -15.43 23.06
C ASN D 605 44.50 -16.12 22.76
N PHE D 606 44.31 -16.56 21.52
CA PHE D 606 43.19 -17.42 21.18
C PHE D 606 43.32 -18.77 21.87
N THR D 607 42.56 -18.98 22.94
CA THR D 607 42.37 -20.30 23.52
C THR D 607 41.15 -20.91 22.85
N LEU D 608 40.66 -22.01 23.41
CA LEU D 608 39.34 -22.44 22.99
C LEU D 608 38.28 -21.51 23.55
N LEU D 609 38.50 -20.98 24.75
CA LEU D 609 37.52 -20.09 25.37
C LEU D 609 37.44 -18.76 24.65
N ASN D 610 38.60 -18.16 24.34
CA ASN D 610 38.60 -16.88 23.65
C ASN D 610 38.13 -16.99 22.21
N SER D 611 38.24 -18.17 21.60
CA SER D 611 37.83 -18.32 20.20
C SER D 611 36.31 -18.28 20.09
N PHE D 612 35.59 -18.89 21.03
CA PHE D 612 34.14 -18.70 21.06
C PHE D 612 33.78 -17.27 21.40
N TRP D 613 34.60 -16.61 22.22
CA TRP D 613 34.30 -15.25 22.62
C TRP D 613 34.49 -14.27 21.47
N PHE D 614 35.42 -14.54 20.57
CA PHE D 614 35.55 -13.68 19.40
C PHE D 614 34.39 -13.89 18.45
N GLY D 615 33.89 -15.12 18.33
CA GLY D 615 32.78 -15.38 17.43
C GLY D 615 31.48 -14.80 17.95
N VAL D 616 31.23 -14.96 19.25
CA VAL D 616 30.05 -14.37 19.87
C VAL D 616 30.18 -12.86 19.89
N GLY D 617 31.40 -12.36 20.09
CA GLY D 617 31.62 -10.93 20.13
C GLY D 617 31.39 -10.25 18.79
N ALA D 618 31.84 -10.89 17.72
CA ALA D 618 31.60 -10.32 16.40
C ALA D 618 30.18 -10.54 15.94
N LEU D 619 29.49 -11.54 16.48
CA LEU D 619 28.12 -11.79 16.06
C LEU D 619 27.18 -10.72 16.58
N MET D 620 27.45 -10.18 17.76
CA MET D 620 26.56 -9.23 18.39
C MET D 620 27.01 -7.79 18.16
N GLN D 621 27.87 -7.55 17.17
CA GLN D 621 28.31 -6.23 16.74
C GLN D 621 29.04 -5.45 17.82
N GLN D 622 29.65 -6.10 18.80
CA GLN D 622 30.25 -5.38 19.91
C GLN D 622 31.77 -5.37 19.88
N GLY D 623 32.39 -6.05 18.92
CA GLY D 623 33.84 -6.13 18.91
C GLY D 623 34.34 -7.03 20.03
N SER D 624 35.64 -6.94 20.28
CA SER D 624 36.25 -7.67 21.38
C SER D 624 37.50 -6.93 21.82
N GLU D 625 38.13 -7.45 22.88
CA GLU D 625 39.38 -6.89 23.38
C GLU D 625 40.59 -7.47 22.68
N LEU D 626 40.46 -8.65 22.10
CA LEU D 626 41.53 -9.23 21.31
C LEU D 626 41.18 -9.16 19.83
N MET D 627 42.20 -9.27 19.00
CA MET D 627 41.97 -9.13 17.59
C MET D 627 43.06 -9.89 16.86
N PRO D 628 42.76 -10.56 15.75
CA PRO D 628 43.79 -11.34 15.06
C PRO D 628 44.88 -10.48 14.45
N LYS D 629 46.12 -10.88 14.68
CA LYS D 629 47.24 -10.53 13.83
C LYS D 629 47.38 -11.66 12.81
N ALA D 630 48.54 -11.77 12.14
CA ALA D 630 48.94 -13.02 11.48
C ALA D 630 48.02 -13.49 10.35
N LEU D 631 48.10 -12.87 9.18
CA LEU D 631 47.13 -12.79 8.09
C LEU D 631 46.18 -13.99 7.88
N SER D 632 46.68 -15.22 8.09
CA SER D 632 45.86 -16.40 7.84
C SER D 632 44.64 -16.49 8.76
N THR D 633 44.70 -15.85 9.92
CA THR D 633 43.50 -15.70 10.74
C THR D 633 42.89 -14.32 10.65
N ARG D 634 43.34 -13.49 9.72
CA ARG D 634 42.61 -12.26 9.42
C ARG D 634 41.45 -12.52 8.48
N ILE D 635 41.60 -13.48 7.56
CA ILE D 635 40.52 -13.83 6.64
C ILE D 635 39.33 -14.40 7.41
N VAL D 636 39.60 -15.19 8.44
CA VAL D 636 38.52 -15.76 9.26
C VAL D 636 37.75 -14.66 9.97
N GLY D 637 38.47 -13.71 10.56
CA GLY D 637 37.80 -12.56 11.15
C GLY D 637 37.22 -11.64 10.10
N GLY D 638 37.78 -11.66 8.89
CA GLY D 638 37.23 -10.84 7.83
C GLY D 638 35.91 -11.40 7.32
N ILE D 639 35.88 -12.69 7.01
CA ILE D 639 34.70 -13.26 6.38
C ILE D 639 33.58 -13.48 7.39
N TRP D 640 33.90 -13.63 8.67
CA TRP D 640 32.85 -13.75 9.67
C TRP D 640 32.18 -12.43 9.94
N TRP D 641 32.92 -11.32 9.78
CA TRP D 641 32.31 -10.00 9.92
C TRP D 641 31.29 -9.74 8.83
N PHE D 642 31.64 -10.08 7.58
CA PHE D 642 30.70 -9.93 6.48
C PHE D 642 29.53 -10.90 6.59
N PHE D 643 29.71 -12.02 7.28
CA PHE D 643 28.57 -12.90 7.55
C PHE D 643 27.60 -12.23 8.50
N THR D 644 28.09 -11.57 9.55
CA THR D 644 27.19 -11.00 10.53
C THR D 644 26.52 -9.73 10.03
N LEU D 645 27.18 -9.01 9.13
CA LEU D 645 26.58 -7.78 8.61
C LEU D 645 25.37 -8.07 7.74
N ILE D 646 25.40 -9.17 7.00
CA ILE D 646 24.29 -9.52 6.14
C ILE D 646 23.10 -10.04 6.96
N ILE D 647 23.39 -10.82 8.00
CA ILE D 647 22.32 -11.43 8.80
C ILE D 647 21.55 -10.37 9.56
N ILE D 648 22.25 -9.48 10.27
CA ILE D 648 21.58 -8.48 11.10
C ILE D 648 20.88 -7.45 10.23
N SER D 649 21.42 -7.13 9.07
CA SER D 649 20.69 -6.29 8.14
C SER D 649 19.49 -7.03 7.55
N SER D 650 19.58 -8.35 7.43
CA SER D 650 18.41 -9.09 6.97
C SER D 650 17.37 -9.22 8.06
N TYR D 651 17.79 -9.31 9.32
CA TYR D 651 16.82 -9.37 10.40
C TYR D 651 16.11 -8.05 10.59
N THR D 652 16.83 -6.94 10.44
CA THR D 652 16.21 -5.63 10.62
C THR D 652 15.25 -5.32 9.48
N ALA D 653 15.62 -5.71 8.26
CA ALA D 653 14.79 -5.40 7.10
C ALA D 653 13.51 -6.24 7.10
N ASN D 654 13.62 -7.52 7.42
CA ASN D 654 12.45 -8.38 7.40
C ASN D 654 11.52 -8.09 8.56
N LEU D 655 12.05 -7.70 9.71
CA LEU D 655 11.21 -7.28 10.81
C LEU D 655 10.47 -5.99 10.47
N ALA D 656 11.09 -5.13 9.66
CA ALA D 656 10.38 -3.95 9.19
C ALA D 656 9.30 -4.32 8.19
N ALA D 657 9.43 -5.46 7.53
CA ALA D 657 8.38 -5.88 6.61
C ALA D 657 7.15 -6.39 7.34
N PHE D 658 7.34 -6.98 8.52
CA PHE D 658 6.19 -7.48 9.27
C PHE D 658 5.36 -6.35 9.84
N LEU D 659 6.02 -5.35 10.41
CA LEU D 659 5.30 -4.29 11.09
C LEU D 659 4.67 -3.30 10.12
N THR D 660 5.06 -3.35 8.85
CA THR D 660 4.42 -2.49 7.86
C THR D 660 3.13 -3.11 7.36
N VAL D 661 3.20 -4.30 6.77
CA VAL D 661 2.03 -4.97 6.25
C VAL D 661 1.79 -6.23 7.09
N GLU D 662 0.86 -6.13 8.03
CA GLU D 662 0.46 -7.30 8.81
C GLU D 662 -0.41 -8.21 7.97
N ARG D 663 -0.31 -9.50 8.23
CA ARG D 663 -1.05 -10.50 7.47
C ARG D 663 -1.50 -11.58 8.44
N MET D 664 -2.69 -11.42 9.00
CA MET D 664 -3.23 -12.39 9.94
C MET D 664 -3.94 -13.51 9.19
N GLU D 665 -4.11 -14.63 9.88
CA GLU D 665 -4.72 -15.80 9.28
C GLU D 665 -5.49 -16.57 10.35
N SER D 666 -6.35 -17.37 9.90
CA SER D 666 -7.21 -18.17 10.75
C SER D 666 -6.52 -19.47 11.14
N PRO D 667 -6.83 -19.98 12.35
CA PRO D 667 -6.35 -21.32 12.72
C PRO D 667 -6.92 -22.41 11.84
N ILE D 668 -8.25 -22.44 11.74
CA ILE D 668 -8.94 -23.40 10.89
C ILE D 668 -9.37 -22.71 9.61
N ASP D 669 -9.41 -23.47 8.52
CA ASP D 669 -9.74 -22.92 7.23
C ASP D 669 -10.89 -23.65 6.55
N SER D 670 -11.16 -24.90 6.92
CA SER D 670 -12.25 -25.64 6.31
C SER D 670 -12.89 -26.50 7.38
N ALA D 671 -13.89 -27.27 6.99
CA ALA D 671 -14.52 -28.20 7.91
C ALA D 671 -13.59 -29.35 8.26
N ASP D 672 -12.70 -29.72 7.34
CA ASP D 672 -11.72 -30.76 7.64
C ASP D 672 -10.69 -30.28 8.65
N ASP D 673 -10.32 -28.99 8.61
CA ASP D 673 -9.40 -28.46 9.60
C ASP D 673 -10.05 -28.35 10.97
N LEU D 674 -11.33 -28.00 11.01
CA LEU D 674 -12.06 -27.91 12.26
C LEU D 674 -12.47 -29.28 12.79
N ALA D 675 -12.47 -30.31 11.94
CA ALA D 675 -12.79 -31.66 12.42
C ALA D 675 -11.67 -32.21 13.29
N LYS D 676 -10.42 -31.87 12.96
CA LYS D 676 -9.28 -32.49 13.64
C LYS D 676 -9.06 -31.89 15.03
N GLN D 677 -9.20 -30.58 15.16
CA GLN D 677 -8.90 -29.92 16.42
C GLN D 677 -9.99 -30.19 17.45
N THR D 678 -9.61 -30.00 18.72
CA THR D 678 -10.56 -30.03 19.82
C THR D 678 -10.45 -28.80 20.72
N LYS D 679 -9.59 -27.84 20.38
CA LYS D 679 -9.49 -26.62 21.17
C LYS D 679 -10.69 -25.73 20.97
N ILE D 680 -10.96 -25.36 19.72
CA ILE D 680 -12.21 -24.73 19.34
C ILE D 680 -13.34 -25.76 19.42
N GLU D 681 -14.54 -25.32 19.77
CA GLU D 681 -15.67 -26.21 19.88
C GLU D 681 -16.81 -25.75 18.98
N TYR D 682 -17.67 -26.69 18.61
CA TYR D 682 -18.51 -26.56 17.43
C TYR D 682 -19.80 -25.85 17.82
N GLY D 683 -20.80 -25.89 16.93
CA GLY D 683 -22.08 -25.29 17.25
C GLY D 683 -23.15 -25.40 16.19
N ALA D 684 -24.39 -25.68 16.61
CA ALA D 684 -25.51 -25.80 15.70
C ALA D 684 -26.81 -25.59 16.45
N VAL D 685 -27.81 -25.06 15.73
CA VAL D 685 -29.13 -24.85 16.31
C VAL D 685 -29.80 -26.20 16.51
N GLU D 686 -30.34 -26.42 17.72
CA GLU D 686 -31.00 -27.67 18.04
C GLU D 686 -32.31 -27.79 17.26
N ASP D 687 -32.53 -28.97 16.68
CA ASP D 687 -33.74 -29.32 15.92
C ASP D 687 -33.95 -28.41 14.73
N GLY D 688 -32.85 -28.04 14.07
CA GLY D 688 -32.93 -27.22 12.89
C GLY D 688 -32.50 -27.98 11.66
N ALA D 689 -32.40 -27.29 10.52
CA ALA D 689 -31.97 -27.96 9.30
C ALA D 689 -30.50 -28.34 9.34
N THR D 690 -29.71 -27.64 10.15
CA THR D 690 -28.29 -27.94 10.24
C THR D 690 -28.01 -29.17 11.08
N MET D 691 -28.71 -29.30 12.22
CA MET D 691 -28.47 -30.43 13.10
C MET D 691 -28.99 -31.72 12.48
N THR D 692 -30.12 -31.65 11.78
CA THR D 692 -30.64 -32.82 11.09
C THR D 692 -29.79 -33.23 9.89
N PHE D 693 -28.95 -32.33 9.40
CA PHE D 693 -28.06 -32.71 8.31
C PHE D 693 -26.97 -33.65 8.78
N PHE D 694 -26.34 -33.34 9.91
CA PHE D 694 -25.23 -34.16 10.37
C PHE D 694 -25.67 -35.48 10.97
N LYS D 695 -26.92 -35.57 11.43
CA LYS D 695 -27.41 -36.86 11.90
C LYS D 695 -27.60 -37.83 10.75
N LYS D 696 -27.99 -37.32 9.59
CA LYS D 696 -28.22 -38.17 8.43
C LYS D 696 -26.97 -38.38 7.59
N SER D 697 -25.88 -37.68 7.89
CA SER D 697 -24.71 -37.74 7.02
C SER D 697 -23.97 -39.06 7.18
N LYS D 698 -23.20 -39.40 6.14
CA LYS D 698 -22.38 -40.60 6.14
C LYS D 698 -20.96 -40.32 5.69
N ILE D 699 -20.59 -39.05 5.53
CA ILE D 699 -19.21 -38.71 5.25
C ILE D 699 -18.39 -38.91 6.52
N SER D 700 -17.16 -39.40 6.35
CA SER D 700 -16.32 -39.76 7.51
C SER D 700 -15.92 -38.53 8.32
N THR D 701 -15.79 -37.38 7.66
CA THR D 701 -15.49 -36.15 8.39
C THR D 701 -16.67 -35.72 9.25
N TYR D 702 -17.86 -35.70 8.65
CA TYR D 702 -19.02 -35.16 9.33
C TYR D 702 -19.55 -36.11 10.39
N ASP D 703 -19.33 -37.41 10.22
CA ASP D 703 -19.71 -38.38 11.23
C ASP D 703 -18.85 -38.23 12.47
N LYS D 704 -17.60 -37.81 12.30
CA LYS D 704 -16.79 -37.41 13.45
C LYS D 704 -17.36 -36.16 14.10
N MET D 705 -17.90 -35.24 13.30
CA MET D 705 -18.44 -34.01 13.86
C MET D 705 -19.74 -34.24 14.59
N TRP D 706 -20.55 -35.19 14.13
CA TRP D 706 -21.77 -35.51 14.87
C TRP D 706 -21.46 -36.31 16.13
N ALA D 707 -20.37 -37.09 16.12
CA ALA D 707 -19.95 -37.78 17.33
C ALA D 707 -19.49 -36.80 18.40
N PHE D 708 -19.05 -35.61 17.99
CA PHE D 708 -18.71 -34.58 18.96
C PHE D 708 -19.96 -34.02 19.62
N MET D 709 -20.95 -33.63 18.81
CA MET D 709 -22.10 -32.88 19.32
C MET D 709 -23.04 -33.75 20.13
N SER D 710 -23.08 -35.05 19.84
CA SER D 710 -23.93 -35.94 20.63
C SER D 710 -23.37 -36.13 22.03
N SER D 711 -22.05 -36.10 22.16
CA SER D 711 -21.42 -36.24 23.48
C SER D 711 -21.65 -34.98 24.31
N ARG D 712 -21.49 -33.81 23.71
CA ARG D 712 -21.47 -32.55 24.43
C ARG D 712 -22.74 -31.73 24.19
N ARG D 713 -23.88 -32.41 24.11
CA ARG D 713 -25.18 -31.77 24.05
C ARG D 713 -25.42 -30.94 25.32
N GLN D 714 -26.28 -29.92 25.19
CA GLN D 714 -26.66 -28.92 26.19
C GLN D 714 -25.52 -28.00 26.57
N SER D 715 -24.41 -28.03 25.84
CA SER D 715 -23.30 -27.12 26.11
C SER D 715 -22.87 -26.43 24.82
N VAL D 716 -23.01 -27.12 23.69
CA VAL D 716 -22.63 -26.55 22.40
C VAL D 716 -23.81 -26.37 21.47
N LEU D 717 -24.93 -27.04 21.69
CA LEU D 717 -26.11 -26.91 20.85
C LEU D 717 -26.94 -25.74 21.37
N VAL D 718 -26.90 -24.62 20.65
CA VAL D 718 -27.65 -23.45 21.01
C VAL D 718 -29.15 -23.71 20.77
N LYS D 719 -29.99 -22.84 21.31
CA LYS D 719 -31.43 -22.97 21.15
C LYS D 719 -32.03 -21.96 20.19
N SER D 720 -31.25 -21.00 19.69
CA SER D 720 -31.74 -20.01 18.75
C SER D 720 -30.58 -19.45 17.97
N ASN D 721 -30.89 -18.81 16.84
CA ASN D 721 -29.85 -18.21 16.02
C ASN D 721 -29.18 -17.05 16.72
N GLU D 722 -29.98 -16.16 17.32
CA GLU D 722 -29.43 -14.93 17.90
C GLU D 722 -28.56 -15.22 19.12
N GLU D 723 -28.89 -16.27 19.87
CA GLU D 723 -28.01 -16.72 20.94
C GLU D 723 -26.74 -17.36 20.36
N GLY D 724 -26.81 -17.83 19.12
CA GLY D 724 -25.65 -18.49 18.52
C GLY D 724 -24.53 -17.53 18.15
N ILE D 725 -24.88 -16.33 17.70
CA ILE D 725 -23.85 -15.33 17.42
C ILE D 725 -23.17 -14.90 18.71
N GLN D 726 -23.93 -14.81 19.80
CA GLN D 726 -23.38 -14.41 21.09
C GLN D 726 -22.39 -15.43 21.64
N ARG D 727 -22.56 -16.71 21.28
CA ARG D 727 -21.56 -17.70 21.67
C ARG D 727 -20.26 -17.49 20.91
N VAL D 728 -20.34 -17.09 19.64
CA VAL D 728 -19.13 -16.75 18.89
C VAL D 728 -18.54 -15.46 19.42
N LEU D 729 -19.39 -14.45 19.61
CA LEU D 729 -18.91 -13.11 19.90
C LEU D 729 -18.34 -13.00 21.32
N THR D 730 -18.77 -13.85 22.23
CA THR D 730 -18.16 -13.86 23.56
C THR D 730 -17.07 -14.92 23.68
N SER D 731 -17.43 -16.19 23.54
CA SER D 731 -16.50 -17.26 23.85
C SER D 731 -15.69 -17.67 22.63
N ASP D 732 -14.82 -18.65 22.83
CA ASP D 732 -14.13 -19.33 21.74
C ASP D 732 -15.02 -20.44 21.22
N TYR D 733 -15.44 -20.31 19.97
CA TYR D 733 -16.63 -21.03 19.51
C TYR D 733 -16.68 -20.95 17.99
N ALA D 734 -17.38 -21.90 17.39
CA ALA D 734 -17.61 -21.90 15.95
C ALA D 734 -19.08 -22.24 15.72
N PHE D 735 -19.69 -21.62 14.72
CA PHE D 735 -21.12 -21.76 14.53
C PHE D 735 -21.43 -22.13 13.09
N LEU D 736 -22.48 -22.94 12.91
CA LEU D 736 -22.83 -23.50 11.61
C LEU D 736 -24.30 -23.21 11.32
N MET D 737 -24.56 -22.21 10.50
CA MET D 737 -25.90 -21.87 10.06
C MET D 737 -25.92 -21.84 8.53
N GLU D 738 -27.01 -21.38 7.96
CA GLU D 738 -27.12 -21.27 6.52
C GLU D 738 -26.25 -20.13 6.01
N SER D 739 -25.85 -20.24 4.73
CA SER D 739 -24.82 -19.34 4.22
C SER D 739 -25.36 -17.94 3.95
N THR D 740 -26.65 -17.80 3.66
CA THR D 740 -27.19 -16.46 3.42
C THR D 740 -27.26 -15.66 4.71
N THR D 741 -27.62 -16.31 5.81
CA THR D 741 -27.68 -15.62 7.09
C THR D 741 -26.29 -15.23 7.56
N ILE D 742 -25.27 -15.99 7.18
CA ILE D 742 -23.89 -15.57 7.44
C ILE D 742 -23.55 -14.32 6.63
N GLU D 743 -23.91 -14.30 5.34
CA GLU D 743 -23.51 -13.20 4.47
C GLU D 743 -24.19 -11.89 4.81
N PHE D 744 -25.24 -11.90 5.63
CA PHE D 744 -25.79 -10.64 6.14
C PHE D 744 -25.09 -10.20 7.42
N VAL D 745 -24.86 -11.15 8.33
CA VAL D 745 -24.28 -10.82 9.63
C VAL D 745 -22.84 -10.36 9.48
N THR D 746 -22.10 -10.99 8.56
CA THR D 746 -20.72 -10.57 8.33
C THR D 746 -20.62 -9.22 7.65
N GLN D 747 -21.70 -8.72 7.04
CA GLN D 747 -21.67 -7.36 6.54
C GLN D 747 -22.02 -6.36 7.64
N ARG D 748 -22.88 -6.76 8.58
CA ARG D 748 -23.24 -5.86 9.67
C ARG D 748 -22.09 -5.73 10.66
N ASN D 749 -21.70 -6.83 11.29
CA ASN D 749 -20.61 -6.80 12.24
C ASN D 749 -19.29 -7.02 11.52
N CYS D 750 -18.23 -6.42 12.06
CA CYS D 750 -16.90 -6.61 11.54
C CYS D 750 -16.05 -7.53 12.40
N ASN D 751 -16.60 -8.05 13.51
CA ASN D 751 -15.81 -8.92 14.36
C ASN D 751 -15.61 -10.30 13.76
N LEU D 752 -16.47 -10.71 12.82
CA LEU D 752 -16.58 -12.12 12.46
C LEU D 752 -16.74 -12.29 10.95
N THR D 753 -16.24 -13.41 10.43
CA THR D 753 -16.24 -13.71 9.00
C THR D 753 -16.81 -15.11 8.75
N GLN D 754 -16.73 -15.52 7.49
CA GLN D 754 -17.11 -16.85 7.04
C GLN D 754 -15.86 -17.67 6.78
N ILE D 755 -15.87 -18.92 7.22
CA ILE D 755 -14.72 -19.79 7.08
C ILE D 755 -15.12 -20.96 6.20
N GLY D 756 -14.48 -21.08 5.05
CA GLY D 756 -14.65 -22.24 4.19
C GLY D 756 -15.69 -22.03 3.12
N GLY D 757 -15.96 -23.09 2.38
CA GLY D 757 -16.95 -23.10 1.35
C GLY D 757 -18.27 -23.63 1.84
N LEU D 758 -19.18 -23.83 0.89
CA LEU D 758 -20.50 -24.34 1.23
C LEU D 758 -20.45 -25.85 1.37
N ILE D 759 -21.07 -26.36 2.43
CA ILE D 759 -21.09 -27.80 2.64
C ILE D 759 -22.23 -28.45 1.88
N ASP D 760 -23.46 -28.06 2.21
CA ASP D 760 -24.65 -28.62 1.60
C ASP D 760 -25.06 -27.71 0.44
N SER D 761 -26.17 -28.04 -0.21
CA SER D 761 -26.74 -27.15 -1.21
C SER D 761 -28.26 -27.31 -1.18
N LYS D 762 -28.95 -26.22 -0.89
CA LYS D 762 -30.40 -26.20 -0.91
C LYS D 762 -30.84 -24.86 -1.51
N GLY D 763 -32.14 -24.65 -1.59
CA GLY D 763 -32.65 -23.48 -2.29
C GLY D 763 -33.88 -22.93 -1.62
N TYR D 764 -34.10 -21.64 -1.84
CA TYR D 764 -35.33 -20.97 -1.45
C TYR D 764 -36.29 -20.94 -2.62
N GLY D 765 -37.58 -21.09 -2.33
CA GLY D 765 -38.54 -21.21 -3.41
C GLY D 765 -39.93 -20.74 -3.08
N VAL D 766 -40.63 -20.22 -4.08
CA VAL D 766 -41.97 -19.70 -3.92
C VAL D 766 -42.94 -20.86 -3.70
N GLY D 767 -43.62 -20.86 -2.55
CA GLY D 767 -44.60 -21.88 -2.29
C GLY D 767 -45.84 -21.71 -3.15
N THR D 768 -46.56 -22.81 -3.33
CA THR D 768 -47.73 -22.88 -4.20
C THR D 768 -48.54 -24.11 -3.80
N PRO D 769 -49.87 -23.99 -3.70
CA PRO D 769 -50.69 -25.18 -3.40
C PRO D 769 -50.63 -26.21 -4.52
N MET D 770 -50.99 -27.44 -4.15
CA MET D 770 -50.81 -28.61 -5.02
C MET D 770 -51.75 -28.53 -6.21
N GLY D 771 -51.19 -28.26 -7.38
CA GLY D 771 -51.95 -28.24 -8.61
C GLY D 771 -52.28 -26.86 -9.13
N SER D 772 -51.88 -25.81 -8.42
CA SER D 772 -52.19 -24.46 -8.88
C SER D 772 -51.32 -24.11 -10.08
N PRO D 773 -51.89 -23.44 -11.08
CA PRO D 773 -51.12 -23.11 -12.29
C PRO D 773 -50.13 -21.98 -12.10
N TYR D 774 -50.10 -21.33 -10.94
CA TYR D 774 -49.14 -20.27 -10.70
C TYR D 774 -47.72 -20.78 -10.50
N ARG D 775 -47.54 -22.09 -10.36
CA ARG D 775 -46.19 -22.65 -10.26
C ARG D 775 -45.41 -22.43 -11.53
N ASP D 776 -45.98 -22.81 -12.67
CA ASP D 776 -45.27 -22.70 -13.93
C ASP D 776 -45.18 -21.26 -14.43
N LYS D 777 -46.05 -20.38 -13.94
CA LYS D 777 -46.02 -18.99 -14.37
C LYS D 777 -44.85 -18.26 -13.72
N ILE D 778 -44.67 -18.44 -12.41
CA ILE D 778 -43.57 -17.80 -11.71
C ILE D 778 -42.24 -18.40 -12.13
N THR D 779 -42.24 -19.68 -12.51
CA THR D 779 -41.02 -20.34 -12.99
C THR D 779 -40.50 -19.68 -14.26
N ILE D 780 -41.40 -19.32 -15.18
CA ILE D 780 -41.04 -18.47 -16.30
C ILE D 780 -40.58 -17.10 -15.81
N ALA D 781 -41.26 -16.58 -14.77
CA ALA D 781 -41.02 -15.21 -14.35
C ALA D 781 -39.66 -15.04 -13.67
N ILE D 782 -39.27 -15.99 -12.83
CA ILE D 782 -38.01 -15.89 -12.11
C ILE D 782 -36.84 -15.99 -13.09
N LEU D 783 -36.96 -16.85 -14.11
CA LEU D 783 -35.94 -16.92 -15.14
C LEU D 783 -35.88 -15.66 -15.98
N GLN D 784 -36.99 -14.93 -16.10
CA GLN D 784 -36.96 -13.66 -16.81
C GLN D 784 -36.15 -12.63 -16.04
N LEU D 785 -36.43 -12.50 -14.73
CA LEU D 785 -35.72 -11.53 -13.91
C LEU D 785 -34.25 -11.86 -13.75
N GLN D 786 -33.88 -13.13 -13.92
CA GLN D 786 -32.49 -13.52 -13.83
C GLN D 786 -31.69 -12.98 -15.01
N GLU D 787 -32.34 -12.82 -16.16
CA GLU D 787 -31.60 -12.49 -17.38
C GLU D 787 -31.11 -11.05 -17.37
N GLU D 788 -31.91 -10.11 -16.87
CA GLU D 788 -31.41 -8.76 -16.71
C GLU D 788 -30.48 -8.66 -15.51
N GLY D 789 -30.67 -9.52 -14.52
CA GLY D 789 -29.85 -9.48 -13.34
C GLY D 789 -30.57 -8.78 -12.21
N LYS D 790 -31.90 -8.77 -12.28
CA LYS D 790 -32.69 -8.10 -11.24
C LYS D 790 -32.59 -8.81 -9.91
N LEU D 791 -32.35 -10.12 -9.91
CA LEU D 791 -32.09 -10.81 -8.65
C LEU D 791 -30.77 -10.36 -8.04
N HIS D 792 -29.75 -10.20 -8.87
CA HIS D 792 -28.44 -9.78 -8.36
C HIS D 792 -28.46 -8.32 -7.92
N MET D 793 -29.21 -7.48 -8.63
CA MET D 793 -29.33 -6.09 -8.23
C MET D 793 -30.07 -5.94 -6.91
N MET D 794 -31.07 -6.78 -6.66
CA MET D 794 -31.80 -6.69 -5.39
C MET D 794 -30.99 -7.25 -4.23
N LYS D 795 -30.18 -8.27 -4.49
CA LYS D 795 -29.38 -8.86 -3.43
C LYS D 795 -28.25 -7.92 -3.00
N GLU D 796 -27.75 -7.09 -3.91
CA GLU D 796 -26.82 -6.05 -3.53
C GLU D 796 -27.48 -4.99 -2.66
N LYS D 797 -28.80 -4.80 -2.84
CA LYS D 797 -29.51 -3.80 -2.07
C LYS D 797 -29.68 -4.23 -0.62
N TRP D 798 -29.96 -5.50 -0.40
CA TRP D 798 -30.39 -5.96 0.92
C TRP D 798 -29.36 -6.81 1.64
N TRP D 799 -28.11 -6.82 1.18
CA TRP D 799 -27.06 -7.46 1.93
C TRP D 799 -25.80 -6.61 2.07
N ARG D 800 -25.58 -5.64 1.19
CA ARG D 800 -24.45 -4.76 1.39
C ARG D 800 -24.76 -3.72 2.46
N GLY D 801 -23.79 -2.85 2.71
CA GLY D 801 -23.94 -1.88 3.77
C GLY D 801 -22.66 -1.14 4.07
N ASN D 802 -22.24 -1.18 5.34
CA ASN D 802 -21.00 -0.53 5.75
C ASN D 802 -19.79 -1.18 5.09
N GLY D 803 -19.82 -2.49 4.95
CA GLY D 803 -18.85 -3.22 4.15
C GLY D 803 -17.61 -3.67 4.91
N CYS D 804 -17.40 -3.14 6.12
CA CYS D 804 -16.18 -3.28 6.93
C CYS D 804 -14.93 -2.95 6.11
N PRO D 805 -14.68 -1.68 5.76
CA PRO D 805 -13.55 -1.37 4.88
C PRO D 805 -12.26 -1.14 5.65
N GLU D 806 -12.25 -1.48 6.94
CA GLU D 806 -11.13 -1.18 7.82
C GLU D 806 -10.00 -2.19 7.75
N GLU D 807 -9.92 -2.97 6.66
CA GLU D 807 -8.74 -3.82 6.41
C GLU D 807 -7.71 -3.05 5.59
N GLU D 808 -7.44 -1.83 6.04
CA GLU D 808 -6.52 -0.89 5.41
C GLU D 808 -5.96 0.00 6.50
N SER D 809 -5.06 0.91 6.08
CA SER D 809 -4.59 2.10 6.76
C SER D 809 -3.67 1.83 7.96
N LYS D 810 -3.60 0.57 8.41
CA LYS D 810 -2.49 -0.07 9.14
C LYS D 810 -1.95 0.79 10.28
N GLU D 811 -2.79 0.93 11.32
CA GLU D 811 -2.64 1.85 12.46
C GLU D 811 -1.26 1.89 13.11
N ALA D 812 -0.51 0.78 13.02
CA ALA D 812 0.91 0.68 13.38
C ALA D 812 1.12 1.04 14.86
N SER D 813 0.58 0.18 15.71
CA SER D 813 0.70 0.37 17.14
C SER D 813 2.15 0.20 17.60
N ALA D 814 2.44 0.75 18.77
CA ALA D 814 3.79 0.68 19.30
C ALA D 814 4.10 -0.72 19.80
N LEU D 815 5.37 -1.10 19.71
CA LEU D 815 5.83 -2.37 20.25
C LEU D 815 5.71 -2.39 21.76
N GLY D 816 5.27 -3.51 22.29
CA GLY D 816 5.07 -3.63 23.72
C GLY D 816 5.35 -5.02 24.26
N VAL D 817 4.94 -5.27 25.51
CA VAL D 817 5.23 -6.55 26.15
C VAL D 817 4.43 -7.70 25.55
N GLN D 818 3.41 -7.41 24.74
CA GLN D 818 2.72 -8.47 24.02
C GLN D 818 3.60 -9.05 22.91
N ASN D 819 4.55 -8.27 22.42
CA ASN D 819 5.31 -8.63 21.24
C ASN D 819 6.75 -9.02 21.53
N ILE D 820 7.47 -8.23 22.33
CA ILE D 820 8.88 -8.50 22.57
C ILE D 820 9.12 -8.81 24.04
N GLY D 821 8.13 -9.41 24.70
CA GLY D 821 8.37 -9.87 26.05
C GLY D 821 9.28 -11.07 26.16
N GLY D 822 9.56 -11.74 25.04
CA GLY D 822 10.35 -12.96 25.08
C GLY D 822 11.80 -12.73 25.43
N ILE D 823 12.36 -11.57 25.07
CA ILE D 823 13.76 -11.33 25.39
C ILE D 823 13.98 -11.06 26.86
N PHE D 824 12.97 -10.58 27.58
CA PHE D 824 13.11 -10.46 29.02
C PHE D 824 13.09 -11.83 29.69
N ILE D 825 12.50 -12.83 29.04
CA ILE D 825 12.58 -14.18 29.56
C ILE D 825 13.97 -14.75 29.35
N VAL D 826 14.52 -14.60 28.14
CA VAL D 826 15.84 -15.15 27.87
C VAL D 826 16.95 -14.32 28.48
N LEU D 827 16.66 -13.10 28.92
CA LEU D 827 17.65 -12.36 29.68
C LEU D 827 17.79 -12.95 31.07
N ALA D 828 16.66 -13.17 31.75
CA ALA D 828 16.71 -13.71 33.11
C ALA D 828 17.19 -15.15 33.11
N ALA D 829 16.95 -15.89 32.01
CA ALA D 829 17.44 -17.25 31.91
C ALA D 829 18.95 -17.30 31.82
N GLY D 830 19.56 -16.30 31.18
CA GLY D 830 21.01 -16.27 31.09
C GLY D 830 21.65 -15.95 32.42
N LEU D 831 21.03 -15.08 33.21
CA LEU D 831 21.62 -14.68 34.48
C LEU D 831 21.51 -15.80 35.52
N VAL D 832 20.41 -16.55 35.50
CA VAL D 832 20.30 -17.71 36.36
C VAL D 832 21.30 -18.79 35.93
N LEU D 833 21.51 -18.92 34.61
CA LEU D 833 22.57 -19.78 34.11
C LEU D 833 23.95 -19.28 34.55
N SER D 834 24.10 -17.96 34.68
CA SER D 834 25.41 -17.40 35.05
C SER D 834 25.77 -17.69 36.50
N VAL D 835 24.78 -17.68 37.39
CA VAL D 835 25.08 -17.91 38.80
C VAL D 835 25.48 -19.36 39.04
N PHE D 836 24.89 -20.30 38.27
CA PHE D 836 25.29 -21.69 38.38
C PHE D 836 26.70 -21.91 37.87
N VAL D 837 27.14 -21.11 36.90
CA VAL D 837 28.54 -21.18 36.46
C VAL D 837 29.45 -20.51 37.49
N ALA D 838 28.98 -19.42 38.09
CA ALA D 838 29.81 -18.69 39.05
C ALA D 838 30.04 -19.49 40.32
N VAL D 839 29.05 -20.29 40.73
CA VAL D 839 29.28 -21.22 41.83
C VAL D 839 30.21 -22.34 41.37
N GLY D 840 30.07 -22.77 40.12
CA GLY D 840 30.93 -23.81 39.59
C GLY D 840 32.37 -23.37 39.44
N GLU D 841 32.61 -22.09 39.17
CA GLU D 841 33.98 -21.60 39.13
C GLU D 841 34.54 -21.44 40.54
N PHE D 842 33.69 -21.12 41.52
CA PHE D 842 34.18 -20.93 42.87
C PHE D 842 34.51 -22.28 43.52
N LEU D 843 33.74 -23.31 43.20
CA LEU D 843 34.02 -24.63 43.75
C LEU D 843 35.13 -25.36 43.01
N TYR D 844 35.40 -24.98 41.76
CA TYR D 844 36.50 -25.60 41.03
C TYR D 844 37.83 -25.15 41.58
N LYS D 845 37.92 -23.89 42.01
CA LYS D 845 39.21 -23.36 42.45
C LYS D 845 39.58 -23.91 43.83
N SER D 846 38.60 -24.04 44.72
CA SER D 846 38.87 -24.58 46.05
C SER D 846 39.23 -26.06 46.04
N LYS D 847 38.90 -26.77 44.96
CA LYS D 847 39.43 -28.13 44.80
C LYS D 847 40.93 -28.12 44.57
N LYS D 848 41.42 -27.17 43.77
CA LYS D 848 42.85 -27.02 43.58
C LYS D 848 43.52 -26.25 44.71
N ASN D 849 42.75 -25.50 45.51
CA ASN D 849 43.29 -25.01 46.77
C ASN D 849 43.41 -26.13 47.79
N ALA D 850 42.52 -27.14 47.71
CA ALA D 850 42.68 -28.35 48.50
C ALA D 850 43.78 -29.26 47.95
N GLN D 851 44.19 -29.05 46.69
CA GLN D 851 45.33 -29.76 46.14
C GLN D 851 46.63 -29.27 46.76
N LEU D 852 46.64 -28.06 47.30
CA LEU D 852 47.81 -27.51 47.99
C LEU D 852 47.80 -27.86 49.48
N GLU D 853 47.56 -29.15 49.76
CA GLU D 853 47.69 -29.79 51.09
C GLU D 853 46.87 -29.07 52.17
N LYS D 854 45.59 -28.85 51.86
CA LYS D 854 44.68 -28.21 52.80
C LYS D 854 43.36 -28.98 52.81
N ARG D 855 42.50 -28.63 53.76
CA ARG D 855 41.16 -29.19 53.81
C ARG D 855 40.29 -28.56 52.75
N SER D 856 39.44 -29.37 52.12
CA SER D 856 38.56 -28.85 51.09
C SER D 856 37.43 -28.02 51.70
N PHE D 857 36.98 -28.38 52.90
CA PHE D 857 35.89 -27.64 53.54
C PHE D 857 36.41 -26.39 54.24
N CYS D 858 37.62 -26.45 54.82
CA CYS D 858 38.14 -25.30 55.55
C CYS D 858 38.60 -24.20 54.61
N SER D 859 39.21 -24.56 53.48
CA SER D 859 39.67 -23.56 52.51
C SER D 859 38.52 -22.87 51.79
N ALA D 860 37.31 -23.43 51.84
CA ALA D 860 36.15 -22.74 51.28
C ALA D 860 35.81 -21.52 52.12
N MET D 861 35.75 -21.68 53.45
CA MET D 861 35.45 -20.54 54.31
C MET D 861 36.61 -19.55 54.40
N VAL D 862 37.84 -19.98 54.08
CA VAL D 862 38.96 -19.04 54.00
C VAL D 862 38.77 -18.10 52.82
N GLU D 863 38.39 -18.64 51.67
CA GLU D 863 38.25 -17.80 50.47
C GLU D 863 36.98 -16.97 50.51
N GLU D 864 35.92 -17.48 51.16
CA GLU D 864 34.69 -16.70 51.31
C GLU D 864 34.90 -15.46 52.17
N LEU D 865 35.84 -15.51 53.12
CA LEU D 865 36.20 -14.30 53.84
C LEU D 865 37.01 -13.35 52.97
N ARG D 866 37.69 -13.88 51.95
CA ARG D 866 38.52 -13.02 51.09
C ARG D 866 37.65 -12.23 50.11
N MET D 867 36.53 -12.82 49.67
CA MET D 867 35.54 -12.05 48.93
C MET D 867 34.93 -10.97 49.82
N SER D 868 34.61 -11.32 51.06
CA SER D 868 34.08 -10.38 52.03
C SER D 868 35.17 -9.56 52.70
N LEU D 869 36.43 -9.76 52.35
CA LEU D 869 37.49 -8.89 52.85
C LEU D 869 37.36 -7.49 52.28
N LYS D 870 36.87 -7.38 51.04
CA LYS D 870 36.36 -6.17 50.38
C LYS D 870 37.43 -5.13 50.09
N CYS D 871 38.69 -5.37 50.40
CA CYS D 871 39.76 -4.49 49.98
C CYS D 871 40.30 -4.95 48.64
N GLN D 872 40.77 -3.99 47.85
CA GLN D 872 41.24 -4.26 46.49
C GLN D 872 42.74 -4.59 46.44
N ARG D 873 43.16 -5.53 47.29
CA ARG D 873 44.57 -5.91 47.34
C ARG D 873 44.69 -7.36 47.79
N ARG D 874 45.59 -8.10 47.13
CA ARG D 874 45.95 -9.49 47.43
C ARG D 874 44.77 -10.47 47.54
C1 NAG E . 2.53 -28.51 -14.90
C2 NAG E . 3.94 -28.11 -15.43
C3 NAG E . 5.10 -28.82 -14.69
C4 NAG E . 4.85 -30.30 -14.37
C5 NAG E . 3.38 -30.68 -14.50
C6 NAG E . 3.00 -31.89 -13.70
C7 NAG E . 4.49 -27.40 -17.72
C8 NAG E . 4.50 -27.78 -19.16
N2 NAG E . 4.03 -28.32 -16.86
O3 NAG E . 5.39 -28.13 -13.48
O4 NAG E . 5.72 -31.22 -15.04
O5 NAG E . 2.64 -29.58 -13.97
O6 NAG E . 1.93 -32.60 -14.30
O7 NAG E . 4.88 -26.29 -17.34
C1 NAG E . 5.95 -31.07 -16.46
C2 NAG E . 7.46 -30.82 -16.77
C3 NAG E . 8.30 -32.12 -16.65
C4 NAG E . 7.47 -33.39 -16.74
C5 NAG E . 6.35 -33.22 -17.75
C6 NAG E . 5.57 -34.49 -17.99
C7 NAG E . 8.38 -29.09 -18.28
C8 NAG E . 9.02 -28.45 -17.07
N2 NAG E . 7.66 -30.19 -18.07
O3 NAG E . 9.02 -32.10 -15.43
O4 NAG E . 8.30 -34.49 -17.14
O5 NAG E . 5.42 -32.23 -17.28
O6 NAG E . 6.36 -35.49 -18.58
O7 NAG E . 8.50 -28.60 -19.40
C1 NAG F . 12.31 9.27 -17.84
C2 NAG F . 12.36 8.66 -19.23
C3 NAG F . 13.48 9.30 -20.05
C4 NAG F . 13.37 10.83 -20.03
C5 NAG F . 13.19 11.35 -18.60
C6 NAG F . 12.89 12.82 -18.54
C7 NAG F . 11.56 6.34 -19.34
C8 NAG F . 11.92 4.89 -19.21
N2 NAG F . 12.55 7.21 -19.15
O3 NAG F . 13.41 8.81 -21.38
O4 NAG F . 14.55 11.40 -20.56
O5 NAG F . 12.10 10.67 -17.96
O6 NAG F . 14.01 13.58 -18.95
O7 NAG F . 10.41 6.70 -19.60
C1 NAG F . 14.30 11.93 -21.89
C2 NAG F . 15.36 12.97 -22.20
C3 NAG F . 15.16 13.51 -23.61
C4 NAG F . 15.08 12.39 -24.65
C5 NAG F . 14.07 11.32 -24.20
C6 NAG F . 14.10 10.08 -25.07
C7 NAG F . 16.34 14.84 -20.95
C8 NAG F . 16.10 15.92 -19.93
N2 NAG F . 15.30 14.06 -21.24
O3 NAG F . 16.23 14.38 -23.96
O4 NAG F . 14.61 12.99 -25.85
O5 NAG F . 14.35 10.88 -22.86
O6 NAG F . 13.78 8.92 -24.32
O7 NAG F . 17.44 14.68 -21.48
C1 BMA F . 15.33 12.90 -27.13
C2 BMA F . 16.50 13.99 -27.29
C3 BMA F . 17.57 13.54 -28.36
C4 BMA F . 17.11 12.42 -29.38
C5 BMA F . 16.01 11.46 -28.80
C6 BMA F . 16.24 9.99 -29.14
O2 BMA F . 17.20 14.31 -26.09
O3 BMA F . 18.87 13.15 -27.80
O4 BMA F . 16.64 13.01 -30.59
O5 BMA F . 15.92 11.61 -27.38
O6 BMA F . 15.89 9.82 -30.51
C1 BMA F . 19.92 14.16 -27.89
C2 BMA F . 20.81 13.98 -29.23
C3 BMA F . 21.45 15.33 -29.75
C4 BMA F . 20.76 16.63 -29.26
C5 BMA F . 20.35 16.49 -27.80
C6 BMA F . 19.74 17.76 -27.19
O2 BMA F . 20.14 13.39 -30.34
O3 BMA F . 21.49 15.33 -31.17
O4 BMA F . 21.65 17.72 -29.39
O5 BMA F . 19.37 15.47 -27.78
O6 BMA F . 19.46 18.68 -28.24
C1 NAG G . 7.17 6.01 -22.13
C2 NAG G . 6.44 4.89 -22.94
C3 NAG G . 7.41 3.78 -23.35
C4 NAG G . 8.61 4.37 -24.08
C5 NAG G . 9.32 5.36 -23.17
C6 NAG G . 10.51 6.02 -23.82
C7 NAG G . 4.22 3.86 -22.79
C8 NAG G . 3.17 3.31 -21.88
N2 NAG G . 5.32 4.34 -22.20
O3 NAG G . 6.76 2.84 -24.19
O4 NAG G . 9.49 3.36 -24.57
O5 NAG G . 8.40 6.41 -22.83
O6 NAG G . 10.15 7.24 -24.44
O7 NAG G . 4.09 3.86 -24.01
C1 NAG G . 9.97 2.37 -23.63
C2 NAG G . 9.74 0.92 -24.17
C3 NAG G . 10.73 0.55 -25.30
C4 NAG G . 11.97 1.44 -25.33
C5 NAG G . 12.42 1.79 -23.93
C6 NAG G . 13.68 2.62 -23.89
C7 NAG G . 9.15 -1.24 -23.16
C8 NAG G . 9.31 -2.13 -21.96
N2 NAG G . 9.78 -0.07 -23.10
O3 NAG G . 10.05 0.63 -26.55
O4 NAG G . 13.02 0.78 -26.02
O5 NAG G . 11.40 2.56 -23.25
O6 NAG G . 13.77 3.38 -22.69
O7 NAG G . 8.48 -1.57 -24.13
C1 NAG H . -9.87 28.83 10.86
C2 NAG H . -9.56 28.31 12.30
C3 NAG H . -8.26 28.92 12.90
C4 NAG H . -8.04 30.41 12.60
C5 NAG H . -8.91 30.90 11.46
C6 NAG H . -8.35 32.11 10.76
C7 NAG H . -11.28 27.54 13.88
C8 NAG H . -12.44 27.95 14.73
N2 NAG H . -10.69 28.52 13.19
O3 NAG H . -7.14 28.18 12.45
O4 NAG H . -8.06 31.26 13.74
O5 NAG H . -8.96 29.85 10.50
O6 NAG H . -9.39 32.93 10.24
O7 NAG H . -10.88 26.38 13.82
C1 NAG H . -9.17 31.15 14.66
C2 NAG H . -8.66 30.82 16.11
C3 NAG H . -8.05 32.06 16.81
C4 NAG H . -8.48 33.38 16.20
C5 NAG H . -9.94 33.31 15.77
C6 NAG H . -10.48 34.62 15.26
C7 NAG H . -9.57 29.07 17.61
C8 NAG H . -8.24 28.37 17.50
N2 NAG H . -9.70 30.22 16.92
O3 NAG H . -6.63 31.95 16.78
O4 NAG H . -8.33 34.44 17.15
O5 NAG H . -10.08 32.36 14.69
O6 NAG H . -10.53 35.58 16.31
O7 NAG H . -10.48 28.61 18.28
C1 NAG I . -9.18 -9.51 19.55
C2 NAG I . -10.34 -8.90 20.35
C3 NAG I . -10.46 -9.60 21.70
C4 NAG I . -10.56 -11.11 21.53
C5 NAG I . -9.43 -11.63 20.64
C6 NAG I . -9.54 -13.09 20.30
C7 NAG I . -10.82 -6.55 19.81
C8 NAG I . -10.52 -5.12 20.14
N2 NAG I . -10.15 -7.46 20.53
O3 NAG I . -11.61 -9.09 22.36
O4 NAG I . -10.45 -11.75 22.80
O5 NAG I . -9.41 -10.91 19.39
O6 NAG I . -9.48 -13.88 21.48
O7 NAG I . -11.61 -6.87 18.94
C1 NAG I . -11.73 -12.22 23.28
C2 NAG I . -11.48 -13.32 24.32
C3 NAG I . -12.81 -13.81 24.90
C4 NAG I . -13.68 -12.66 25.39
C5 NAG I . -13.79 -11.56 24.32
C6 NAG I . -14.47 -10.31 24.80
C7 NAG I . -9.99 -15.28 24.41
C8 NAG I . -9.32 -16.36 23.63
N2 NAG I . -10.75 -14.43 23.71
O3 NAG I . -12.56 -14.70 25.98
O4 NAG I . -14.98 -13.20 25.60
O5 NAG I . -12.48 -11.17 23.88
O6 NAG I . -13.90 -9.15 24.22
O7 NAG I . -9.87 -15.19 25.63
C1 BMA I . -15.72 -13.10 26.86
C2 BMA I . -15.38 -14.31 27.88
C3 BMA I . -15.60 -13.87 29.39
C4 BMA I . -16.65 -12.71 29.60
C5 BMA I . -16.67 -11.68 28.42
C6 BMA I . -16.76 -10.24 28.88
O2 BMA I . -14.08 -14.83 27.76
O3 BMA I . -14.38 -13.54 30.09
O4 BMA I . -17.95 -13.24 29.82
O5 BMA I . -15.52 -11.87 27.58
O6 BMA I . -18.12 -9.96 29.18
C1 BMA I . -13.88 -14.57 31.01
C2 BMA I . -14.45 -14.36 32.50
C3 BMA I . -15.00 -15.68 33.18
C4 BMA I . -14.73 -17.04 32.44
C5 BMA I . -13.69 -16.90 31.35
C6 BMA I . -13.49 -18.18 30.55
O2 BMA I . -15.46 -13.37 32.61
O3 BMA I . -16.39 -15.55 33.47
O4 BMA I . -14.32 -18.02 33.38
O5 BMA I . -14.16 -15.88 30.50
O6 BMA I . -14.75 -18.83 30.44
C1 NAG J . -15.32 -5.84 17.52
C2 NAG J . -16.35 -4.68 17.39
C3 NAG J . -16.11 -3.62 18.47
C4 NAG J . -16.10 -4.27 19.85
C5 NAG J . -15.00 -5.33 19.90
C6 NAG J . -14.95 -6.06 21.22
C7 NAG J . -17.42 -3.61 15.47
C8 NAG J . -17.22 -3.01 14.11
N2 NAG J . -16.32 -4.08 16.07
O3 NAG J . -17.15 -2.64 18.41
O4 NAG J . -15.99 -3.31 20.91
O5 NAG J . -15.28 -6.31 18.90
O6 NAG J . -15.50 -7.37 21.10
O7 NAG J . -18.52 -3.67 16.00
C1 NAG J . -14.88 -2.40 20.86
C2 NAG J . -15.39 -0.92 20.97
C3 NAG J . -15.79 -0.54 22.42
C4 NAG J . -15.22 -1.48 23.48
C5 NAG J . -13.79 -1.88 23.10
C6 NAG J . -13.13 -2.73 24.16
C7 NAG J . -14.77 1.18 19.87
C8 NAG J . -13.65 2.04 19.38
N2 NAG J . -14.42 0.02 20.44
O3 NAG J . -17.21 -0.52 22.52
O4 NAG J . -15.20 -0.83 24.74
O5 NAG J . -13.81 -2.66 21.89
O6 NAG J . -12.22 -3.66 23.58
O7 NAG J . -15.95 1.52 19.76
CAG 2J9 K . -27.82 -30.41 -6.22
CAH 2J9 K . -27.66 -30.08 -4.88
CAN 2J9 K . -28.87 -29.83 -5.52
NAO 2J9 K . -30.22 -29.34 -5.48
CAI 2J9 K . -31.35 -30.24 -4.98
NAJ 2J9 K . -32.61 -29.91 -5.64
SAP 2J9 K . -33.00 -28.36 -5.42
OAA 2J9 K . -33.83 -28.26 -3.99
OAB 2J9 K . -33.94 -27.83 -6.66
CAM 2J9 K . -31.65 -27.31 -5.34
CAL 2J9 K . -30.40 -27.82 -5.37
CAE 2J9 K . -29.27 -26.97 -5.31
CAD 2J9 K . -29.46 -25.60 -5.21
CAK 2J9 K . -30.75 -25.08 -5.18
FAC 2J9 K . -30.91 -23.73 -5.08
CAF 2J9 K . -31.84 -25.92 -5.24
N POV L . 21.84 -11.05 -12.80
P POV L . 23.21 -14.11 -9.90
C1 POV L . 25.19 -12.86 -8.68
C2 POV L . 26.33 -12.86 -9.72
C3 POV L . 27.24 -14.07 -9.47
C210 POV L . 31.93 -7.50 -3.69
C310 POV L . 33.17 -10.81 -1.09
C11 POV L . 22.02 -13.46 -12.17
O11 POV L . 23.98 -12.73 -9.40
C211 POV L . 31.76 -7.29 -2.17
C311 POV L . 34.07 -11.10 0.14
C12 POV L . 22.56 -12.33 -13.09
O12 POV L . 23.14 -14.10 -11.56
C212 POV L . 32.80 -6.31 -1.59
C312 POV L . 33.29 -10.86 1.46
C13 POV L . 22.28 -10.58 -11.46
O13 POV L . 21.81 -14.15 -9.31
C213 POV L . 32.59 -6.09 -0.06
C313 POV L . 33.94 -9.74 2.32
C14 POV L . 20.35 -11.03 -12.78
O14 POV L . 24.00 -15.31 -9.43
C214 POV L . 31.38 -5.18 0.25
C314 POV L . 35.48 -9.85 2.40
C15 POV L . 22.26 -10.08 -13.85
C215 POV L . 30.91 -5.34 1.70
C315 POV L . 36.12 -8.48 2.70
C216 POV L . 30.43 -4.03 2.36
C316 POV L . 35.69 -7.39 1.70
C217 POV L . 29.02 -3.59 1.91
C218 POV L . 27.96 -3.73 3.02
C21 POV L . 26.86 -10.77 -10.66
O21 POV L . 27.08 -11.68 -9.61
C22 POV L . 26.32 -9.36 -10.34
O22 POV L . 27.07 -11.08 -11.79
C23 POV L . 26.08 -9.19 -8.81
C24 POV L . 27.24 -8.55 -8.02
C25 POV L . 28.53 -8.24 -8.82
C26 POV L . 29.83 -8.72 -8.11
C27 POV L . 29.75 -8.70 -6.57
C28 POV L . 31.12 -8.36 -5.90
C29 POV L . 30.97 -8.14 -4.39
C31 POV L . 28.11 -15.37 -7.71
O31 POV L . 27.29 -14.30 -8.08
C32 POV L . 28.71 -15.39 -6.30
O32 POV L . 28.32 -16.25 -8.47
C33 POV L . 28.31 -14.14 -5.50
C34 POV L . 29.46 -13.11 -5.42
C35 POV L . 30.73 -13.73 -4.79
C36 POV L . 31.02 -13.15 -3.40
C37 POV L . 31.11 -11.60 -3.44
C38 POV L . 30.81 -10.95 -2.06
C39 POV L . 31.78 -11.48 -0.98
N POV M . 15.04 -27.57 -4.36
P POV M . 19.00 -25.45 -4.65
C1 POV M . 20.77 -23.98 -5.96
C2 POV M . 22.16 -23.75 -5.36
C3 POV M . 23.24 -23.91 -6.45
C210 POV M . 32.62 -25.14 -1.62
C310 POV M . 32.29 -17.94 -4.24
C11 POV M . 17.57 -27.56 -3.85
O11 POV M . 20.33 -25.29 -5.63
C211 POV M . 33.88 -24.27 -1.74
C311 POV M . 33.06 -16.67 -4.68
C12 POV M . 16.19 -26.84 -3.72
O12 POV M . 18.33 -26.95 -4.89
C212 POV M . 35.10 -25.09 -2.21
C312 POV M . 34.30 -16.41 -3.80
C13 POV M . 15.07 -29.00 -3.96
O13 POV M . 19.40 -25.29 -3.21
C213 POV M . 36.18 -24.20 -2.88
C313 POV M . 33.93 -16.42 -2.29
C14 POV M . 13.67 -27.10 -4.06
O14 POV M . 17.99 -24.37 -5.03
C214 POV M . 35.64 -23.46 -4.12
C314 POV M . 35.17 -16.25 -1.39
C15 POV M . 15.19 -27.42 -5.82
C215 POV M . 36.57 -22.30 -4.55
C315 POV M . 35.64 -14.78 -1.32
C216 POV M . 36.74 -21.26 -3.42
C316 POV M . 36.87 -14.61 -0.39
C217 POV M . 38.07 -20.49 -3.52
C218 POV M . 39.28 -21.37 -3.10
C21 POV M . 23.12 -25.77 -4.27
O21 POV M . 22.35 -24.57 -4.22
C22 POV M . 24.40 -25.87 -3.41
O22 POV M . 22.78 -26.70 -4.90
C23 POV M . 25.70 -25.55 -4.20
C24 POV M . 26.39 -26.82 -4.74
C25 POV M . 27.92 -26.85 -4.43
C26 POV M . 28.22 -26.51 -2.95
C27 POV M . 29.21 -25.31 -2.82
C28 POV M . 30.14 -25.45 -1.57
C29 POV M . 31.40 -24.57 -1.69
C31 POV M . 25.26 -22.92 -7.18
O31 POV M . 24.34 -23.08 -6.13
C32 POV M . 26.74 -23.31 -6.95
O32 POV M . 24.91 -22.48 -8.22
C33 POV M . 27.74 -22.23 -7.42
C34 POV M . 28.98 -22.17 -6.51
C35 POV M . 30.19 -21.46 -7.17
C36 POV M . 29.77 -20.19 -7.97
C37 POV M . 29.72 -18.93 -7.07
C38 POV M . 31.08 -18.61 -6.41
C39 POV M . 30.92 -18.08 -4.97
N POV N . 62.94 -7.59 1.89
P POV N . 59.84 -9.12 5.78
C1 POV N . 59.20 -6.65 6.43
C2 POV N . 57.94 -6.30 5.63
C3 POV N . 57.74 -4.78 5.67
C210 POV N . 46.36 -7.65 0.67
C310 POV N . 56.75 4.59 -0.40
C11 POV N . 61.39 -8.46 3.73
O11 POV N . 59.13 -8.02 6.80
C211 POV N . 45.74 -8.72 1.60
C311 POV N . 56.37 4.21 -1.85
C12 POV N . 62.73 -7.74 3.37
O12 POV N . 61.23 -8.45 5.14
C212 POV N . 44.34 -8.31 2.15
C312 POV N . 55.91 5.46 -2.67
C13 POV N . 62.91 -8.95 1.28
O13 POV N . 58.88 -9.48 4.67
C213 POV N . 44.00 -9.02 3.49
C313 POV N . 56.08 5.24 -4.19
C14 POV N . 64.20 -6.97 1.42
O14 POV N . 60.20 -10.37 6.56
C214 POV N . 43.16 -8.14 4.44
C314 POV N . 54.72 5.26 -4.93
C15 POV N . 61.85 -6.75 1.38
C215 POV N . 42.45 -8.95 5.55
C315 POV N . 54.01 6.62 -4.78
C216 POV N . 40.91 -8.95 5.40
C316 POV N . 53.12 6.95 -6.00
C217 POV N . 40.44 -9.70 4.13
C218 POV N . 39.01 -10.28 4.27
C21 POV N . 55.64 -6.92 5.40
O21 POV N . 56.83 -6.95 6.18
C22 POV N . 55.49 -7.86 4.17
O22 POV N . 54.76 -6.17 5.67
C23 POV N . 54.83 -7.16 2.95
C24 POV N . 53.67 -8.01 2.35
C25 POV N . 52.34 -7.21 2.33
C26 POV N . 51.09 -8.12 2.48
C27 POV N . 50.12 -7.96 1.27
C28 POV N . 48.63 -8.13 1.68
C29 POV N . 47.68 -7.38 0.71
C31 POV N . 56.73 -3.32 4.12
O31 POV N . 57.71 -4.31 4.34
C32 POV N . 56.79 -2.03 4.94
O32 POV N . 55.88 -3.48 3.31
C33 POV N . 58.07 -1.20 4.65
C34 POV N . 58.02 0.18 5.34
C35 POV N . 58.69 1.30 4.53
C36 POV N . 58.41 1.24 3.01
C37 POV N . 58.01 2.62 2.44
C38 POV N . 57.49 2.55 0.98
C39 POV N . 57.95 3.76 0.13
C1 CLR O . 20.76 -26.94 2.30
C2 CLR O . 19.82 -27.26 1.14
C3 CLR O . 19.72 -26.08 0.19
C4 CLR O . 21.10 -25.72 -0.35
C5 CLR O . 22.09 -25.51 0.76
C6 CLR O . 22.84 -24.40 0.80
C7 CLR O . 23.94 -24.14 1.78
C8 CLR O . 24.30 -25.40 2.56
C9 CLR O . 23.01 -26.08 3.02
C10 CLR O . 22.18 -26.61 1.82
C11 CLR O . 23.28 -27.12 4.09
C12 CLR O . 23.80 -26.42 5.36
C13 CLR O . 24.86 -25.34 5.18
C14 CLR O . 25.31 -25.17 3.72
C15 CLR O . 26.68 -25.91 3.65
C16 CLR O . 27.04 -26.33 5.08
C17 CLR O . 26.22 -25.31 5.88
C18 CLR O . 24.22 -23.98 5.59
C19 CLR O . 22.83 -27.85 1.18
C20 CLR O . 26.50 -25.36 7.41
C21 CLR O . 25.45 -25.96 8.35
C22 CLR O . 27.00 -24.00 7.94
C23 CLR O . 28.27 -23.47 7.27
C24 CLR O . 29.47 -23.36 8.21
C25 CLR O . 30.35 -24.60 8.35
C26 CLR O . 29.95 -25.54 9.47
C27 CLR O . 31.82 -24.20 8.49
O1 CLR O . 18.85 -26.40 -0.90
C1 NAG P . 6.09 -21.14 -15.09
C2 NAG P . 6.48 -19.68 -15.48
C3 NAG P . 6.23 -19.44 -16.98
C4 NAG P . 6.88 -20.52 -17.83
C5 NAG P . 6.37 -21.89 -17.40
C6 NAG P . 7.01 -23.03 -18.16
C7 NAG P . 6.20 -17.50 -14.39
C8 NAG P . 5.28 -16.64 -13.57
N2 NAG P . 5.74 -18.71 -14.70
O3 NAG P . 6.73 -18.17 -17.36
O4 NAG P . 6.56 -20.30 -19.20
O5 NAG P . 6.69 -22.08 -16.01
O6 NAG P . 7.59 -22.57 -19.37
O7 NAG P . 7.30 -17.11 -14.76
C1 CLR Q . 50.41 15.80 18.32
C2 CLR Q . 50.68 15.05 19.63
C3 CLR Q . 51.92 15.59 20.30
C4 CLR Q . 51.76 17.07 20.57
C5 CLR Q . 51.43 17.84 19.32
C6 CLR Q . 52.12 18.92 18.98
C7 CLR Q . 51.80 19.82 17.82
C8 CLR Q . 50.48 19.50 17.13
C9 CLR Q . 50.25 17.98 17.09
C10 CLR Q . 50.25 17.32 18.50
C11 CLR Q . 49.01 17.62 16.27
C12 CLR Q . 49.06 18.20 14.85
C13 CLR Q . 49.24 19.74 14.85
C14 CLR Q . 50.50 20.03 15.69
C15 CLR Q . 50.74 21.51 15.43
C16 CLR Q . 50.51 21.61 13.92
C17 CLR Q . 49.64 20.39 13.50
C18 CLR Q . 47.99 20.41 15.45
C19 CLR Q . 48.95 17.62 19.27
C20 CLR Q . 48.56 20.78 12.47
C21 CLR Q . 47.94 19.58 11.76
C22 CLR Q . 49.13 21.77 11.43
C23 CLR Q . 48.10 22.56 10.64
C24 CLR Q . 48.01 22.16 9.16
C25 CLR Q . 46.99 22.91 8.34
C26 CLR Q . 47.41 24.34 8.07
C27 CLR Q . 45.63 22.88 8.99
O1 CLR Q . 52.15 14.90 21.53
C1 CLR R . 30.56 10.70 -10.86
C2 CLR R . 29.28 11.41 -11.29
C3 CLR R . 28.90 11.02 -12.70
C4 CLR R . 28.72 9.52 -12.80
C5 CLR R . 29.93 8.76 -12.28
C6 CLR R . 30.48 7.81 -13.01
C7 CLR R . 31.63 6.95 -12.57
C8 CLR R . 31.92 7.08 -11.08
C9 CLR R . 31.84 8.55 -10.65
C10 CLR R . 30.43 9.17 -10.90
C11 CLR R . 32.32 8.74 -9.20
C12 CLR R . 33.68 8.11 -8.92
C13 CLR R . 33.73 6.60 -9.28
C14 CLR R . 33.33 6.53 -10.77
C15 CLR R . 33.68 5.09 -11.17
C16 CLR R . 34.99 4.82 -10.41
C17 CLR R . 35.15 5.94 -9.35
C18 CLR R . 32.71 5.80 -8.43
C19 CLR R . 29.41 8.70 -9.85
C20 CLR R . 35.94 5.46 -8.12
C21 CLR R . 35.72 3.99 -7.75
C22 CLR R . 35.90 6.35 -6.86
C23 CLR R . 36.85 5.95 -5.73
C24 CLR R . 38.32 6.10 -6.10
C25 CLR R . 39.28 6.02 -4.94
C26 CLR R . 40.71 6.15 -5.39
C27 CLR R . 38.95 7.07 -3.90
O1 CLR R . 27.68 11.67 -13.08
N POV S . 42.57 -29.88 33.86
P POV S . 46.45 -30.45 31.72
C1 POV S . 47.11 -28.12 30.67
C2 POV S . 46.08 -27.01 30.40
C3 POV S . 46.84 -25.74 30.02
C210 POV S . 40.73 -28.80 24.45
C310 POV S . 46.25 -27.73 19.50
C11 POV S . 44.30 -31.43 32.93
O11 POV S . 46.45 -29.37 30.47
C211 POV S . 39.95 -29.94 23.76
C311 POV S . 46.37 -28.46 18.14
C12 POV S . 42.88 -30.81 32.72
O12 POV S . 45.00 -31.29 31.70
C212 POV S . 40.52 -30.28 22.35
C312 POV S . 45.27 -29.55 17.96
C13 POV S . 41.34 -29.16 33.46
O13 POV S . 46.57 -29.70 33.03
C213 POV S . 39.88 -29.41 21.23
C313 POV S . 45.34 -30.20 16.55
C14 POV S . 43.56 -28.86 34.26
O14 POV S . 47.60 -31.42 31.57
C214 POV S . 38.56 -30.03 20.70
C314 POV S . 44.19 -31.21 16.31
C15 POV S . 42.31 -30.73 35.04
C215 POV S . 37.79 -29.06 19.77
C315 POV S . 42.88 -30.52 15.89
C216 POV S . 38.71 -28.38 18.72
C316 POV S . 41.79 -30.63 16.97
C217 POV S . 38.47 -28.89 17.29
C218 POV S . 36.97 -28.88 16.91
C21 POV S . 44.48 -25.68 31.62
O21 POV S . 45.31 -26.83 31.56
C22 POV S . 43.21 -25.56 30.75
O22 POV S . 44.76 -24.80 32.38
C23 POV S . 42.99 -24.12 30.22
C24 POV S . 43.03 -24.01 28.66
C25 POV S . 42.53 -25.29 27.94
C26 POV S . 42.04 -25.02 26.49
C27 POV S . 41.18 -26.16 25.89
C28 POV S . 41.51 -27.57 26.49
C29 POV S . 40.71 -28.69 25.79
C31 POV S . 46.58 -24.18 28.23
O31 POV S . 46.74 -25.52 28.63
C32 POV S . 46.71 -23.81 26.75
O32 POV S . 46.35 -23.33 29.04
C33 POV S . 45.66 -24.54 25.88
C34 POV S . 46.14 -25.93 25.38
C35 POV S . 44.96 -26.91 25.15
C36 POV S . 45.35 -28.16 24.35
C37 POV S . 46.20 -27.84 23.10
C38 POV S . 45.74 -28.63 21.85
C39 POV S . 46.76 -28.59 20.69
N1 SPM T . 25.41 -0.42 14.26
C2 SPM T . 26.42 -1.35 14.74
C3 SPM T . 27.66 -0.58 15.15
C4 SPM T . 28.61 -1.47 15.93
N5 SPM T . 29.72 -0.74 16.47
C6 SPM T . 30.69 -1.48 17.24
C7 SPM T . 31.79 -0.60 17.82
C8 SPM T . 32.97 -1.46 18.21
C9 SPM T . 33.93 -0.69 19.10
N10 SPM T . 35.16 -1.41 19.27
C11 SPM T . 35.78 -1.45 20.58
C12 SPM T . 37.27 -1.15 20.48
C13 SPM T . 37.96 -2.16 19.58
N14 SPM T . 39.36 -1.79 19.42
CAG 2J9 U . -22.72 19.12 -21.55
CAH 2J9 U . -22.58 19.25 -20.18
CAN 2J9 U . -23.35 20.15 -20.88
NAO 2J9 U . -24.21 21.32 -20.92
CAI 2J9 U . -25.72 21.16 -20.83
NAJ 2J9 U . -26.41 22.14 -21.64
SAP 2J9 U . -25.82 23.64 -21.53
OAA 2J9 U . -26.94 24.62 -20.82
OAB 2J9 U . -25.48 24.17 -23.05
CAM 2J9 U . -24.37 23.75 -20.61
CAL 2J9 U . -23.66 22.64 -20.36
CAE 2J9 U . -22.46 22.68 -19.61
CAD 2J9 U . -22.03 23.91 -19.12
CAK 2J9 U . -22.76 25.05 -19.38
FAC 2J9 U . -22.32 26.26 -18.91
CAF 2J9 U . -23.93 25.00 -20.12
N POV V . 17.67 21.01 -2.06
P POV V . 20.50 18.44 -4.77
C1 POV V . 22.76 19.79 -4.81
C2 POV V . 23.16 20.45 -3.49
C3 POV V . 24.69 20.63 -3.46
C210 POV V . 27.21 17.98 6.05
C310 POV V . 31.34 15.97 4.21
C11 POV V . 18.42 18.84 -3.17
O11 POV V . 22.14 18.57 -4.49
C211 POV V . 26.47 16.90 6.88
C311 POV V . 31.88 15.50 5.59
C12 POV V . 18.37 19.69 -1.86
O12 POV V . 19.73 18.30 -3.29
C212 POV V . 27.26 15.56 6.87
C312 POV V . 31.12 14.26 6.14
C13 POV V . 18.36 21.75 -3.13
O13 POV V . 20.21 17.22 -5.60
C213 POV V . 27.80 15.13 8.26
C313 POV V . 31.75 13.77 7.46
C14 POV V . 17.60 21.94 -0.90
O14 POV V . 20.00 19.68 -5.49
C214 POV V . 26.67 14.73 9.23
C314 POV V . 31.65 14.86 8.56
C15 POV V . 16.27 20.71 -2.43
C215 POV V . 27.12 13.57 10.16
C315 POV V . 31.93 14.28 9.96
C216 POV V . 25.92 12.70 10.59
C316 POV V . 33.27 13.54 10.00
C217 POV V . 25.85 11.37 9.82
C218 POV V . 24.62 10.53 10.22
C21 POV V . 21.92 20.18 -1.48
O21 POV V . 22.78 19.60 -2.44
C22 POV V . 21.68 19.47 -0.13
O22 POV V . 21.37 21.21 -1.70
C23 POV V . 20.96 20.36 0.92
C24 POV V . 21.88 20.83 2.07
C25 POV V . 22.78 19.70 2.61
C26 POV V . 24.10 20.24 3.23
C27 POV V . 24.31 19.77 4.70
C28 POV V . 25.08 18.43 4.78
C29 POV V . 26.58 18.68 5.10
C31 POV V . 26.13 19.01 -2.54
O31 POV V . 25.29 19.36 -3.60
C32 POV V . 25.57 18.19 -1.36
O32 POV V . 27.27 19.34 -2.54
C33 POV V . 25.37 19.07 -0.10
C34 POV V . 26.66 19.09 0.76
C35 POV V . 27.23 17.67 0.95
C36 POV V . 28.76 17.64 0.72
C37 POV V . 29.51 17.52 2.07
C38 POV V . 29.25 16.15 2.75
C39 POV V . 29.79 16.12 4.20
N POV W . 26.63 16.04 -12.34
P POV W . 28.18 19.15 -8.56
C1 POV W . 29.40 19.70 -6.27
C2 POV W . 30.75 19.14 -5.78
C3 POV W . 30.98 19.59 -4.33
C210 POV W . 37.03 17.26 -5.25
C310 POV W . 35.96 15.45 7.39
C11 POV W . 27.19 17.30 -10.19
O11 POV W . 28.82 18.70 -7.10
C211 POV W . 37.06 18.65 -5.94
C311 POV W . 36.19 15.67 8.89
C12 POV W . 27.37 17.19 -11.73
O12 POV W . 28.36 17.89 -9.64
C212 POV W . 36.38 19.75 -5.09
C312 POV W . 36.89 14.47 9.58
C13 POV W . 25.19 16.17 -11.98
O13 POV W . 28.91 20.37 -9.07
C213 POV W . 37.12 20.02 -3.76
C313 POV W . 37.06 14.69 11.10
C14 POV W . 26.65 15.89 -13.81
O14 POV W . 26.71 19.47 -8.39
C214 POV W . 38.63 20.27 -3.96
C314 POV W . 38.33 13.99 11.65
C15 POV W . 27.22 14.81 -11.79
C215 POV W . 39.35 20.70 -2.65
C315 POV W . 38.63 14.39 13.11
C216 POV W . 38.97 19.79 -1.45
C316 POV W . 39.26 15.79 13.24
C217 POV W . 38.63 20.60 -0.19
C218 POV W . 37.11 20.91 -0.09
C21 POV W . 32.22 18.74 -7.63
O21 POV W . 31.80 19.61 -6.60
C22 POV W . 33.73 18.55 -7.92
O22 POV W . 31.42 18.15 -8.30
C23 POV W . 34.08 18.73 -9.41
C24 POV W . 34.01 17.43 -10.27
C25 POV W . 33.88 16.12 -9.46
C26 POV W . 35.19 15.29 -9.45
C27 POV W . 35.72 15.03 -8.00
C28 POV W . 36.62 16.20 -7.49
C29 POV W . 36.82 16.14 -5.95
C31 POV W . 31.25 18.73 -2.15
O31 POV W . 31.16 18.45 -3.52
C32 POV W . 32.36 18.07 -1.31
O32 POV W . 30.46 19.45 -1.63
C33 POV W . 32.47 18.69 0.10
C34 POV W . 33.81 18.30 0.77
C35 POV W . 33.68 18.19 2.31
C36 POV W . 34.68 17.18 2.89
C37 POV W . 35.33 17.68 4.21
C38 POV W . 35.93 16.52 5.06
C39 POV W . 35.81 16.77 6.58
CAG 2J9 X . -17.17 31.66 -20.27
CAH 2J9 X . -18.40 31.96 -19.72
CAN 2J9 X . -18.32 31.41 -20.99
NAO 2J9 X . -18.96 30.91 -22.19
CAI 2J9 X . -18.88 31.74 -23.48
NAJ 2J9 X . -20.05 31.53 -24.32
SAP 2J9 X . -20.36 29.97 -24.55
OAA 2J9 X . -19.84 29.54 -26.05
OAB 2J9 X . -21.99 29.73 -24.44
CAM 2J9 X . -19.61 28.90 -23.43
CAL 2J9 X . -18.99 29.40 -22.37
CAE 2J9 X . -18.35 28.54 -21.43
CAD 2J9 X . -18.40 27.18 -21.62
CAK 2J9 X . -19.06 26.66 -22.74
FAC 2J9 X . -19.10 25.32 -22.93
CAF 2J9 X . -19.67 27.51 -23.64
C1 CLR Y . 37.34 6.91 40.97
C2 CLR Y . 38.40 5.83 40.76
C3 CLR Y . 39.27 5.68 41.98
C4 CLR Y . 38.40 5.33 43.19
C5 CLR Y . 37.29 6.33 43.38
C6 CLR Y . 37.09 6.89 44.57
C7 CLR Y . 36.01 7.87 44.89
C8 CLR Y . 34.92 7.94 43.83
C9 CLR Y . 35.55 7.91 42.43
C10 CLR Y . 36.42 6.63 42.17
C11 CLR Y . 34.50 8.14 41.33
C12 CLR Y . 33.68 9.42 41.55
C13 CLR Y . 33.01 9.47 42.93
C14 CLR Y . 34.13 9.25 43.98
C15 CLR Y . 33.44 9.58 45.30
C16 CLR Y . 32.61 10.82 44.94
C17 CLR Y . 32.48 10.85 43.40
C18 CLR Y . 31.92 8.39 43.03
C19 CLR Y . 35.55 5.40 41.87
C20 CLR Y . 31.07 11.33 42.95
C21 CLR Y . 31.02 11.81 41.50
C22 CLR Y . 30.54 12.43 43.88
C23 CLR Y . 29.03 12.59 43.91
C24 CLR Y . 28.53 13.88 43.27
C25 CLR Y . 27.05 14.17 43.44
C26 CLR Y . 26.62 15.43 42.68
C27 CLR Y . 26.17 12.99 43.04
O1 CLR Y . 40.24 4.65 41.78
N POV Z . 52.75 26.39 19.27
P POV Z . 52.71 26.99 23.79
C1 POV Z . 51.93 24.73 24.91
C2 POV Z . 51.26 23.62 24.09
C3 POV Z . 51.20 22.34 24.94
C210 POV Z . 43.77 25.73 22.50
C310 POV Z . 42.30 24.53 29.78
C11 POV Z . 52.89 27.89 21.30
O11 POV Z . 51.52 25.98 24.36
C211 POV Z . 42.76 26.90 22.31
C311 POV Z . 41.17 25.24 30.57
C12 POV Z . 52.01 27.39 20.11
O12 POV Z . 52.10 27.83 22.48
C212 POV Z . 41.89 27.15 23.58
C312 POV Z . 40.57 26.45 29.79
C13 POV Z . 51.74 25.67 18.48
O13 POV Z . 53.91 26.16 23.35
C213 POV Z . 40.56 26.37 23.55
C313 POV Z . 39.43 27.15 30.59
C14 POV Z . 53.57 25.35 19.94
O14 POV Z . 53.13 27.95 24.88
C214 POV Z . 39.49 27.09 22.69
C314 POV Z . 38.70 28.22 29.75
C15 POV Z . 53.66 27.15 18.39
C215 POV Z . 38.22 26.25 22.48
C315 POV Z . 37.61 27.61 28.84
C216 POV Z . 37.71 25.58 23.79
C316 POV Z . 37.99 27.69 27.35
C217 POV Z . 36.39 26.19 24.30
C218 POV Z . 35.33 26.35 23.19
C21 POV Z . 51.55 22.32 22.10
O21 POV Z . 51.99 23.40 22.91
C22 POV Z . 50.19 22.39 21.37
O22 POV Z . 52.24 21.36 21.97
C23 POV Z . 49.52 20.99 21.24
C24 POV Z . 48.27 20.79 22.15
C25 POV Z . 47.50 22.11 22.44
C26 POV Z . 45.97 21.88 22.59
C27 POV Z . 45.20 23.23 22.74
C28 POV Z . 45.58 24.23 21.63
C29 POV Z . 44.57 25.40 21.48
C31 POV Z . 49.62 20.65 25.50
O31 POV Z . 49.84 21.96 25.03
C32 POV Z . 48.43 20.39 26.45
O32 POV Z . 50.34 19.76 25.17
C33 POV Z . 47.20 21.24 26.04
C34 POV Z . 47.06 22.54 26.87
C35 POV Z . 46.93 23.82 26.00
C36 POV Z . 46.04 24.94 26.59
C37 POV Z . 45.29 24.57 27.90
C38 POV Z . 44.02 25.43 28.12
C39 POV Z . 43.55 25.41 29.61
N POV AA . 1.20 10.05 25.50
P POV AA . 4.45 13.10 25.14
C1 POV AA . 6.52 11.90 26.24
C2 POV AA . 6.19 11.70 27.73
C3 POV AA . 6.84 12.84 28.50
C210 POV AA . 14.16 5.78 29.37
C310 POV AA . 17.08 8.87 28.96
C11 POV AA . 1.89 12.46 25.34
O11 POV AA . 5.31 11.73 25.53
C211 POV AA . 15.30 5.52 28.38
C311 POV AA . 18.59 9.17 29.12
C12 POV AA . 1.39 11.33 26.28
O12 POV AA . 3.01 13.06 25.98
C212 POV AA . 16.31 4.46 28.92
C312 POV AA . 19.34 8.92 27.79
C13 POV AA . 2.56 9.56 25.16
O13 POV AA . 4.20 13.12 23.65
C213 POV AA . 17.46 4.21 27.92
C313 POV AA . 20.41 7.81 27.91
C14 POV AA . 0.43 10.08 24.24
O14 POV AA . 5.25 14.31 25.54
C214 POV AA . 16.97 3.58 26.60
C314 POV AA . 21.22 7.86 29.23
C15 POV AA . 0.52 9.10 26.40
C215 POV AA . 18.10 3.57 25.55
C315 POV AA . 21.70 6.47 29.66
C216 POV AA . 18.05 2.35 24.61
C316 POV AA . 20.55 5.44 29.75
C217 POV AA . 17.15 2.61 23.39
C218 POV AA . 17.48 1.70 22.19
C21 POV AA . 5.87 9.41 28.29
O21 POV AA . 6.75 10.51 28.18
C22 POV AA . 5.72 8.39 27.13
O22 POV AA . 5.23 9.26 29.29
C23 POV AA . 6.94 7.45 26.93
C24 POV AA . 8.08 7.61 27.97
C25 POV AA . 8.14 6.54 29.08
C26 POV AA . 9.34 6.82 30.04
C27 POV AA . 10.62 7.21 29.26
C28 POV AA . 11.92 6.70 29.97
C29 POV AA . 13.06 6.45 28.96
C31 POV AA . 8.94 13.92 28.37
O31 POV AA . 8.22 12.73 28.26
C32 POV AA . 10.45 13.90 28.10
O32 POV AA . 8.40 14.94 28.66
C33 POV AA . 10.86 12.66 27.26
C34 POV AA . 11.50 11.56 28.14
C35 POV AA . 12.76 12.10 28.88
C36 POV AA . 14.05 11.43 28.37
C37 POV AA . 13.95 9.89 28.41
C38 POV AA . 15.00 9.21 27.51
C39 POV AA . 16.43 9.70 27.82
N POV BA . 5.70 26.68 15.82
P POV BA . 7.41 24.35 19.24
C1 POV BA . 7.18 22.80 21.38
C2 POV BA . 8.39 22.47 22.27
C3 POV BA . 7.99 22.61 23.75
C210 POV BA . 17.14 23.22 29.23
C310 POV BA . 14.33 16.10 29.88
C11 POV BA . 7.46 26.53 17.71
O11 POV BA . 7.32 24.12 20.89
C211 POV BA . 17.66 22.28 30.34
C311 POV BA . 14.30 14.89 30.84
C12 POV BA . 6.82 25.89 16.45
O12 POV BA . 6.95 25.91 18.88
C212 POV BA . 17.91 23.05 31.66
C312 POV BA . 15.69 14.60 31.46
C13 POV BA . 6.13 28.10 15.68
O13 POV BA . 8.82 24.11 18.78
C213 POV BA . 17.85 22.10 32.89
C313 POV BA . 16.78 14.55 30.37
C14 POV BA . 5.22 26.28 14.48
O14 POV BA . 6.48 23.36 18.56
C214 POV BA . 16.45 21.44 33.06
C314 POV BA . 18.18 14.29 30.97
C15 POV BA . 4.54 26.58 16.72
C215 POV BA . 16.51 20.24 34.02
C315 POV BA . 18.46 12.80 31.18
C216 POV BA . 17.50 19.16 33.52
C316 POV BA . 19.85 12.54 31.79
C217 POV BA . 18.09 18.33 34.69
C218 POV BA . 19.14 19.14 35.49
C21 POV BA . 9.94 24.38 22.62
O21 POV BA . 9.51 23.24 21.88
C22 POV BA . 11.32 24.37 23.32
O22 POV BA . 9.27 25.38 22.66
C23 POV BA . 11.23 24.08 24.83
C24 POV BA . 11.31 25.37 25.70
C25 POV BA . 12.41 25.30 26.78
C26 POV BA . 13.77 24.83 26.22
C27 POV BA . 14.35 23.60 26.98
C28 POV BA . 15.89 23.65 27.10
C29 POV BA . 16.42 22.70 28.21
C31 POV BA . 8.34 21.54 25.82
O31 POV BA . 8.84 21.80 24.53
C32 POV BA . 9.19 21.88 27.07
O32 POV BA . 7.26 21.04 25.95
C33 POV BA . 9.76 20.62 27.77
C34 POV BA . 10.75 21.01 28.91
C35 POV BA . 11.33 19.77 29.61
C36 POV BA . 10.23 18.76 30.04
C37 POV BA . 10.58 17.31 29.63
C38 POV BA . 11.91 16.83 30.29
C39 POV BA . 12.95 16.38 29.24
N POV CA . 34.98 4.01 52.69
P POV CA . 36.74 5.61 48.06
C1 POV CA . 36.91 3.19 47.01
C2 POV CA . 35.53 2.91 46.40
C3 POV CA . 35.35 1.39 46.26
C210 POV CA . 25.27 5.18 39.25
C310 POV CA . 28.99 -7.60 48.19
C11 POV CA . 35.76 4.89 50.43
O11 POV CA . 37.19 4.57 46.84
C211 POV CA . 25.85 6.18 38.22
C311 POV CA . 27.53 -7.31 48.60
C12 POV CA . 36.12 4.12 51.73
O12 POV CA . 36.85 4.81 49.52
C212 POV CA . 25.60 5.74 36.75
C312 POV CA . 26.67 -8.60 48.71
C13 POV CA . 34.53 5.38 53.03
O13 POV CA . 35.31 6.05 47.84
C213 POV CA . 26.57 6.42 35.76
C313 POV CA . 25.43 -8.41 49.62
C14 POV CA . 35.20 3.33 53.99
O14 POV CA . 37.66 6.81 48.06
C214 POV CA . 26.89 5.54 34.52
C314 POV CA . 24.15 -8.14 48.80
C15 POV CA . 33.89 3.26 52.02
C215 POV CA . 27.59 6.31 33.37
C315 POV CA . 23.82 -9.35 47.88
C216 POV CA . 26.71 6.41 32.10
C316 POV CA . 22.38 -9.88 48.12
C217 POV CA . 25.38 7.16 32.35
C218 POV CA . 24.87 7.89 31.09
C21 POV CA . 34.12 3.58 44.61
O21 POV CA . 35.43 3.52 45.15
C22 POV CA . 33.11 4.61 45.15
O22 POV CA . 33.80 2.82 43.74
C23 POV CA . 31.65 4.07 45.22
C24 POV CA . 30.64 4.97 44.45
C25 POV CA . 29.98 4.23 43.27
C26 POV CA . 29.41 5.20 42.20
C27 POV CA . 27.87 5.07 42.07
C28 POV CA . 27.36 5.43 40.65
C29 POV CA . 25.96 4.84 40.36
C31 POV CA . 33.40 0.08 46.03
O31 POV CA . 34.08 1.05 46.78
C32 POV CA . 34.06 -1.28 45.80
O32 POV CA . 32.33 0.31 45.57
C33 POV CA . 34.21 -2.07 47.14
C34 POV CA . 35.00 -3.39 46.94
C35 POV CA . 34.39 -4.63 47.65
C36 POV CA . 32.92 -4.47 48.11
C37 POV CA . 32.16 -5.82 48.09
C38 POV CA . 30.64 -5.64 48.29
C39 POV CA . 30.01 -6.83 49.07
C1 CLR DA . 14.28 25.51 17.15
C2 CLR DA . 12.82 25.89 16.96
C3 CLR DA . 11.91 24.74 17.36
C4 CLR DA . 12.17 24.34 18.80
C5 CLR DA . 13.63 24.05 19.05
C6 CLR DA . 14.01 22.91 19.63
C7 CLR DA . 15.42 22.58 20.03
C8 CLR DA . 16.31 23.80 19.95
C9 CLR DA . 16.06 24.54 18.64
C10 CLR DA . 14.62 25.13 18.59
C11 CLR DA . 17.15 25.54 18.34
C12 CLR DA . 18.48 24.82 18.10
C13 CLR DA . 18.82 23.66 19.04
C14 CLR DA . 17.82 23.50 20.19
C15 CLR DA . 18.51 24.17 21.41
C16 CLR DA . 19.94 24.53 20.98
C17 CLR DA . 20.14 23.54 19.83
C18 CLR DA . 18.78 22.34 18.23
C19 CLR DA . 14.47 26.35 19.52
C20 CLR DA . 21.59 23.55 19.26
C21 CLR DA . 21.86 24.18 17.89
C22 CLR DA . 22.23 22.15 19.35
C23 CLR DA . 22.32 21.58 20.77
C24 CLR DA . 23.74 21.35 21.27
C25 CLR DA . 24.42 22.52 21.98
C26 CLR DA . 25.20 23.44 21.06
C27 CLR DA . 25.30 22.04 23.12
O1 CLR DA . 10.54 25.11 17.20
C1 NAG EA . -8.59 21.29 13.76
C2 NAG EA . -8.78 19.84 14.28
C3 NAG EA . -10.20 19.64 14.82
C4 NAG EA . -10.57 20.70 15.84
C5 NAG EA . -10.42 22.08 15.20
C6 NAG EA . -10.71 23.22 16.15
C7 NAG EA . -8.06 17.63 13.45
C8 NAG EA . -7.86 16.78 12.23
N2 NAG EA . -8.52 18.87 13.22
O3 NAG EA . -10.32 18.36 15.43
O4 NAG EA . -11.92 20.53 16.26
O5 NAG EA . -9.05 22.24 14.76
O6 NAG EA . -10.84 22.76 17.49
O7 NAG EA . -7.83 17.22 14.58
C1 CLR FA . 41.22 -19.04 32.86
C2 CLR FA . 42.49 -18.33 32.40
C3 CLR FA . 43.71 -18.96 33.06
C4 CLR FA . 43.79 -20.43 32.72
C5 CLR FA . 42.50 -21.15 33.07
C6 CLR FA . 42.54 -22.27 33.78
C7 CLR FA . 41.35 -23.14 34.08
C8 CLR FA . 40.08 -22.72 33.34
C9 CLR FA . 39.99 -21.19 33.27
C10 CLR FA . 41.21 -20.54 32.55
C11 CLR FA . 38.66 -20.73 32.69
C12 CLR FA . 37.45 -21.33 33.43
C13 CLR FA . 37.48 -22.87 33.45
C14 CLR FA . 38.84 -23.27 34.07
C15 CLR FA . 38.69 -24.76 34.30
C16 CLR FA . 37.27 -24.87 34.86
C17 CLR FA . 36.52 -23.58 34.44
C18 CLR FA . 37.33 -23.43 32.03
C19 CLR FA . 41.15 -20.75 31.02
C20 CLR FA . 35.06 -23.87 34.02
C21 CLR FA . 34.18 -22.63 33.95
C22 CLR FA . 34.42 -24.93 34.94
C23 CLR FA . 33.13 -25.57 34.43
C24 CLR FA . 31.90 -25.19 35.25
C25 CLR FA . 30.58 -25.81 34.77
C26 CLR FA . 30.52 -27.28 35.09
C27 CLR FA . 30.38 -25.58 33.29
O1 CLR FA . 44.90 -18.29 32.62
C1 CLR GA . 54.25 -9.99 10.30
C2 CLR GA . 54.70 -8.98 11.36
C3 CLR GA . 56.20 -8.96 11.48
C4 CLR GA . 56.84 -8.62 10.14
C5 CLR GA . 56.35 -9.54 9.04
C6 CLR GA . 57.21 -10.16 8.26
C7 CLR GA . 56.85 -11.00 7.07
C8 CLR GA . 55.38 -10.91 6.70
C9 CLR GA . 54.51 -10.89 7.96
C10 CLR GA . 54.84 -9.69 8.91
C11 CLR GA . 53.02 -10.98 7.63
C12 CLR GA . 52.68 -12.17 6.73
C13 CLR GA . 53.50 -12.19 5.43
C14 CLR GA . 54.98 -12.12 5.84
C15 CLR GA . 55.71 -12.39 4.52
C16 CLR GA . 54.85 -13.48 3.85
C17 CLR GA . 53.50 -13.51 4.61
C18 CLR GA . 53.10 -11.00 4.53
C19 CLR GA . 54.27 -8.36 8.37
C20 CLR GA . 52.32 -13.86 3.70
C21 CLR GA . 51.13 -14.47 4.44
C22 CLR GA . 52.74 -14.78 2.54
C23 CLR GA . 51.58 -15.36 1.72
C24 CLR GA . 51.99 -16.51 0.81
C25 CLR GA . 50.84 -17.32 0.26
C26 CLR GA . 49.99 -17.87 1.38
C27 CLR GA . 49.99 -16.53 -0.72
O1 CLR GA . 56.61 -8.00 12.46
CAG 2J9 HA . -29.94 -17.42 -9.25
CAH 2J9 HA . -31.20 -17.22 -8.68
CAN 2J9 HA . -31.01 -18.26 -9.57
NAO 2J9 HA . -31.53 -19.40 -10.31
CAI 2J9 HA . -32.25 -19.18 -11.63
NAJ 2J9 HA . -33.34 -20.12 -11.80
SAP 2J9 HA . -32.96 -21.65 -11.45
OAA 2J9 HA . -32.92 -22.55 -12.83
OAB 2J9 HA . -34.10 -22.25 -10.43
CAM 2J9 HA . -31.44 -21.84 -10.68
CAL 2J9 HA . -30.83 -20.76 -10.17
CAE 2J9 HA . -29.58 -20.88 -9.52
CAD 2J9 HA . -28.99 -22.12 -9.42
CAK 2J9 HA . -29.63 -23.23 -9.95
FAC 2J9 HA . -29.05 -24.46 -9.85
CAF 2J9 HA . -30.85 -23.10 -10.58
N POV IA . 6.49 -22.01 15.34
P POV IA . 5.78 -19.51 19.25
C1 POV IA . 6.86 -20.99 21.13
C2 POV IA . 8.16 -21.70 20.77
C3 POV IA . 8.96 -21.97 22.04
C210 POV IA . 18.45 -19.67 19.37
C310 POV IA . 19.23 -17.76 23.87
C11 POV IA . 6.02 -19.86 16.63
O11 POV IA . 6.86 -19.74 20.49
C211 POV IA . 18.83 -18.60 18.31
C311 POV IA . 20.69 -17.33 23.60
C12 POV IA . 7.07 -20.72 15.87
O12 POV IA . 6.63 -19.37 17.82
C212 POV IA . 19.25 -17.26 18.98
C312 POV IA . 20.78 -16.11 22.67
C13 POV IA . 5.91 -22.76 16.48
O13 POV IA . 4.98 -18.24 19.49
C213 POV IA . 20.73 -16.87 18.76
C313 POV IA . 22.25 -15.70 22.42
C14 POV IA . 7.39 -22.95 14.65
O14 POV IA . 4.83 -20.69 19.17
C214 POV IA . 21.07 -16.60 17.28
C314 POV IA . 23.07 -16.86 21.81
C15 POV IA . 5.45 -21.63 14.35
C215 POV IA . 21.98 -15.37 17.10
C315 POV IA . 24.48 -16.42 21.38
C216 POV IA . 21.47 -14.44 15.99
C316 POV IA . 25.25 -15.78 22.55
C217 POV IA . 21.93 -12.98 16.20
C218 POV IA . 21.27 -12.02 15.19
C21 POV IA . 9.24 -21.42 18.66
O21 POV IA . 8.91 -20.87 19.92
C22 POV IA . 10.28 -20.71 17.76
O22 POV IA . 8.72 -22.43 18.29
C23 POV IA . 10.75 -21.59 16.58
C24 POV IA . 12.16 -22.18 16.80
C25 POV IA . 13.18 -21.12 17.30
C26 POV IA . 14.36 -21.78 18.08
C27 POV IA . 15.74 -21.34 17.52
C28 POV IA . 16.25 -20.04 18.20
C29 POV IA . 17.28 -20.32 19.32
C31 POV IA . 10.58 -20.46 22.85
O31 POV IA . 9.21 -20.73 22.67
C32 POV IA . 11.31 -19.58 21.82
O32 POV IA . 11.16 -20.88 23.79
C33 POV IA . 12.24 -20.43 20.92
C34 POV IA . 13.64 -20.59 21.54
C35 POV IA . 14.21 -19.24 22.03
C36 POV IA . 14.82 -19.36 23.44
C37 POV IA . 16.36 -19.28 23.39
C38 POV IA . 16.87 -17.90 22.91
C39 POV IA . 18.39 -17.93 22.58
N POV JA . 2.67 -17.24 28.53
P POV JA . 6.52 -20.54 27.78
C1 POV JA . 9.07 -21.25 27.62
C2 POV JA . 10.22 -20.77 28.51
C3 POV JA . 11.55 -21.25 27.93
C210 POV JA . 14.10 -19.16 33.59
C310 POV JA . 24.25 -17.77 26.03
C11 POV JA . 4.74 -18.56 27.87
O11 POV JA . 8.13 -20.20 27.57
C211 POV JA . 13.45 -20.52 33.93
C311 POV JA . 25.69 -18.04 25.54
C12 POV JA . 3.52 -18.43 28.83
O12 POV JA . 5.78 -19.26 28.55
C212 POV JA . 13.75 -21.60 32.86
C312 POV JA . 26.64 -16.85 25.88
C13 POV JA . 2.24 -17.31 27.12
O13 POV JA . 6.38 -21.78 28.64
C213 POV JA . 15.26 -21.97 32.79
C313 POV JA . 27.94 -16.88 25.05
C14 POV JA . 1.42 -17.03 29.32
O14 POV JA . 5.86 -20.78 26.44
C214 POV JA . 15.84 -22.33 34.17
C314 POV JA . 29.19 -16.90 25.94
C15 POV JA . 3.50 -16.04 28.77
C215 POV JA . 17.30 -22.84 34.10
C315 POV JA . 30.48 -17.19 25.13
C216 POV JA . 18.20 -21.94 33.22
C316 POV JA . 31.45 -18.12 25.89
C217 POV JA . 19.07 -22.75 32.24
C218 POV JA . 18.36 -22.98 30.88
C21 POV JA . 9.47 -20.35 30.73
O21 POV JA . 10.06 -21.26 29.82
C22 POV JA . 10.03 -20.23 32.18
O22 POV JA . 8.54 -19.68 30.43
C23 POV JA . 8.94 -20.38 33.26
C24 POV JA . 8.24 -19.05 33.68
C25 POV JA . 8.91 -17.76 33.16
C26 POV JA . 9.67 -17.00 34.29
C27 POV JA . 11.18 -16.80 33.97
C28 POV JA . 12.03 -18.01 34.45
C29 POV JA . 13.46 -18.01 33.83
C31 POV JA . 13.57 -20.41 27.02
O31 POV JA . 12.40 -20.14 27.75
C32 POV JA . 14.90 -19.77 27.46
O32 POV JA . 13.53 -21.12 26.08
C33 POV JA . 16.12 -20.53 26.90
C34 POV JA . 17.40 -20.16 27.68
C35 POV JA . 18.64 -20.12 26.75
C36 POV JA . 19.75 -19.22 27.33
C37 POV JA . 21.16 -19.86 27.21
C38 POV JA . 22.28 -18.80 27.32
C39 POV JA . 23.47 -19.08 26.36
C1 CLR KA . 6.23 -12.12 31.15
C2 CLR KA . 5.15 -12.74 30.26
C3 CLR KA . 3.78 -12.33 30.73
C4 CLR KA . 3.65 -10.83 30.73
C5 CLR KA . 4.75 -10.16 31.52
C6 CLR KA . 4.48 -9.26 32.44
C7 CLR KA . 5.48 -8.49 33.24
C8 CLR KA . 6.89 -8.61 32.67
C9 CLR KA . 7.17 -10.06 32.25
C10 CLR KA . 6.17 -10.58 31.17
C11 CLR KA . 8.64 -10.27 31.84
C12 CLR KA . 9.64 -9.74 32.87
C13 CLR KA . 9.40 -8.25 33.22
C14 CLR KA . 7.94 -8.17 33.70
C15 CLR KA . 7.84 -6.77 34.31
C16 CLR KA . 9.19 -6.59 35.03
C17 CLR KA . 10.12 -7.70 34.50
C18 CLR KA . 9.59 -7.36 31.97
C19 CLR KA . 6.52 -10.03 29.77
C20 CLR KA . 11.61 -7.26 34.53
C21 CLR KA . 11.85 -5.77 34.25
C22 CLR KA . 12.62 -8.12 33.74
C23 CLR KA . 14.09 -7.80 33.97
C24 CLR KA . 14.56 -8.07 35.39
C25 CLR KA . 16.05 -8.05 35.59
C26 CLR KA . 16.43 -8.29 37.03
C27 CLR KA . 16.72 -9.08 34.69
O1 CLR KA . 2.78 -12.90 29.88
#